data_1CJX
#
_entry.id   1CJX
#
_cell.length_a   79.590
_cell.length_b   142.750
_cell.length_c   159.440
_cell.angle_alpha   90.00
_cell.angle_beta   90.00
_cell.angle_gamma   90.00
#
_symmetry.space_group_name_H-M   'P 21 21 21'
#
loop_
_entity.id
_entity.type
_entity.pdbx_description
1 polymer '4-HYDROXYPHENYLPYRUVATE DIOXYGENASE'
2 non-polymer 'FE (II) ION'
3 non-polymer 'ETHYL MERCURY ION'
4 non-polymer 'ACETATE ION'
5 water water
#
_entity_poly.entity_id   1
_entity_poly.type   'polypeptide(L)'
_entity_poly.pdbx_seq_one_letter_code
;ADLYENPMGLMGFEFIEFASPTPGTLEPIFEIMGFTKVATHRSKNVHLYRQGEINLILNNEPNSIASYFAAEHGPSVCGM
AFRVKDSQKAYNRALELGAQPIHIDTGPMELNLPAIKGIGGAPLYLIDRFGEGSSIYDIDFVYLEGVERNPVGAGLKVID
HLTHNVYRGRMVYWANFYEKLFNFREARYFDIKGEYTGLTSKAMSAPDGMIRIPLNEESSKGAGQIEEFLMQFNGEGIQH
VAFLTDDLVKTWDALKKIGMRFMTAPPDTYYEMLEGRLPDHGEPVDQLQARGILLDGSSVEGDKRLLLQIFSETLMGPVF
FEFIQRKGDDGFGEGNFKALFESIERDQVRRGVLATD
;
_entity_poly.pdbx_strand_id   A,B,C,D
#
loop_
_chem_comp.id
_chem_comp.type
_chem_comp.name
_chem_comp.formula
ACT non-polymer 'ACETATE ION' 'C2 H3 O2 -1'
EMC non-polymer 'ETHYL MERCURY ION' 'C2 H5 Hg 1'
FE2 non-polymer 'FE (II) ION' 'Fe 2'
#
# COMPACT_ATOMS: atom_id res chain seq x y z
N TYR A 4 -3.64 -7.63 39.83
CA TYR A 4 -3.64 -6.46 38.90
C TYR A 4 -4.28 -6.83 37.57
N GLU A 5 -5.20 -6.01 37.10
CA GLU A 5 -5.95 -6.24 35.87
C GLU A 5 -5.07 -6.18 34.63
N ASN A 6 -5.33 -7.05 33.65
CA ASN A 6 -4.51 -7.19 32.47
C ASN A 6 -5.34 -7.14 31.19
N PRO A 7 -5.70 -5.93 30.77
CA PRO A 7 -6.59 -5.75 29.64
C PRO A 7 -6.03 -6.09 28.27
N MET A 8 -4.73 -6.15 28.05
CA MET A 8 -4.18 -6.50 26.76
C MET A 8 -3.89 -8.00 26.72
N GLY A 9 -4.04 -8.67 27.86
CA GLY A 9 -3.65 -10.05 28.00
C GLY A 9 -2.15 -10.23 27.82
N LEU A 10 -1.32 -9.41 28.45
CA LEU A 10 0.14 -9.58 28.37
C LEU A 10 0.53 -10.95 28.90
N MET A 11 1.55 -11.57 28.31
CA MET A 11 2.12 -12.83 28.76
C MET A 11 3.65 -12.89 28.68
N GLY A 12 4.37 -11.81 28.96
CA GLY A 12 5.83 -11.80 29.00
C GLY A 12 6.53 -11.25 27.78
N PHE A 13 7.84 -11.08 27.81
CA PHE A 13 8.57 -10.60 26.65
C PHE A 13 8.56 -11.71 25.59
N GLU A 14 8.49 -11.38 24.30
CA GLU A 14 8.65 -12.40 23.27
C GLU A 14 10.04 -12.32 22.65
N PHE A 15 10.57 -11.15 22.29
CA PHE A 15 11.90 -11.07 21.69
C PHE A 15 12.43 -9.64 21.77
N ILE A 16 13.71 -9.43 21.63
CA ILE A 16 14.31 -8.10 21.52
C ILE A 16 15.03 -8.04 20.17
N GLU A 17 15.04 -6.90 19.50
CA GLU A 17 15.67 -6.83 18.16
C GLU A 17 16.80 -5.80 18.14
N PHE A 18 17.89 -6.10 17.44
CA PHE A 18 19.08 -5.27 17.44
C PHE A 18 19.55 -4.93 16.02
N ALA A 19 20.13 -3.75 15.88
CA ALA A 19 20.72 -3.31 14.62
C ALA A 19 22.02 -2.55 14.88
N SER A 20 22.83 -2.41 13.86
CA SER A 20 24.08 -1.65 13.91
C SER A 20 24.41 -1.18 12.49
N PRO A 21 25.06 -0.05 12.37
CA PRO A 21 25.47 0.50 11.08
C PRO A 21 26.71 -0.15 10.50
N THR A 22 27.58 -0.73 11.34
CA THR A 22 28.77 -1.43 10.88
C THR A 22 28.54 -2.94 11.02
N PRO A 23 28.63 -3.65 9.91
CA PRO A 23 28.35 -5.09 9.86
C PRO A 23 29.34 -5.86 10.69
N GLY A 24 29.06 -7.01 11.28
CA GLY A 24 29.97 -7.69 12.18
C GLY A 24 30.31 -7.04 13.51
N THR A 25 29.45 -6.23 14.12
CA THR A 25 29.76 -5.65 15.42
C THR A 25 28.88 -6.34 16.47
N LEU A 26 27.75 -6.89 16.06
CA LEU A 26 26.82 -7.46 17.03
C LEU A 26 27.10 -8.95 17.23
N GLU A 27 27.55 -9.63 16.18
CA GLU A 27 27.74 -11.08 16.30
C GLU A 27 28.63 -11.45 17.48
N PRO A 28 29.82 -10.87 17.60
CA PRO A 28 30.75 -11.13 18.69
C PRO A 28 30.22 -10.72 20.05
N ILE A 29 29.34 -9.73 20.15
CA ILE A 29 28.79 -9.37 21.46
C ILE A 29 27.84 -10.47 21.89
N PHE A 30 26.94 -10.96 21.02
CA PHE A 30 26.06 -12.06 21.34
C PHE A 30 26.88 -13.30 21.74
N GLU A 31 27.95 -13.57 21.00
CA GLU A 31 28.75 -14.78 21.23
C GLU A 31 29.40 -14.79 22.59
N ILE A 32 29.90 -13.66 23.06
CA ILE A 32 30.49 -13.42 24.36
C ILE A 32 29.54 -13.41 25.52
N MET A 33 28.23 -13.35 25.26
CA MET A 33 27.21 -13.42 26.29
C MET A 33 26.57 -14.82 26.34
N GLY A 34 27.05 -15.79 25.58
CA GLY A 34 26.49 -17.12 25.52
C GLY A 34 25.37 -17.39 24.53
N PHE A 35 25.08 -16.54 23.54
CA PHE A 35 24.05 -16.82 22.55
C PHE A 35 24.58 -17.54 21.34
N THR A 36 23.75 -18.30 20.64
CA THR A 36 24.10 -19.04 19.45
C THR A 36 23.13 -18.68 18.31
N LYS A 37 23.66 -18.54 17.11
CA LYS A 37 22.83 -18.32 15.93
C LYS A 37 22.16 -19.66 15.59
N VAL A 38 20.84 -19.64 15.39
CA VAL A 38 20.06 -20.86 15.18
C VAL A 38 19.19 -20.90 13.96
N ALA A 39 18.92 -19.75 13.33
CA ALA A 39 18.08 -19.70 12.14
C ALA A 39 18.30 -18.41 11.37
N THR A 40 17.94 -18.39 10.11
CA THR A 40 18.01 -17.23 9.24
C THR A 40 16.63 -16.96 8.67
N HIS A 41 16.22 -15.71 8.62
CA HIS A 41 14.86 -15.40 8.14
C HIS A 41 14.67 -15.92 6.72
N ARG A 42 13.46 -16.22 6.27
CA ARG A 42 13.28 -16.80 4.94
C ARG A 42 13.37 -15.84 3.77
N SER A 43 13.32 -14.53 3.91
CA SER A 43 13.50 -13.62 2.80
C SER A 43 14.30 -12.36 3.15
N LYS A 44 14.44 -12.06 4.44
CA LYS A 44 15.20 -10.89 4.85
C LYS A 44 16.57 -11.24 5.41
N ASN A 45 17.42 -10.20 5.55
CA ASN A 45 18.77 -10.40 6.07
C ASN A 45 18.76 -10.31 7.59
N VAL A 46 17.92 -11.13 8.25
CA VAL A 46 17.77 -11.09 9.69
C VAL A 46 17.95 -12.48 10.29
N HIS A 47 18.68 -12.52 11.40
CA HIS A 47 19.14 -13.75 12.03
C HIS A 47 18.67 -13.95 13.46
N LEU A 48 18.42 -15.21 13.84
CA LEU A 48 17.86 -15.52 15.16
C LEU A 48 18.93 -16.10 16.09
N TYR A 49 19.11 -15.43 17.22
CA TYR A 49 20.12 -15.78 18.21
C TYR A 49 19.39 -16.18 19.49
N ARG A 50 19.77 -17.29 20.10
CA ARG A 50 18.98 -17.83 21.21
C ARG A 50 19.85 -18.38 22.32
N GLN A 51 19.23 -18.36 23.50
CA GLN A 51 19.76 -18.89 24.74
C GLN A 51 18.62 -19.20 25.70
N GLY A 52 18.46 -20.41 26.21
CA GLY A 52 17.29 -20.68 27.08
C GLY A 52 16.01 -20.33 26.31
N GLU A 53 15.08 -19.59 26.89
CA GLU A 53 13.93 -19.08 26.15
C GLU A 53 14.13 -17.65 25.62
N ILE A 54 15.32 -17.08 25.69
CA ILE A 54 15.55 -15.73 25.16
C ILE A 54 15.76 -15.76 23.65
N ASN A 55 15.00 -14.95 22.92
CA ASN A 55 15.14 -14.85 21.48
C ASN A 55 15.64 -13.45 21.13
N LEU A 56 16.82 -13.33 20.57
CA LEU A 56 17.39 -12.05 20.13
C LEU A 56 17.42 -12.07 18.60
N ILE A 57 16.84 -11.05 17.99
CA ILE A 57 16.83 -10.94 16.54
C ILE A 57 17.87 -9.94 16.08
N LEU A 58 18.72 -10.34 15.15
CA LEU A 58 19.75 -9.46 14.59
C LEU A 58 19.24 -9.04 13.22
N ASN A 59 18.92 -7.77 13.09
CA ASN A 59 18.34 -7.28 11.82
C ASN A 59 19.36 -6.47 11.03
N ASN A 60 19.84 -6.97 9.90
CA ASN A 60 20.72 -6.19 9.03
C ASN A 60 19.98 -6.00 7.68
N GLU A 61 18.64 -5.85 7.75
CA GLU A 61 17.90 -5.68 6.50
C GLU A 61 18.17 -4.27 6.01
N PRO A 62 18.62 -4.14 4.77
CA PRO A 62 18.93 -2.83 4.20
C PRO A 62 17.65 -2.06 3.94
N ASN A 63 17.78 -0.76 3.88
CA ASN A 63 16.74 0.21 3.63
C ASN A 63 15.41 -0.06 4.30
N SER A 64 15.49 -0.14 5.62
CA SER A 64 14.34 -0.48 6.43
C SER A 64 14.30 0.37 7.68
N ILE A 65 13.26 0.13 8.48
CA ILE A 65 13.12 0.79 9.76
C ILE A 65 14.37 0.59 10.60
N ALA A 66 14.85 -0.62 10.69
CA ALA A 66 16.03 -0.96 11.50
C ALA A 66 17.32 -0.37 10.94
N SER A 67 17.48 -0.23 9.63
CA SER A 67 18.73 0.38 9.15
C SER A 67 18.72 1.90 9.41
N TYR A 68 17.56 2.54 9.41
CA TYR A 68 17.51 3.98 9.65
C TYR A 68 17.74 4.26 11.14
N PHE A 69 17.19 3.40 11.97
CA PHE A 69 17.38 3.46 13.41
C PHE A 69 18.84 3.28 13.81
N ALA A 70 19.60 2.35 13.22
CA ALA A 70 20.99 2.15 13.56
C ALA A 70 21.93 3.23 13.02
N ALA A 71 21.55 3.89 11.92
CA ALA A 71 22.38 4.98 11.42
C ALA A 71 22.34 6.14 12.42
N GLU A 72 21.20 6.29 13.10
CA GLU A 72 21.01 7.30 14.11
C GLU A 72 21.63 6.98 15.47
N HIS A 73 21.43 5.75 15.93
CA HIS A 73 21.84 5.38 17.27
C HIS A 73 23.09 4.56 17.44
N GLY A 74 23.73 4.02 16.41
CA GLY A 74 24.85 3.11 16.63
C GLY A 74 24.28 1.75 17.07
N PRO A 75 25.16 0.79 17.27
CA PRO A 75 24.79 -0.53 17.76
C PRO A 75 23.72 -0.38 18.85
N SER A 76 22.57 -1.04 18.72
CA SER A 76 21.50 -0.82 19.68
C SER A 76 20.36 -1.81 19.72
N VAL A 77 19.41 -1.57 20.63
CA VAL A 77 18.15 -2.27 20.65
C VAL A 77 17.11 -1.49 19.83
N CYS A 78 16.68 -2.00 18.68
CA CYS A 78 15.78 -1.27 17.80
C CYS A 78 14.35 -1.80 17.77
N GLY A 79 14.02 -2.80 18.56
CA GLY A 79 12.72 -3.41 18.54
C GLY A 79 12.50 -4.25 19.79
N MET A 80 11.25 -4.33 20.21
CA MET A 80 10.86 -5.09 21.39
C MET A 80 9.48 -5.72 21.14
N ALA A 81 9.30 -6.99 21.52
CA ALA A 81 8.02 -7.65 21.32
C ALA A 81 7.43 -8.18 22.61
N PHE A 82 6.13 -7.93 22.80
CA PHE A 82 5.45 -8.45 23.98
C PHE A 82 4.53 -9.61 23.61
N ARG A 83 4.42 -10.58 24.51
CA ARG A 83 3.51 -11.70 24.29
C ARG A 83 2.08 -11.32 24.66
N VAL A 84 1.09 -11.49 23.77
CA VAL A 84 -0.30 -11.23 24.10
C VAL A 84 -1.23 -12.39 23.74
N LYS A 85 -2.41 -12.39 24.37
CA LYS A 85 -3.35 -13.49 24.18
C LYS A 85 -4.07 -13.49 22.84
N ASP A 86 -4.47 -12.30 22.39
CA ASP A 86 -5.08 -12.16 21.08
C ASP A 86 -4.61 -10.88 20.40
N SER A 87 -3.77 -11.03 19.38
CA SER A 87 -3.14 -9.89 18.72
C SER A 87 -4.15 -8.91 18.15
N GLN A 88 -5.20 -9.43 17.54
CA GLN A 88 -6.25 -8.59 16.96
C GLN A 88 -6.96 -7.68 17.93
N LYS A 89 -7.38 -8.24 19.05
CA LYS A 89 -7.91 -7.45 20.15
C LYS A 89 -6.91 -6.51 20.80
N ALA A 90 -5.70 -6.94 21.12
CA ALA A 90 -4.75 -6.01 21.73
C ALA A 90 -4.39 -4.89 20.74
N TYR A 91 -4.29 -5.24 19.45
CA TYR A 91 -3.82 -4.23 18.50
C TYR A 91 -4.85 -3.14 18.29
N ASN A 92 -6.10 -3.62 18.16
CA ASN A 92 -7.26 -2.75 18.08
C ASN A 92 -7.51 -1.94 19.34
N ARG A 93 -7.26 -2.46 20.54
CA ARG A 93 -7.41 -1.65 21.75
C ARG A 93 -6.29 -0.61 21.81
N ALA A 94 -5.06 -0.90 21.37
CA ALA A 94 -4.00 0.10 21.38
C ALA A 94 -4.38 1.31 20.53
N LEU A 95 -4.90 0.96 19.34
CA LEU A 95 -5.24 1.97 18.33
C LEU A 95 -6.39 2.85 18.77
N GLU A 96 -7.34 2.30 19.51
CA GLU A 96 -8.39 3.10 20.14
C GLU A 96 -7.84 3.98 21.27
N LEU A 97 -6.84 3.55 22.02
CA LEU A 97 -6.27 4.39 23.07
C LEU A 97 -5.19 5.35 22.60
N GLY A 98 -5.01 5.54 21.30
CA GLY A 98 -4.08 6.50 20.75
C GLY A 98 -2.75 5.99 20.21
N ALA A 99 -2.44 4.71 20.34
CA ALA A 99 -1.16 4.21 19.85
C ALA A 99 -1.01 4.44 18.34
N GLN A 100 0.23 4.63 17.92
CA GLN A 100 0.58 4.87 16.52
C GLN A 100 1.08 3.55 15.93
N PRO A 101 0.37 3.09 14.91
CA PRO A 101 0.71 1.87 14.21
C PRO A 101 1.96 2.00 13.34
N ILE A 102 2.76 0.95 13.28
CA ILE A 102 3.95 0.83 12.46
C ILE A 102 3.78 -0.35 11.50
N HIS A 103 3.87 -0.13 10.20
CA HIS A 103 3.72 -1.22 9.24
C HIS A 103 5.08 -1.84 8.91
N ILE A 104 5.18 -3.16 8.91
CA ILE A 104 6.40 -3.87 8.60
C ILE A 104 6.14 -4.81 7.43
N ASP A 105 6.90 -4.63 6.35
CA ASP A 105 6.76 -5.40 5.14
C ASP A 105 7.08 -6.86 5.34
N THR A 106 6.43 -7.76 4.60
CA THR A 106 6.69 -9.20 4.73
C THR A 106 6.64 -9.87 3.35
N GLY A 107 7.33 -10.99 3.19
CA GLY A 107 7.29 -11.72 1.92
C GLY A 107 6.17 -12.76 1.92
N PRO A 108 6.09 -13.52 0.82
CA PRO A 108 5.10 -14.57 0.68
C PRO A 108 5.16 -15.57 1.83
N MET A 109 3.98 -15.89 2.38
CA MET A 109 3.75 -16.85 3.41
C MET A 109 4.34 -16.47 4.76
N GLU A 110 4.69 -15.21 4.99
CA GLU A 110 5.20 -14.75 6.27
C GLU A 110 4.08 -14.13 7.10
N LEU A 111 4.22 -14.10 8.43
CA LEU A 111 3.21 -13.55 9.30
C LEU A 111 3.13 -12.02 9.24
N ASN A 112 1.88 -11.54 9.39
CA ASN A 112 1.69 -10.09 9.42
C ASN A 112 1.72 -9.58 10.86
N LEU A 113 2.90 -9.40 11.42
CA LEU A 113 3.12 -8.99 12.79
C LEU A 113 2.76 -7.54 13.06
N PRO A 114 1.80 -7.30 13.94
CA PRO A 114 1.36 -5.96 14.30
C PRO A 114 2.23 -5.29 15.33
N ALA A 115 2.42 -3.98 15.19
CA ALA A 115 3.32 -3.23 16.04
C ALA A 115 2.88 -1.79 16.19
N ILE A 116 3.22 -1.20 17.35
CA ILE A 116 3.05 0.23 17.55
C ILE A 116 4.39 0.90 17.85
N LYS A 117 4.46 2.22 17.83
CA LYS A 117 5.69 2.95 18.11
C LYS A 117 6.03 3.01 19.59
N GLY A 118 7.25 2.70 19.99
CA GLY A 118 7.63 2.83 21.40
C GLY A 118 8.88 3.71 21.56
N ILE A 119 9.65 3.47 22.60
CA ILE A 119 10.81 4.25 23.01
C ILE A 119 11.77 4.57 21.89
N GLY A 120 11.92 5.86 21.61
CA GLY A 120 12.75 6.39 20.53
C GLY A 120 12.27 6.02 19.13
N GLY A 121 11.02 5.61 18.91
CA GLY A 121 10.57 5.15 17.62
C GLY A 121 10.69 3.63 17.43
N ALA A 122 11.41 2.94 18.32
CA ALA A 122 11.57 1.50 18.15
C ALA A 122 10.22 0.82 18.28
N PRO A 123 9.87 -0.02 17.30
CA PRO A 123 8.61 -0.73 17.30
C PRO A 123 8.42 -1.62 18.52
N LEU A 124 7.15 -1.72 18.91
CA LEU A 124 6.67 -2.56 20.00
C LEU A 124 5.67 -3.58 19.43
N TYR A 125 6.13 -4.81 19.23
CA TYR A 125 5.30 -5.83 18.63
C TYR A 125 4.34 -6.49 19.63
N LEU A 126 3.25 -6.98 19.05
CA LEU A 126 2.17 -7.61 19.82
C LEU A 126 1.86 -9.01 19.29
N ILE A 127 2.56 -10.00 19.86
CA ILE A 127 2.54 -11.34 19.32
C ILE A 127 1.67 -12.32 20.10
N ASP A 128 0.81 -13.04 19.38
CA ASP A 128 -0.07 -14.02 19.97
C ASP A 128 0.20 -15.45 19.51
N ARG A 129 1.31 -15.68 18.85
CA ARG A 129 1.67 -17.03 18.42
C ARG A 129 3.07 -17.37 18.92
N PHE A 130 3.05 -18.18 19.96
CA PHE A 130 4.26 -18.57 20.68
C PHE A 130 4.05 -20.02 21.15
N GLY A 131 5.02 -20.49 21.93
CA GLY A 131 4.92 -21.85 22.46
C GLY A 131 4.81 -22.88 21.34
N GLU A 132 4.17 -24.05 21.69
CA GLU A 132 4.31 -25.00 20.59
C GLU A 132 3.22 -25.19 19.59
N GLY A 133 3.31 -26.24 18.77
CA GLY A 133 2.63 -26.05 17.45
C GLY A 133 3.70 -25.05 16.87
N SER A 134 3.38 -24.24 15.87
CA SER A 134 4.36 -23.35 15.29
C SER A 134 4.42 -21.95 15.87
N SER A 135 5.59 -21.56 16.36
CA SER A 135 5.87 -20.20 16.82
C SER A 135 5.99 -19.31 15.58
N ILE A 136 6.38 -18.06 15.72
CA ILE A 136 6.68 -17.20 14.59
C ILE A 136 8.01 -17.57 13.91
N TYR A 137 8.94 -18.16 14.64
CA TYR A 137 10.23 -18.57 14.06
C TYR A 137 10.01 -19.80 13.18
N ASP A 138 9.05 -20.64 13.50
CA ASP A 138 8.72 -21.78 12.65
C ASP A 138 8.20 -21.34 11.29
N ILE A 139 7.47 -20.24 11.23
CA ILE A 139 6.87 -19.76 10.00
C ILE A 139 7.71 -18.77 9.26
N ASP A 140 8.39 -17.87 9.95
CA ASP A 140 9.14 -16.81 9.26
C ASP A 140 10.63 -17.08 9.11
N PHE A 141 11.16 -18.11 9.78
CA PHE A 141 12.59 -18.41 9.71
C PHE A 141 12.85 -19.84 9.25
N VAL A 142 14.06 -20.10 8.78
CA VAL A 142 14.51 -21.42 8.35
C VAL A 142 15.65 -21.80 9.31
N TYR A 143 15.48 -22.82 10.14
CA TYR A 143 16.55 -23.22 11.03
C TYR A 143 17.79 -23.72 10.30
N LEU A 144 18.97 -23.50 10.87
CA LEU A 144 20.20 -23.95 10.24
C LEU A 144 20.35 -25.47 10.23
N GLU A 145 20.83 -26.01 9.10
CA GLU A 145 21.02 -27.44 8.92
C GLU A 145 21.81 -28.03 10.09
N GLY A 146 21.14 -28.86 10.87
CA GLY A 146 21.72 -29.60 11.96
C GLY A 146 22.06 -28.92 13.26
N VAL A 147 21.87 -27.62 13.41
CA VAL A 147 22.14 -26.92 14.65
C VAL A 147 21.14 -27.23 15.75
N GLU A 148 21.58 -27.24 17.01
CA GLU A 148 20.64 -27.45 18.12
C GLU A 148 19.72 -26.24 18.26
N ARG A 149 18.43 -26.44 18.12
CA ARG A 149 17.41 -25.41 18.05
C ARG A 149 17.09 -24.75 19.36
N ASN A 150 17.48 -25.34 20.48
CA ASN A 150 17.27 -24.81 21.82
C ASN A 150 18.55 -24.88 22.65
N PRO A 151 19.52 -24.01 22.40
CA PRO A 151 20.78 -24.00 23.12
C PRO A 151 20.68 -23.52 24.54
N VAL A 152 21.53 -24.03 25.41
CA VAL A 152 21.57 -23.62 26.81
C VAL A 152 22.59 -22.52 27.07
N GLY A 153 23.65 -22.45 26.28
CA GLY A 153 24.65 -21.38 26.41
C GLY A 153 25.26 -21.35 27.79
N ALA A 154 25.40 -20.18 28.38
CA ALA A 154 25.90 -19.98 29.73
C ALA A 154 24.83 -20.00 30.81
N GLY A 155 23.60 -20.47 30.52
CA GLY A 155 22.59 -20.49 31.55
C GLY A 155 21.59 -19.36 31.60
N LEU A 156 21.60 -18.37 30.71
CA LEU A 156 20.57 -17.32 30.76
C LEU A 156 19.23 -17.88 30.32
N LYS A 157 18.14 -17.60 31.02
CA LYS A 157 16.86 -18.24 30.78
C LYS A 157 15.79 -17.43 30.04
N VAL A 158 15.41 -16.28 30.60
CA VAL A 158 14.45 -15.36 30.06
C VAL A 158 14.96 -13.92 30.27
N ILE A 159 14.36 -13.01 29.55
CA ILE A 159 14.55 -11.59 29.68
C ILE A 159 13.88 -11.15 30.99
N ASP A 160 14.66 -10.66 31.95
CA ASP A 160 14.08 -10.29 33.24
C ASP A 160 13.39 -8.94 33.18
N HIS A 161 14.15 -7.96 32.74
CA HIS A 161 13.75 -6.56 32.62
C HIS A 161 14.72 -5.87 31.66
N LEU A 162 14.40 -4.64 31.31
CA LEU A 162 15.22 -3.76 30.49
C LEU A 162 14.83 -2.33 30.88
N THR A 163 15.78 -1.39 30.81
CA THR A 163 15.52 -0.01 31.20
C THR A 163 15.26 0.92 30.03
N HIS A 164 14.78 2.12 30.36
CA HIS A 164 14.69 3.19 29.38
C HIS A 164 15.37 4.40 30.05
N ASN A 165 16.38 4.97 29.46
CA ASN A 165 17.00 6.23 29.84
C ASN A 165 16.28 7.35 29.07
N VAL A 166 15.66 8.28 29.79
CA VAL A 166 14.84 9.31 29.17
C VAL A 166 15.36 10.70 29.51
N TYR A 167 14.93 11.68 28.76
CA TYR A 167 15.28 13.08 29.01
C TYR A 167 14.55 13.62 30.24
N ARG A 168 15.08 14.69 30.81
CA ARG A 168 14.48 15.34 31.97
C ARG A 168 13.01 15.68 31.73
N GLY A 169 12.12 15.26 32.60
CA GLY A 169 10.71 15.52 32.42
C GLY A 169 9.96 14.41 31.70
N ARG A 170 10.66 13.47 31.06
CA ARG A 170 9.99 12.38 30.36
C ARG A 170 9.74 11.08 31.11
N MET A 171 10.17 10.93 32.35
CA MET A 171 9.83 9.74 33.15
C MET A 171 8.30 9.66 33.23
N VAL A 172 7.66 10.81 33.46
CA VAL A 172 6.21 10.89 33.58
C VAL A 172 5.56 10.44 32.28
N TYR A 173 6.06 10.95 31.17
CA TYR A 173 5.59 10.59 29.85
C TYR A 173 5.64 9.09 29.57
N TRP A 174 6.80 8.46 29.82
CA TRP A 174 6.86 7.02 29.60
C TRP A 174 6.07 6.24 30.63
N ALA A 175 5.88 6.74 31.86
CA ALA A 175 5.09 6.00 32.83
C ALA A 175 3.64 5.95 32.33
N ASN A 176 3.19 7.10 31.81
CA ASN A 176 1.83 7.23 31.32
C ASN A 176 1.58 6.32 30.13
N PHE A 177 2.55 6.24 29.23
CA PHE A 177 2.44 5.39 28.07
C PHE A 177 2.18 3.94 28.46
N TYR A 178 2.92 3.45 29.46
CA TYR A 178 2.72 2.05 29.85
C TYR A 178 1.48 1.92 30.73
N GLU A 179 1.11 2.91 31.52
CA GLU A 179 -0.05 2.80 32.42
C GLU A 179 -1.31 2.75 31.57
N LYS A 180 -1.41 3.69 30.64
CA LYS A 180 -2.62 3.81 29.82
C LYS A 180 -2.87 2.68 28.84
N LEU A 181 -1.87 2.29 28.05
CA LEU A 181 -2.05 1.23 27.07
C LEU A 181 -2.06 -0.18 27.64
N PHE A 182 -1.24 -0.50 28.64
CA PHE A 182 -1.11 -1.85 29.14
C PHE A 182 -1.47 -2.03 30.61
N ASN A 183 -1.69 -0.94 31.34
CA ASN A 183 -1.93 -0.98 32.78
C ASN A 183 -0.71 -1.41 33.60
N PHE A 184 0.49 -0.91 33.30
CA PHE A 184 1.65 -1.07 34.17
C PHE A 184 1.39 -0.24 35.43
N ARG A 185 2.17 -0.40 36.48
CA ARG A 185 2.03 0.42 37.67
C ARG A 185 3.42 0.78 38.19
N GLU A 186 3.57 1.91 38.85
CA GLU A 186 4.85 2.27 39.45
C GLU A 186 5.04 1.42 40.70
N ALA A 187 5.85 0.37 40.63
CA ALA A 187 6.13 -0.47 41.78
C ALA A 187 7.17 0.08 42.76
N ARG A 188 8.01 1.02 42.36
CA ARG A 188 8.94 1.64 43.31
C ARG A 188 9.66 2.87 42.75
N TYR A 189 10.00 3.82 43.59
CA TYR A 189 10.71 5.03 43.20
C TYR A 189 12.12 5.05 43.76
N PHE A 190 13.13 5.47 43.00
CA PHE A 190 14.49 5.57 43.52
C PHE A 190 15.13 6.94 43.30
N ASP A 191 15.92 7.38 44.28
CA ASP A 191 16.64 8.65 44.20
C ASP A 191 18.08 8.35 44.59
N ILE A 192 18.93 8.08 43.59
CA ILE A 192 20.30 7.61 43.79
C ILE A 192 21.37 8.67 43.72
N LYS A 193 22.26 8.78 44.70
CA LYS A 193 23.29 9.80 44.77
C LYS A 193 24.71 9.24 44.80
N GLY A 194 25.52 9.68 43.83
CA GLY A 194 26.92 9.30 43.78
C GLY A 194 27.75 10.31 44.58
N GLU A 195 29.04 10.39 44.24
CA GLU A 195 29.94 11.29 44.93
C GLU A 195 29.78 12.73 44.44
N TYR A 196 29.61 12.85 43.13
CA TYR A 196 29.44 14.14 42.50
C TYR A 196 28.14 14.27 41.73
N THR A 197 27.46 13.20 41.38
CA THR A 197 26.28 13.25 40.51
C THR A 197 25.16 12.39 41.06
N GLY A 198 24.03 12.26 40.38
CA GLY A 198 22.97 11.37 40.84
C GLY A 198 21.86 11.14 39.81
N LEU A 199 20.90 10.26 40.14
CA LEU A 199 19.77 10.04 39.24
C LEU A 199 18.47 9.70 40.00
N THR A 200 17.39 9.68 39.24
CA THR A 200 16.04 9.39 39.70
C THR A 200 15.40 8.33 38.83
N SER A 201 14.62 7.41 39.41
CA SER A 201 14.06 6.33 38.62
C SER A 201 12.74 5.76 39.10
N LYS A 202 11.89 5.33 38.15
CA LYS A 202 10.63 4.70 38.48
C LYS A 202 10.55 3.26 38.00
N ALA A 203 10.47 2.28 38.90
CA ALA A 203 10.42 0.88 38.42
C ALA A 203 9.00 0.50 38.05
N MET A 204 8.70 0.40 36.76
CA MET A 204 7.38 0.10 36.24
C MET A 204 7.10 -1.38 36.04
N SER A 205 5.97 -1.88 36.51
CA SER A 205 5.62 -3.28 36.44
C SER A 205 4.35 -3.57 35.63
N ALA A 206 4.48 -4.53 34.73
CA ALA A 206 3.34 -4.98 33.96
C ALA A 206 2.49 -5.94 34.79
N PRO A 207 1.19 -5.97 34.49
CA PRO A 207 0.21 -6.78 35.18
C PRO A 207 0.34 -8.28 35.00
N ASP A 208 1.29 -8.75 34.21
CA ASP A 208 1.58 -10.17 34.12
C ASP A 208 2.60 -10.61 35.16
N GLY A 209 3.25 -9.72 35.88
CA GLY A 209 4.30 -10.14 36.81
C GLY A 209 5.56 -10.60 36.10
N MET A 210 5.76 -10.18 34.83
CA MET A 210 6.91 -10.61 34.03
C MET A 210 7.70 -9.47 33.40
N ILE A 211 7.02 -8.56 32.73
CA ILE A 211 7.64 -7.39 32.13
C ILE A 211 7.85 -6.29 33.16
N ARG A 212 9.10 -5.81 33.31
CA ARG A 212 9.42 -4.74 34.25
C ARG A 212 10.33 -3.75 33.50
N ILE A 213 10.07 -2.45 33.60
CA ILE A 213 10.90 -1.47 32.94
C ILE A 213 11.21 -0.24 33.80
N PRO A 214 12.41 -0.21 34.38
CA PRO A 214 12.86 0.92 35.18
C PRO A 214 13.01 2.07 34.20
N LEU A 215 12.63 3.27 34.60
CA LEU A 215 12.74 4.46 33.77
C LEU A 215 13.68 5.42 34.49
N ASN A 216 14.80 5.76 33.85
CA ASN A 216 15.83 6.58 34.46
C ASN A 216 15.98 7.97 33.89
N GLU A 217 16.13 8.98 34.73
CA GLU A 217 16.42 10.33 34.31
C GLU A 217 17.48 10.97 35.20
N GLU A 218 18.28 11.86 34.63
CA GLU A 218 19.36 12.60 35.29
C GLU A 218 18.84 13.47 36.43
N SER A 219 19.65 13.76 37.44
CA SER A 219 19.25 14.67 38.51
C SER A 219 19.35 16.13 38.07
N SER A 220 18.92 17.04 38.94
CA SER A 220 18.97 18.48 38.76
C SER A 220 20.36 19.02 38.50
N LYS A 221 21.39 18.39 39.04
CA LYS A 221 22.79 18.78 38.99
C LYS A 221 23.42 18.56 37.64
N GLY A 222 22.95 17.52 36.97
CA GLY A 222 23.44 17.19 35.63
C GLY A 222 24.86 16.67 35.65
N ALA A 223 25.41 16.45 34.46
CA ALA A 223 26.75 15.95 34.23
C ALA A 223 26.93 14.46 34.53
N GLY A 224 25.91 13.69 34.88
CA GLY A 224 26.15 12.30 35.26
C GLY A 224 26.06 11.32 34.11
N GLN A 225 25.88 10.07 34.49
CA GLN A 225 25.81 8.96 33.57
C GLN A 225 24.58 8.91 32.71
N ILE A 226 23.40 9.37 33.10
CA ILE A 226 22.23 9.27 32.24
C ILE A 226 22.32 10.25 31.08
N GLU A 227 22.77 11.46 31.40
CA GLU A 227 23.02 12.49 30.41
C GLU A 227 24.12 12.06 29.46
N GLU A 228 25.16 11.41 29.95
CA GLU A 228 26.22 10.89 29.09
C GLU A 228 25.67 9.77 28.19
N PHE A 229 24.80 8.87 28.64
CA PHE A 229 24.14 7.94 27.75
C PHE A 229 23.32 8.64 26.68
N LEU A 230 22.53 9.67 27.02
CA LEU A 230 21.66 10.31 26.04
C LEU A 230 22.48 10.93 24.93
N MET A 231 23.62 11.53 25.26
CA MET A 231 24.46 12.15 24.23
C MET A 231 25.10 11.05 23.39
N GLN A 232 25.68 10.05 24.04
CA GLN A 232 26.29 8.95 23.30
C GLN A 232 25.38 8.09 22.45
N PHE A 233 24.10 7.92 22.82
CA PHE A 233 23.13 7.11 22.13
C PHE A 233 22.41 7.93 21.05
N ASN A 234 22.48 9.25 21.23
CA ASN A 234 21.78 10.12 20.27
C ASN A 234 20.27 10.03 20.45
N GLY A 235 19.80 9.96 21.69
CA GLY A 235 18.36 9.93 21.95
C GLY A 235 17.94 9.00 23.07
N GLU A 236 16.66 8.88 23.34
CA GLU A 236 16.18 7.98 24.40
C GLU A 236 16.32 6.54 23.89
N GLY A 237 16.52 5.61 24.80
CA GLY A 237 16.70 4.23 24.36
C GLY A 237 16.85 3.28 25.52
N ILE A 238 17.02 1.99 25.17
CA ILE A 238 17.17 0.95 26.18
C ILE A 238 18.64 0.94 26.61
N GLN A 239 18.93 1.24 27.86
CA GLN A 239 20.28 1.44 28.36
C GLN A 239 20.90 0.11 28.79
N HIS A 240 20.05 -0.76 29.35
CA HIS A 240 20.62 -2.07 29.69
C HIS A 240 19.51 -3.11 29.71
N VAL A 241 19.87 -4.33 29.28
CA VAL A 241 18.89 -5.43 29.21
C VAL A 241 19.37 -6.48 30.20
N ALA A 242 18.47 -7.00 31.03
CA ALA A 242 18.92 -7.96 32.03
C ALA A 242 18.39 -9.37 31.74
N PHE A 243 19.28 -10.35 31.88
CA PHE A 243 18.87 -11.74 31.66
C PHE A 243 18.89 -12.56 32.95
N LEU A 244 17.82 -13.29 33.21
CA LEU A 244 17.69 -14.09 34.41
C LEU A 244 18.49 -15.38 34.32
N THR A 245 19.12 -15.77 35.43
CA THR A 245 19.81 -17.06 35.51
C THR A 245 19.46 -17.71 36.84
N ASP A 246 19.42 -19.02 36.89
CA ASP A 246 19.15 -19.75 38.12
C ASP A 246 20.41 -19.93 38.96
N ASP A 247 21.58 -19.54 38.43
CA ASP A 247 22.80 -19.59 39.21
C ASP A 247 23.83 -18.59 38.72
N LEU A 248 23.94 -17.43 39.37
CA LEU A 248 24.86 -16.39 38.92
C LEU A 248 26.34 -16.68 39.07
N VAL A 249 26.87 -17.33 40.12
CA VAL A 249 28.30 -17.63 40.12
C VAL A 249 28.66 -18.63 39.03
N LYS A 250 27.82 -19.61 38.71
CA LYS A 250 28.11 -20.55 37.64
C LYS A 250 28.03 -19.84 36.30
N THR A 251 27.05 -18.97 36.10
CA THR A 251 26.91 -18.23 34.84
C THR A 251 28.09 -17.26 34.67
N TRP A 252 28.51 -16.63 35.78
CA TRP A 252 29.70 -15.77 35.77
C TRP A 252 30.97 -16.52 35.34
N ASP A 253 31.25 -17.69 35.90
CA ASP A 253 32.38 -18.49 35.40
C ASP A 253 32.20 -18.83 33.92
N ALA A 254 30.99 -19.19 33.46
CA ALA A 254 30.83 -19.59 32.07
C ALA A 254 31.14 -18.40 31.17
N LEU A 255 30.58 -17.25 31.52
CA LEU A 255 30.70 -16.02 30.75
C LEU A 255 32.16 -15.59 30.61
N LYS A 256 32.87 -15.60 31.72
CA LYS A 256 34.29 -15.33 31.79
C LYS A 256 35.17 -16.15 30.86
N LYS A 257 35.01 -17.46 30.82
CA LYS A 257 35.70 -18.33 29.89
C LYS A 257 35.55 -17.76 28.49
N ILE A 258 34.36 -17.42 27.97
CA ILE A 258 34.16 -17.03 26.59
C ILE A 258 34.35 -15.55 26.26
N GLY A 259 35.05 -14.84 27.12
CA GLY A 259 35.47 -13.48 27.06
C GLY A 259 34.72 -12.32 27.69
N MET A 260 33.71 -12.54 28.54
CA MET A 260 32.90 -11.45 29.04
C MET A 260 33.74 -10.47 29.86
N ARG A 261 33.51 -9.18 29.64
CA ARG A 261 34.20 -8.11 30.37
C ARG A 261 33.23 -7.44 31.36
N PHE A 262 33.44 -7.70 32.66
CA PHE A 262 32.55 -7.20 33.70
C PHE A 262 33.03 -5.86 34.25
N MET A 263 32.14 -5.05 34.82
CA MET A 263 32.56 -3.82 35.46
C MET A 263 33.53 -4.08 36.64
N THR A 264 34.22 -3.00 36.98
CA THR A 264 35.13 -2.96 38.10
C THR A 264 34.42 -3.22 39.42
N ALA A 265 34.96 -4.15 40.22
CA ALA A 265 34.32 -4.53 41.47
C ALA A 265 34.30 -3.43 42.52
N PRO A 266 33.34 -3.54 43.44
CA PRO A 266 33.33 -2.67 44.61
C PRO A 266 34.59 -2.93 45.45
N PRO A 267 34.96 -1.94 46.25
CA PRO A 267 36.08 -2.05 47.17
C PRO A 267 35.76 -3.02 48.30
N ASP A 268 36.78 -3.47 49.01
CA ASP A 268 36.68 -4.48 50.04
C ASP A 268 35.74 -4.15 51.18
N THR A 269 35.64 -2.87 51.49
CA THR A 269 34.73 -2.26 52.42
C THR A 269 33.29 -2.68 52.23
N TYR A 270 32.78 -2.72 51.00
CA TYR A 270 31.46 -3.15 50.62
C TYR A 270 31.12 -4.55 51.10
N TYR A 271 32.06 -5.48 50.96
CA TYR A 271 31.86 -6.88 51.32
C TYR A 271 31.94 -7.12 52.81
N GLU A 272 32.67 -6.24 53.49
CA GLU A 272 32.81 -6.22 54.93
C GLU A 272 31.53 -5.79 55.65
N MET A 273 30.75 -4.92 55.04
CA MET A 273 29.53 -4.39 55.59
C MET A 273 28.28 -5.20 55.23
N LEU A 274 28.39 -6.29 54.48
CA LEU A 274 27.24 -7.06 54.04
C LEU A 274 26.45 -7.71 55.16
N GLU A 275 27.11 -8.33 56.13
CA GLU A 275 26.46 -8.96 57.27
C GLU A 275 25.77 -7.93 58.17
N GLY A 276 26.38 -6.77 58.35
CA GLY A 276 25.67 -5.71 59.08
C GLY A 276 24.33 -5.50 58.40
N ARG A 277 24.31 -5.07 57.14
CA ARG A 277 23.13 -4.70 56.40
C ARG A 277 22.09 -5.78 56.12
N LEU A 278 22.51 -7.03 55.96
CA LEU A 278 21.55 -8.10 55.67
C LEU A 278 21.84 -9.29 56.59
N PRO A 279 21.45 -9.16 57.84
CA PRO A 279 21.74 -10.16 58.85
C PRO A 279 21.28 -11.52 58.34
N ASP A 280 22.15 -12.52 58.43
CA ASP A 280 21.74 -13.88 58.08
C ASP A 280 21.41 -14.04 56.60
N HIS A 281 22.10 -13.36 55.68
CA HIS A 281 21.78 -13.51 54.26
C HIS A 281 22.06 -14.93 53.77
N GLY A 282 23.07 -15.60 54.30
CA GLY A 282 23.39 -16.96 53.96
C GLY A 282 24.19 -17.19 52.70
N GLU A 283 24.63 -16.14 52.02
CA GLU A 283 25.36 -16.25 50.77
C GLU A 283 26.86 -16.31 51.03
N PRO A 284 27.54 -17.04 50.16
CA PRO A 284 28.99 -17.21 50.26
C PRO A 284 29.70 -15.92 49.88
N VAL A 285 30.01 -15.07 50.83
CA VAL A 285 30.69 -13.80 50.60
C VAL A 285 32.00 -13.94 49.86
N ASP A 286 32.77 -14.96 50.17
CA ASP A 286 34.02 -15.26 49.50
C ASP A 286 33.82 -15.41 48.00
N GLN A 287 32.79 -16.09 47.53
CA GLN A 287 32.50 -16.24 46.12
C GLN A 287 32.07 -14.95 45.46
N LEU A 288 31.20 -14.18 46.10
CA LEU A 288 30.69 -12.94 45.56
C LEU A 288 31.83 -11.94 45.37
N GLN A 289 32.58 -11.75 46.44
CA GLN A 289 33.67 -10.80 46.51
C GLN A 289 34.79 -11.06 45.51
N ALA A 290 35.14 -12.33 45.26
CA ALA A 290 36.14 -12.54 44.22
C ALA A 290 35.59 -12.28 42.82
N ARG A 291 34.28 -12.28 42.59
CA ARG A 291 33.77 -12.07 41.23
C ARG A 291 33.30 -10.65 41.04
N GLY A 292 33.07 -9.94 42.14
CA GLY A 292 32.49 -8.61 42.13
C GLY A 292 30.97 -8.60 41.99
N ILE A 293 30.26 -9.62 42.47
CA ILE A 293 28.82 -9.68 42.44
C ILE A 293 28.24 -8.78 43.53
N LEU A 294 27.09 -8.18 43.28
CA LEU A 294 26.41 -7.33 44.25
C LEU A 294 25.24 -8.05 44.91
N LEU A 295 25.10 -7.92 46.23
CA LEU A 295 24.06 -8.60 46.97
C LEU A 295 23.11 -7.60 47.60
N ASP A 296 21.81 -7.78 47.47
CA ASP A 296 20.85 -6.86 48.10
C ASP A 296 19.51 -7.53 48.35
N GLY A 297 18.58 -6.84 48.99
CA GLY A 297 17.29 -7.36 49.35
C GLY A 297 16.89 -6.96 50.77
N SER A 298 16.28 -7.88 51.49
CA SER A 298 15.81 -7.63 52.83
C SER A 298 15.85 -8.87 53.71
N SER A 299 16.01 -8.60 54.98
CA SER A 299 16.04 -9.56 56.08
C SER A 299 15.09 -8.99 57.14
N VAL A 300 13.86 -9.44 57.02
CA VAL A 300 12.82 -9.03 57.97
C VAL A 300 12.34 -10.29 58.65
N GLU A 301 12.51 -10.31 59.97
CA GLU A 301 12.05 -11.35 60.87
C GLU A 301 12.22 -12.77 60.35
N GLY A 302 13.39 -13.14 59.84
CA GLY A 302 13.59 -14.48 59.33
C GLY A 302 13.28 -14.59 57.84
N ASP A 303 12.44 -13.73 57.28
CA ASP A 303 12.12 -13.78 55.86
C ASP A 303 13.17 -13.09 55.00
N LYS A 304 13.99 -13.85 54.30
CA LYS A 304 15.04 -13.26 53.47
C LYS A 304 14.66 -13.30 51.99
N ARG A 305 14.63 -12.11 51.38
CA ARG A 305 14.29 -11.98 49.97
C ARG A 305 15.47 -11.27 49.29
N LEU A 306 16.27 -12.06 48.55
CA LEU A 306 17.51 -11.59 47.99
C LEU A 306 17.54 -11.39 46.47
N LEU A 307 18.55 -10.61 46.09
CA LEU A 307 18.81 -10.21 44.71
C LEU A 307 20.31 -10.19 44.42
N LEU A 308 20.77 -10.96 43.45
CA LEU A 308 22.19 -10.94 43.07
C LEU A 308 22.32 -10.37 41.67
N GLN A 309 23.19 -9.37 41.48
CA GLN A 309 23.31 -8.71 40.19
C GLN A 309 24.76 -8.47 39.80
N ILE A 310 25.06 -8.51 38.51
CA ILE A 310 26.36 -8.16 37.98
C ILE A 310 26.19 -7.55 36.59
N PHE A 311 27.06 -6.56 36.31
CA PHE A 311 26.93 -5.79 35.08
C PHE A 311 28.17 -5.86 34.21
N SER A 312 27.98 -6.05 32.91
CA SER A 312 29.08 -6.04 31.97
C SER A 312 29.53 -4.59 31.78
N GLU A 313 30.67 -4.42 31.14
CA GLU A 313 31.12 -3.11 30.70
C GLU A 313 30.15 -2.69 29.58
N THR A 314 30.32 -1.48 29.06
CA THR A 314 29.49 -1.07 27.92
C THR A 314 29.95 -1.87 26.72
N LEU A 315 29.08 -2.50 25.96
CA LEU A 315 29.46 -3.34 24.85
C LEU A 315 28.98 -2.89 23.47
N MET A 316 27.92 -2.11 23.45
CA MET A 316 27.21 -1.66 22.27
C MET A 316 27.02 -0.16 22.46
N GLY A 317 28.08 0.55 22.05
CA GLY A 317 28.03 2.02 22.28
C GLY A 317 27.96 2.15 23.81
N PRO A 318 27.04 2.94 24.32
CA PRO A 318 26.80 3.04 25.75
C PRO A 318 25.90 1.98 26.35
N VAL A 319 25.40 1.02 25.58
CA VAL A 319 24.48 0.03 26.14
C VAL A 319 25.24 -1.07 26.87
N PHE A 320 24.80 -1.47 28.06
CA PHE A 320 25.42 -2.56 28.81
C PHE A 320 24.36 -3.60 29.17
N PHE A 321 24.81 -4.77 29.62
CA PHE A 321 23.96 -5.91 29.93
C PHE A 321 24.11 -6.32 31.39
N GLU A 322 23.08 -6.99 31.90
CA GLU A 322 23.02 -7.43 33.28
C GLU A 322 22.67 -8.90 33.38
N PHE A 323 23.29 -9.57 34.35
CA PHE A 323 23.07 -10.98 34.63
C PHE A 323 22.55 -11.00 36.07
N ILE A 324 21.30 -11.39 36.25
CA ILE A 324 20.67 -11.35 37.57
C ILE A 324 20.16 -12.71 38.01
N GLN A 325 20.19 -12.98 39.30
CA GLN A 325 19.54 -14.12 39.93
C GLN A 325 18.63 -13.60 41.07
N ARG A 326 17.37 -14.05 41.01
CA ARG A 326 16.41 -13.67 42.04
C ARG A 326 16.23 -14.73 43.11
N LYS A 327 16.39 -14.42 44.39
CA LYS A 327 16.14 -15.42 45.43
C LYS A 327 15.03 -14.93 46.37
N GLY A 328 13.82 -14.84 45.85
CA GLY A 328 12.67 -14.43 46.64
C GLY A 328 12.28 -12.98 46.40
N ASP A 329 13.22 -12.14 45.96
CA ASP A 329 12.91 -10.74 45.73
C ASP A 329 12.49 -10.55 44.27
N ASP A 330 11.27 -10.04 44.09
CA ASP A 330 10.78 -9.84 42.72
C ASP A 330 10.99 -8.43 42.19
N GLY A 331 11.49 -7.52 42.99
CA GLY A 331 11.67 -6.14 42.58
C GLY A 331 13.12 -5.79 42.37
N PHE A 332 13.53 -4.60 42.77
CA PHE A 332 14.88 -4.08 42.64
C PHE A 332 15.48 -3.69 43.97
N GLY A 333 16.79 -3.52 44.08
CA GLY A 333 17.42 -3.12 45.33
C GLY A 333 18.14 -1.78 45.26
N GLU A 334 17.99 -0.95 46.28
CA GLU A 334 18.61 0.37 46.29
C GLU A 334 20.12 0.28 46.46
N GLY A 335 20.66 -0.68 47.20
CA GLY A 335 22.09 -0.77 47.45
C GLY A 335 22.84 -1.19 46.20
N ASN A 336 22.23 -2.13 45.46
CA ASN A 336 22.81 -2.55 44.19
C ASN A 336 22.75 -1.42 43.17
N PHE A 337 21.65 -0.68 43.11
CA PHE A 337 21.52 0.47 42.23
C PHE A 337 22.62 1.46 42.58
N LYS A 338 22.91 1.75 43.83
CA LYS A 338 23.93 2.68 44.27
C LYS A 338 25.32 2.23 43.83
N ALA A 339 25.67 0.97 44.10
CA ALA A 339 26.98 0.46 43.72
C ALA A 339 27.17 0.49 42.19
N LEU A 340 26.14 0.15 41.42
CA LEU A 340 26.20 0.23 39.98
C LEU A 340 26.58 1.67 39.61
N PHE A 341 25.76 2.61 40.10
CA PHE A 341 25.93 4.03 39.88
C PHE A 341 27.31 4.51 40.29
N GLU A 342 27.81 4.09 41.46
CA GLU A 342 29.12 4.62 41.90
C GLU A 342 30.21 4.10 40.98
N SER A 343 30.10 2.89 40.52
CA SER A 343 31.06 2.28 39.60
C SER A 343 31.11 2.98 38.25
N ILE A 344 29.96 3.32 37.67
CA ILE A 344 29.92 4.05 36.42
C ILE A 344 30.42 5.48 36.65
N GLU A 345 30.10 6.10 37.79
CA GLU A 345 30.62 7.42 38.12
C GLU A 345 32.15 7.43 38.19
N ARG A 346 32.77 6.43 38.80
CA ARG A 346 34.22 6.34 38.86
C ARG A 346 34.83 6.21 37.46
N ASP A 347 34.14 5.53 36.55
CA ASP A 347 34.61 5.37 35.19
C ASP A 347 34.59 6.72 34.49
N GLN A 348 33.59 7.54 34.75
CA GLN A 348 33.51 8.88 34.20
C GLN A 348 34.70 9.70 34.64
N VAL A 349 35.05 9.63 35.94
CA VAL A 349 36.18 10.34 36.50
C VAL A 349 37.49 9.85 35.88
N ARG A 350 37.62 8.55 35.66
CA ARG A 350 38.77 7.95 35.02
C ARG A 350 38.91 8.40 33.58
N ARG A 351 37.82 8.53 32.81
CA ARG A 351 37.88 8.91 31.41
C ARG A 351 38.10 10.40 31.25
N GLY A 352 38.02 11.19 32.29
CA GLY A 352 38.17 12.62 32.29
C GLY A 352 36.91 13.39 31.92
N VAL A 353 35.71 12.84 31.89
CA VAL A 353 34.53 13.56 31.52
C VAL A 353 33.86 14.18 32.74
N LEU A 354 34.22 13.78 33.94
CA LEU A 354 33.55 14.27 35.15
C LEU A 354 34.50 15.02 36.07
N ALA A 355 34.11 16.24 36.38
CA ALA A 355 34.81 17.19 37.22
C ALA A 355 36.32 17.11 37.02
N THR A 356 36.97 16.31 37.69
N TYR B 4 7.96 -36.83 -15.66
CA TYR B 4 7.63 -35.43 -16.10
C TYR B 4 8.15 -34.42 -15.08
N GLU B 5 9.02 -33.53 -15.51
CA GLU B 5 9.58 -32.46 -14.71
C GLU B 5 8.54 -31.55 -14.06
N ASN B 6 8.87 -31.09 -12.85
CA ASN B 6 8.00 -30.31 -12.01
C ASN B 6 8.73 -29.10 -11.47
N PRO B 7 8.88 -28.05 -12.27
CA PRO B 7 9.62 -26.86 -11.86
C PRO B 7 9.00 -26.05 -10.74
N MET B 8 7.70 -26.09 -10.50
CA MET B 8 7.05 -25.27 -9.52
C MET B 8 6.84 -26.01 -8.20
N GLY B 9 7.26 -27.28 -8.15
CA GLY B 9 7.08 -28.08 -6.97
C GLY B 9 5.60 -28.32 -6.65
N LEU B 10 4.73 -28.46 -7.65
CA LEU B 10 3.33 -28.79 -7.41
C LEU B 10 3.23 -30.05 -6.54
N MET B 11 2.26 -30.01 -5.65
CA MET B 11 1.94 -31.13 -4.77
C MET B 11 0.43 -31.28 -4.60
N GLY B 12 -0.40 -31.14 -5.63
CA GLY B 12 -1.82 -31.39 -5.50
C GLY B 12 -2.69 -30.15 -5.28
N PHE B 13 -4.00 -30.27 -5.28
CA PHE B 13 -4.92 -29.18 -5.02
C PHE B 13 -4.87 -28.83 -3.53
N GLU B 14 -5.01 -27.55 -3.16
CA GLU B 14 -5.04 -27.24 -1.72
C GLU B 14 -6.47 -26.94 -1.30
N PHE B 15 -7.16 -26.07 -2.01
CA PHE B 15 -8.54 -25.72 -1.67
C PHE B 15 -9.25 -25.09 -2.87
N ILE B 16 -10.56 -25.09 -2.90
CA ILE B 16 -11.41 -24.43 -3.88
C ILE B 16 -12.23 -23.36 -3.15
N GLU B 17 -12.40 -22.18 -3.70
CA GLU B 17 -13.15 -21.11 -3.06
C GLU B 17 -14.42 -20.76 -3.83
N PHE B 18 -15.53 -20.50 -3.13
CA PHE B 18 -16.81 -20.20 -3.73
C PHE B 18 -17.41 -18.89 -3.23
N ALA B 19 -18.22 -18.27 -4.07
CA ALA B 19 -18.95 -17.05 -3.74
C ALA B 19 -20.30 -17.00 -4.47
N SER B 20 -21.22 -16.21 -3.96
CA SER B 20 -22.56 -16.05 -4.45
C SER B 20 -23.12 -14.69 -4.04
N PRO B 21 -23.89 -14.07 -4.92
CA PRO B 21 -24.51 -12.78 -4.66
C PRO B 21 -25.77 -12.87 -3.81
N THR B 22 -26.35 -14.04 -3.64
CA THR B 22 -27.49 -14.29 -2.77
C THR B 22 -27.10 -15.06 -1.50
N PRO B 23 -27.33 -14.52 -0.33
CA PRO B 23 -26.94 -15.20 0.91
C PRO B 23 -27.66 -16.52 1.01
N GLY B 24 -27.04 -17.52 1.65
CA GLY B 24 -27.72 -18.77 1.91
C GLY B 24 -27.99 -19.65 0.71
N THR B 25 -27.33 -19.48 -0.42
CA THR B 25 -27.47 -20.36 -1.57
C THR B 25 -26.41 -21.45 -1.63
N LEU B 26 -25.17 -21.22 -1.22
CA LEU B 26 -24.15 -22.26 -1.22
C LEU B 26 -24.24 -23.18 0.00
N GLU B 27 -24.65 -22.73 1.18
CA GLU B 27 -24.64 -23.55 2.37
C GLU B 27 -25.34 -24.87 2.11
N PRO B 28 -26.56 -24.81 1.63
CA PRO B 28 -27.38 -25.99 1.37
C PRO B 28 -26.78 -26.92 0.32
N ILE B 29 -26.16 -26.38 -0.71
CA ILE B 29 -25.47 -27.20 -1.69
C ILE B 29 -24.28 -27.91 -1.06
N PHE B 30 -23.51 -27.32 -0.15
CA PHE B 30 -22.39 -28.06 0.46
C PHE B 30 -22.91 -29.21 1.33
N GLU B 31 -24.00 -28.93 2.04
CA GLU B 31 -24.57 -29.91 2.98
C GLU B 31 -25.20 -31.09 2.27
N ILE B 32 -25.70 -30.87 1.05
CA ILE B 32 -26.29 -31.93 0.22
C ILE B 32 -25.27 -32.81 -0.47
N MET B 33 -24.04 -32.35 -0.58
CA MET B 33 -22.93 -33.14 -1.08
C MET B 33 -22.07 -33.78 0.02
N GLY B 34 -22.43 -33.71 1.29
CA GLY B 34 -21.60 -34.32 2.32
C GLY B 34 -20.61 -33.46 3.08
N PHE B 35 -20.46 -32.18 2.87
CA PHE B 35 -19.56 -31.31 3.59
C PHE B 35 -20.14 -30.74 4.89
N THR B 36 -19.26 -30.37 5.81
CA THR B 36 -19.60 -29.84 7.10
C THR B 36 -18.78 -28.57 7.31
N LYS B 37 -19.38 -27.56 7.90
CA LYS B 37 -18.69 -26.34 8.28
C LYS B 37 -17.90 -26.65 9.56
N VAL B 38 -16.65 -26.28 9.60
CA VAL B 38 -15.70 -26.65 10.64
C VAL B 38 -14.93 -25.51 11.26
N ALA B 39 -14.86 -24.37 10.57
CA ALA B 39 -14.10 -23.23 11.13
C ALA B 39 -14.53 -21.92 10.49
N THR B 40 -14.33 -20.82 11.18
CA THR B 40 -14.65 -19.51 10.64
C THR B 40 -13.35 -18.71 10.66
N HIS B 41 -13.11 -17.97 9.59
CA HIS B 41 -11.91 -17.12 9.49
C HIS B 41 -11.81 -16.18 10.69
N ARG B 42 -10.59 -15.76 11.06
CA ARG B 42 -10.44 -14.93 12.26
C ARG B 42 -10.78 -13.46 12.10
N SER B 43 -10.86 -12.89 10.91
CA SER B 43 -11.23 -11.50 10.77
C SER B 43 -12.21 -11.26 9.63
N LYS B 44 -12.31 -12.21 8.72
CA LYS B 44 -13.17 -12.10 7.55
C LYS B 44 -14.46 -12.91 7.63
N ASN B 45 -15.40 -12.64 6.75
CA ASN B 45 -16.68 -13.34 6.74
C ASN B 45 -16.52 -14.55 5.82
N VAL B 46 -15.57 -15.44 6.17
CA VAL B 46 -15.25 -16.59 5.36
C VAL B 46 -15.15 -17.86 6.21
N HIS B 47 -15.78 -18.91 5.67
CA HIS B 47 -16.06 -20.16 6.35
C HIS B 47 -15.41 -21.37 5.71
N LEU B 48 -14.96 -22.32 6.51
CA LEU B 48 -14.28 -23.52 6.04
C LEU B 48 -15.19 -24.75 6.07
N TYR B 49 -15.37 -25.34 4.88
CA TYR B 49 -16.21 -26.51 4.69
C TYR B 49 -15.31 -27.70 4.37
N ARG B 50 -15.53 -28.86 4.99
CA ARG B 50 -14.58 -29.96 4.79
C ARG B 50 -15.22 -31.34 4.72
N GLN B 51 -14.56 -32.17 3.91
CA GLN B 51 -14.92 -33.57 3.77
C GLN B 51 -13.68 -34.37 3.39
N GLY B 52 -13.28 -35.39 4.15
CA GLY B 52 -12.03 -36.09 3.79
C GLY B 52 -10.90 -35.06 3.81
N GLU B 53 -10.09 -35.02 2.75
CA GLU B 53 -9.02 -34.03 2.65
C GLU B 53 -9.41 -32.84 1.79
N ILE B 54 -10.67 -32.73 1.41
CA ILE B 54 -11.15 -31.62 0.58
C ILE B 54 -11.51 -30.39 1.39
N ASN B 55 -10.89 -29.26 1.10
CA ASN B 55 -11.18 -28.01 1.83
C ASN B 55 -11.92 -27.09 0.86
N LEU B 56 -13.11 -26.65 1.24
CA LEU B 56 -13.89 -25.77 0.39
C LEU B 56 -14.08 -24.46 1.19
N ILE B 57 -13.71 -23.34 0.58
CA ILE B 57 -13.83 -22.08 1.30
C ILE B 57 -15.01 -21.24 0.85
N LEU B 58 -15.94 -20.98 1.75
CA LEU B 58 -17.10 -20.15 1.41
C LEU B 58 -16.68 -18.72 1.72
N ASN B 59 -16.66 -17.88 0.70
CA ASN B 59 -16.26 -16.48 0.94
C ASN B 59 -17.42 -15.51 0.81
N ASN B 60 -17.92 -14.98 1.91
CA ASN B 60 -18.96 -13.95 1.86
C ASN B 60 -18.38 -12.60 2.31
N GLU B 61 -17.11 -12.35 2.04
CA GLU B 61 -16.48 -11.09 2.39
C GLU B 61 -17.04 -9.97 1.52
N PRO B 62 -17.61 -8.95 2.13
CA PRO B 62 -18.11 -7.81 1.37
C PRO B 62 -16.96 -7.01 0.76
N ASN B 63 -17.23 -6.31 -0.34
CA ASN B 63 -16.33 -5.44 -1.06
C ASN B 63 -14.91 -5.94 -1.26
N SER B 64 -14.87 -7.08 -1.94
CA SER B 64 -13.64 -7.81 -2.15
C SER B 64 -13.69 -8.42 -3.53
N ILE B 65 -12.56 -9.02 -3.88
CA ILE B 65 -12.44 -9.75 -5.14
C ILE B 65 -13.59 -10.73 -5.31
N ALA B 66 -13.87 -11.55 -4.31
CA ALA B 66 -14.92 -12.53 -4.32
C ALA B 66 -16.32 -11.95 -4.50
N SER B 67 -16.63 -10.83 -3.85
CA SER B 67 -17.96 -10.24 -3.99
C SER B 67 -18.14 -9.69 -5.40
N TYR B 68 -17.08 -9.08 -5.96
CA TYR B 68 -17.21 -8.56 -7.33
C TYR B 68 -17.35 -9.69 -8.32
N PHE B 69 -16.60 -10.78 -8.09
CA PHE B 69 -16.70 -11.94 -8.96
C PHE B 69 -18.07 -12.61 -8.92
N ALA B 70 -18.72 -12.72 -7.75
CA ALA B 70 -20.04 -13.35 -7.70
C ALA B 70 -21.16 -12.50 -8.30
N ALA B 71 -21.06 -11.16 -8.17
CA ALA B 71 -22.01 -10.25 -8.80
C ALA B 71 -22.08 -10.56 -10.30
N GLU B 72 -20.94 -10.79 -10.91
CA GLU B 72 -20.90 -11.07 -12.33
C GLU B 72 -21.36 -12.47 -12.70
N HIS B 73 -20.85 -13.48 -11.99
CA HIS B 73 -21.08 -14.86 -12.37
C HIS B 73 -22.18 -15.62 -11.68
N GLY B 74 -22.77 -15.15 -10.61
CA GLY B 74 -23.78 -15.97 -9.90
C GLY B 74 -22.96 -16.92 -9.01
N PRO B 75 -23.68 -17.81 -8.36
CA PRO B 75 -23.07 -18.83 -7.50
C PRO B 75 -21.93 -19.44 -8.28
N SER B 76 -20.73 -19.56 -7.73
CA SER B 76 -19.63 -20.10 -8.52
C SER B 76 -18.35 -20.39 -7.76
N VAL B 77 -17.40 -21.00 -8.46
CA VAL B 77 -16.05 -21.19 -7.95
C VAL B 77 -15.26 -19.92 -8.28
N CYS B 78 -14.91 -19.13 -7.28
CA CYS B 78 -14.17 -17.89 -7.49
C CYS B 78 -12.67 -18.01 -7.22
N GLY B 79 -12.14 -19.16 -6.84
CA GLY B 79 -10.72 -19.22 -6.46
C GLY B 79 -10.30 -20.70 -6.48
N MET B 80 -9.01 -20.88 -6.56
CA MET B 80 -8.41 -22.20 -6.60
C MET B 80 -6.98 -22.10 -6.09
N ALA B 81 -6.60 -23.03 -5.22
CA ALA B 81 -5.25 -23.04 -4.67
C ALA B 81 -4.52 -24.36 -4.97
N PHE B 82 -3.24 -24.19 -5.36
CA PHE B 82 -2.38 -25.34 -5.61
C PHE B 82 -1.33 -25.50 -4.52
N ARG B 83 -1.02 -26.72 -4.08
CA ARG B 83 0.04 -26.92 -3.11
C ARG B 83 1.41 -26.87 -3.79
N VAL B 84 2.35 -26.13 -3.18
CA VAL B 84 3.69 -26.04 -3.74
C VAL B 84 4.75 -26.25 -2.66
N LYS B 85 5.97 -26.64 -3.07
CA LYS B 85 7.05 -26.88 -2.13
C LYS B 85 7.61 -25.63 -1.46
N ASP B 86 7.82 -24.58 -2.24
CA ASP B 86 8.31 -23.31 -1.72
C ASP B 86 7.61 -22.12 -2.37
N SER B 87 6.73 -21.45 -1.61
CA SER B 87 5.89 -20.40 -2.20
C SER B 87 6.70 -19.27 -2.79
N GLN B 88 7.79 -18.91 -2.13
CA GLN B 88 8.63 -17.80 -2.60
C GLN B 88 9.31 -18.05 -3.94
N LYS B 89 9.85 -19.25 -4.09
CA LYS B 89 10.36 -19.68 -5.38
C LYS B 89 9.27 -19.81 -6.44
N ALA B 90 8.17 -20.47 -6.12
CA ALA B 90 7.14 -20.67 -7.15
C ALA B 90 6.60 -19.33 -7.61
N TYR B 91 6.34 -18.43 -6.66
CA TYR B 91 5.70 -17.16 -6.94
C TYR B 91 6.59 -16.26 -7.79
N ASN B 92 7.87 -16.26 -7.44
CA ASN B 92 8.88 -15.54 -8.19
C ASN B 92 9.13 -16.10 -9.57
N ARG B 93 9.07 -17.42 -9.76
CA ARG B 93 9.19 -18.00 -11.08
C ARG B 93 7.96 -17.60 -11.92
N ALA B 94 6.76 -17.66 -11.34
CA ALA B 94 5.53 -17.29 -12.05
C ALA B 94 5.66 -15.87 -12.59
N LEU B 95 6.10 -14.96 -11.75
CA LEU B 95 6.23 -13.55 -12.11
C LEU B 95 7.28 -13.25 -13.17
N GLU B 96 8.36 -14.04 -13.18
CA GLU B 96 9.31 -13.97 -14.26
C GLU B 96 8.75 -14.56 -15.56
N LEU B 97 7.80 -15.48 -15.53
CA LEU B 97 7.29 -16.05 -16.78
C LEU B 97 6.06 -15.30 -17.26
N GLY B 98 5.78 -14.13 -16.71
CA GLY B 98 4.65 -13.29 -17.09
C GLY B 98 3.36 -13.36 -16.29
N ALA B 99 3.33 -14.11 -15.18
CA ALA B 99 2.07 -14.23 -14.44
C ALA B 99 1.71 -12.90 -13.80
N GLN B 100 0.44 -12.62 -13.70
CA GLN B 100 -0.03 -11.38 -13.12
C GLN B 100 -0.44 -11.62 -11.67
N PRO B 101 0.21 -10.89 -10.76
CA PRO B 101 -0.01 -10.94 -9.35
C PRO B 101 -1.33 -10.35 -8.89
N ILE B 102 -1.91 -10.96 -7.87
CA ILE B 102 -3.15 -10.54 -7.25
C ILE B 102 -2.88 -10.37 -5.75
N HIS B 103 -3.08 -9.17 -5.26
CA HIS B 103 -2.91 -8.92 -3.83
C HIS B 103 -4.19 -9.16 -3.03
N ILE B 104 -4.05 -9.92 -1.95
CA ILE B 104 -5.18 -10.20 -1.07
C ILE B 104 -4.90 -9.59 0.29
N ASP B 105 -5.76 -8.71 0.79
CA ASP B 105 -5.56 -8.14 2.12
C ASP B 105 -5.67 -9.16 3.23
N THR B 106 -5.02 -8.93 4.37
CA THR B 106 -5.07 -9.83 5.52
C THR B 106 -4.98 -9.03 6.82
N GLY B 107 -5.51 -9.57 7.90
CA GLY B 107 -5.47 -8.91 9.19
C GLY B 107 -4.27 -9.32 10.03
N PRO B 108 -4.19 -8.76 11.25
CA PRO B 108 -3.11 -9.05 12.16
C PRO B 108 -2.85 -10.54 12.32
N MET B 109 -1.59 -10.95 12.23
CA MET B 109 -1.07 -12.28 12.42
C MET B 109 -1.59 -13.30 11.42
N GLU B 110 -2.07 -12.88 10.25
CA GLU B 110 -2.61 -13.78 9.26
C GLU B 110 -1.50 -14.01 8.24
N LEU B 111 -1.58 -15.07 7.46
CA LEU B 111 -0.60 -15.37 6.45
C LEU B 111 -0.72 -14.50 5.21
N ASN B 112 0.46 -14.14 4.66
CA ASN B 112 0.41 -13.40 3.39
C ASN B 112 0.42 -14.35 2.20
N LEU B 113 -0.74 -14.81 1.77
CA LEU B 113 -0.89 -15.79 0.72
C LEU B 113 -0.65 -15.15 -0.64
N PRO B 114 0.31 -15.66 -1.41
CA PRO B 114 0.53 -15.22 -2.77
C PRO B 114 -0.41 -15.93 -3.76
N ALA B 115 -0.82 -15.21 -4.81
CA ALA B 115 -1.72 -15.66 -5.83
C ALA B 115 -1.45 -14.95 -7.14
N ILE B 116 -1.86 -15.57 -8.25
CA ILE B 116 -1.80 -15.00 -9.58
C ILE B 116 -3.21 -15.09 -10.17
N LYS B 117 -3.47 -14.35 -11.25
CA LYS B 117 -4.74 -14.41 -11.94
C LYS B 117 -4.88 -15.69 -12.76
N GLY B 118 -6.01 -16.38 -12.66
CA GLY B 118 -6.29 -17.58 -13.42
C GLY B 118 -7.60 -17.44 -14.20
N ILE B 119 -8.26 -18.56 -14.48
CA ILE B 119 -9.47 -18.62 -15.31
C ILE B 119 -10.53 -17.64 -14.88
N GLY B 120 -10.81 -16.70 -15.80
CA GLY B 120 -11.86 -15.71 -15.64
C GLY B 120 -11.53 -14.68 -14.58
N GLY B 121 -10.26 -14.56 -14.22
CA GLY B 121 -9.86 -13.62 -13.18
C GLY B 121 -9.84 -14.25 -11.80
N ALA B 122 -10.35 -15.46 -11.63
CA ALA B 122 -10.31 -16.11 -10.33
C ALA B 122 -8.84 -16.30 -9.94
N PRO B 123 -8.45 -15.87 -8.74
CA PRO B 123 -7.10 -16.07 -8.23
C PRO B 123 -6.66 -17.52 -8.13
N LEU B 124 -5.39 -17.73 -8.45
CA LEU B 124 -4.70 -19.02 -8.35
C LEU B 124 -3.66 -18.94 -7.24
N TYR B 125 -3.96 -19.55 -6.07
CA TYR B 125 -3.01 -19.41 -4.97
C TYR B 125 -1.92 -20.48 -5.01
N LEU B 126 -0.81 -20.13 -4.37
CA LEU B 126 0.38 -20.97 -4.31
C LEU B 126 0.78 -21.16 -2.85
N ILE B 127 0.29 -22.24 -2.25
CA ILE B 127 0.45 -22.51 -0.81
C ILE B 127 1.52 -23.53 -0.47
N ASP B 128 2.48 -23.16 0.39
CA ASP B 128 3.52 -24.08 0.83
C ASP B 128 3.43 -24.45 2.30
N ARG B 129 2.27 -24.22 2.90
CA ARG B 129 2.08 -24.62 4.29
C ARG B 129 0.83 -25.47 4.45
N PHE B 130 1.08 -26.78 4.53
CA PHE B 130 -0.02 -27.75 4.54
C PHE B 130 0.34 -28.89 5.47
N GLY B 131 -0.57 -29.81 5.74
CA GLY B 131 -0.26 -30.95 6.59
C GLY B 131 0.44 -30.58 7.90
N GLU B 132 1.63 -31.14 8.08
CA GLU B 132 2.56 -31.10 9.19
C GLU B 132 2.46 -29.87 10.08
N GLY B 133 2.53 -29.98 11.39
CA GLY B 133 2.49 -28.79 12.24
C GLY B 133 1.25 -27.93 12.03
N SER B 134 1.36 -26.70 11.54
CA SER B 134 0.23 -25.80 11.37
C SER B 134 -0.15 -25.39 9.95
N SER B 135 -1.30 -25.84 9.48
CA SER B 135 -1.76 -25.49 8.13
C SER B 135 -2.10 -24.02 8.06
N ILE B 136 -2.65 -23.57 6.94
CA ILE B 136 -3.15 -22.21 6.84
C ILE B 136 -4.48 -22.04 7.57
N TYR B 137 -5.23 -23.12 7.74
CA TYR B 137 -6.43 -23.11 8.58
C TYR B 137 -6.12 -22.96 10.06
N ASP B 138 -5.02 -23.54 10.55
CA ASP B 138 -4.63 -23.34 11.95
C ASP B 138 -4.29 -21.88 12.22
N ILE B 139 -3.69 -21.20 11.25
CA ILE B 139 -3.25 -19.83 11.46
C ILE B 139 -4.26 -18.77 11.09
N ASP B 140 -5.06 -18.95 10.07
CA ASP B 140 -6.02 -17.93 9.65
C ASP B 140 -7.42 -18.16 10.16
N PHE B 141 -7.70 -19.37 10.67
CA PHE B 141 -9.10 -19.66 11.02
C PHE B 141 -9.23 -20.07 12.49
N VAL B 142 -10.41 -19.93 13.05
CA VAL B 142 -10.70 -20.42 14.39
C VAL B 142 -11.71 -21.57 14.26
N TYR B 143 -11.35 -22.78 14.66
CA TYR B 143 -12.26 -23.92 14.59
C TYR B 143 -13.45 -23.77 15.55
N LEU B 144 -14.61 -24.23 15.14
CA LEU B 144 -15.82 -24.15 15.93
C LEU B 144 -15.74 -24.99 17.21
N GLU B 145 -16.20 -24.40 18.30
CA GLU B 145 -16.22 -25.05 19.61
C GLU B 145 -16.78 -26.46 19.47
N GLY B 146 -15.97 -27.46 19.75
CA GLY B 146 -16.33 -28.84 19.79
C GLY B 146 -16.65 -29.65 18.57
N VAL B 147 -16.71 -29.08 17.38
CA VAL B 147 -16.99 -29.75 16.13
C VAL B 147 -15.82 -30.62 15.68
N GLU B 148 -16.11 -31.77 15.08
CA GLU B 148 -15.05 -32.66 14.61
C GLU B 148 -14.32 -32.03 13.43
N ARG B 149 -13.03 -31.78 13.61
CA ARG B 149 -12.18 -31.06 12.68
C ARG B 149 -11.90 -31.79 11.39
N ASN B 150 -11.96 -33.11 11.37
CA ASN B 150 -11.80 -33.89 10.15
C ASN B 150 -12.96 -34.84 9.82
N PRO B 151 -14.10 -34.32 9.40
CA PRO B 151 -15.27 -35.13 9.08
C PRO B 151 -15.08 -35.98 7.84
N VAL B 152 -15.77 -37.10 7.84
CA VAL B 152 -15.78 -38.09 6.77
C VAL B 152 -16.93 -37.86 5.80
N GLY B 153 -18.04 -37.23 6.21
CA GLY B 153 -19.15 -36.98 5.28
C GLY B 153 -19.63 -38.22 4.58
N ALA B 154 -19.80 -38.12 3.27
CA ALA B 154 -20.31 -39.20 2.43
C ALA B 154 -19.20 -40.01 1.77
N GLY B 155 -17.94 -39.86 2.20
CA GLY B 155 -16.88 -40.61 1.56
C GLY B 155 -16.05 -39.90 0.51
N LEU B 156 -16.31 -38.66 0.12
CA LEU B 156 -15.41 -37.95 -0.80
C LEU B 156 -14.05 -37.69 -0.15
N LYS B 157 -12.95 -37.89 -0.88
CA LYS B 157 -11.62 -37.87 -0.26
C LYS B 157 -10.76 -36.67 -0.60
N VAL B 158 -10.58 -36.44 -1.90
CA VAL B 158 -9.79 -35.36 -2.45
C VAL B 158 -10.47 -34.85 -3.72
N ILE B 159 -10.06 -33.66 -4.13
CA ILE B 159 -10.49 -33.11 -5.41
C ILE B 159 -9.79 -33.88 -6.52
N ASP B 160 -10.52 -34.55 -7.39
CA ASP B 160 -9.90 -35.34 -8.46
C ASP B 160 -9.47 -34.52 -9.67
N HIS B 161 -10.38 -33.69 -10.14
CA HIS B 161 -10.15 -32.79 -11.26
C HIS B 161 -11.26 -31.73 -11.27
N LEU B 162 -11.13 -30.77 -12.16
CA LEU B 162 -12.11 -29.72 -12.35
C LEU B 162 -11.92 -29.20 -13.77
N THR B 163 -13.03 -28.84 -14.43
CA THR B 163 -12.94 -28.43 -15.83
C THR B 163 -12.94 -26.91 -16.04
N HIS B 164 -12.54 -26.47 -17.22
CA HIS B 164 -12.68 -25.07 -17.60
C HIS B 164 -13.45 -25.07 -18.94
N ASN B 165 -14.59 -24.40 -18.95
CA ASN B 165 -15.33 -24.17 -20.18
C ASN B 165 -14.81 -22.87 -20.78
N VAL B 166 -14.26 -22.92 -21.99
CA VAL B 166 -13.74 -21.72 -22.63
C VAL B 166 -14.39 -21.35 -23.97
N TYR B 167 -14.15 -20.10 -24.36
CA TYR B 167 -14.62 -19.58 -25.65
C TYR B 167 -13.89 -20.22 -26.83
N ARG B 168 -14.56 -20.18 -27.98
CA ARG B 168 -13.98 -20.80 -29.18
C ARG B 168 -12.61 -20.20 -29.41
N GLY B 169 -11.58 -21.02 -29.48
CA GLY B 169 -10.24 -20.54 -29.80
C GLY B 169 -9.42 -20.38 -28.55
N ARG B 170 -10.05 -20.53 -27.38
CA ARG B 170 -9.28 -20.40 -26.14
C ARG B 170 -8.84 -21.67 -25.45
N MET B 171 -9.09 -22.83 -26.03
CA MET B 171 -8.51 -24.06 -25.48
C MET B 171 -7.00 -23.94 -25.59
N VAL B 172 -6.49 -23.46 -26.71
CA VAL B 172 -5.07 -23.29 -26.98
C VAL B 172 -4.41 -22.35 -25.99
N TYR B 173 -5.09 -21.25 -25.68
CA TYR B 173 -4.70 -20.26 -24.72
C TYR B 173 -4.55 -20.78 -23.30
N TRP B 174 -5.55 -21.52 -22.80
CA TRP B 174 -5.44 -22.11 -21.47
C TRP B 174 -4.48 -23.29 -21.43
N ALA B 175 -4.28 -24.03 -22.52
CA ALA B 175 -3.30 -25.12 -22.48
C ALA B 175 -1.91 -24.47 -22.31
N ASN B 176 -1.71 -23.34 -22.96
CA ASN B 176 -0.40 -22.68 -22.97
C ASN B 176 -0.06 -22.13 -21.60
N PHE B 177 -1.06 -21.50 -20.98
CA PHE B 177 -0.94 -20.98 -19.62
C PHE B 177 -0.47 -22.04 -18.62
N TYR B 178 -1.07 -23.21 -18.61
CA TYR B 178 -0.64 -24.27 -17.71
C TYR B 178 0.65 -24.91 -18.23
N GLU B 179 0.87 -25.07 -19.54
CA GLU B 179 2.12 -25.70 -19.99
C GLU B 179 3.28 -24.81 -19.56
N LYS B 180 3.25 -23.54 -19.94
CA LYS B 180 4.31 -22.58 -19.67
C LYS B 180 4.63 -22.32 -18.20
N LEU B 181 3.63 -22.04 -17.36
CA LEU B 181 3.88 -21.73 -15.98
C LEU B 181 4.17 -22.95 -15.11
N PHE B 182 3.44 -24.05 -15.29
CA PHE B 182 3.63 -25.17 -14.40
C PHE B 182 4.13 -26.45 -15.07
N ASN B 183 4.30 -26.45 -16.39
CA ASN B 183 4.61 -27.67 -17.13
C ASN B 183 3.55 -28.75 -17.09
N PHE B 184 2.27 -28.45 -17.30
CA PHE B 184 1.22 -29.44 -17.53
C PHE B 184 1.44 -30.03 -18.93
N ARG B 185 0.75 -31.08 -19.33
CA ARG B 185 0.86 -31.62 -20.69
C ARG B 185 -0.52 -32.06 -21.18
N GLU B 186 -0.78 -32.02 -22.48
CA GLU B 186 -2.05 -32.47 -23.02
C GLU B 186 -2.03 -34.00 -23.03
N ALA B 187 -2.70 -34.64 -22.06
CA ALA B 187 -2.64 -36.09 -21.99
C ALA B 187 -3.59 -36.77 -22.97
N ARG B 188 -4.65 -36.10 -23.41
CA ARG B 188 -5.60 -36.71 -24.34
C ARG B 188 -6.55 -35.66 -24.92
N TYR B 189 -7.03 -35.92 -26.13
CA TYR B 189 -7.88 -35.03 -26.88
C TYR B 189 -9.19 -35.74 -27.24
N PHE B 190 -10.30 -35.08 -27.01
CA PHE B 190 -11.60 -35.67 -27.28
C PHE B 190 -12.44 -34.83 -28.25
N ASP B 191 -13.19 -35.53 -29.09
CA ASP B 191 -14.13 -34.93 -30.03
C ASP B 191 -15.47 -35.64 -29.84
N ILE B 192 -16.36 -35.06 -29.05
CA ILE B 192 -17.62 -35.67 -28.65
C ILE B 192 -18.84 -35.17 -29.42
N LYS B 193 -19.66 -36.06 -29.96
CA LYS B 193 -20.81 -35.70 -30.77
C LYS B 193 -22.10 -36.24 -30.16
N GLY B 194 -23.10 -35.37 -30.06
CA GLY B 194 -24.41 -35.77 -29.55
C GLY B 194 -25.31 -36.05 -30.75
N GLU B 195 -26.60 -35.90 -30.55
CA GLU B 195 -27.58 -36.11 -31.60
C GLU B 195 -27.68 -34.90 -32.52
N TYR B 196 -27.65 -33.70 -31.94
CA TYR B 196 -27.71 -32.47 -32.68
C TYR B 196 -26.53 -31.53 -32.50
N THR B 197 -25.66 -31.73 -31.52
CA THR B 197 -24.59 -30.80 -31.18
C THR B 197 -23.34 -31.59 -30.75
N GLY B 198 -22.24 -30.91 -30.49
CA GLY B 198 -21.02 -31.62 -30.07
C GLY B 198 -20.02 -30.72 -29.39
N LEU B 199 -18.90 -31.27 -28.92
CA LEU B 199 -17.84 -30.45 -28.33
C LEU B 199 -16.46 -31.08 -28.54
N THR B 200 -15.46 -30.30 -28.14
CA THR B 200 -14.06 -30.68 -28.25
C THR B 200 -13.35 -30.43 -26.93
N SER B 201 -12.32 -31.19 -26.57
CA SER B 201 -11.69 -31.03 -25.27
C SER B 201 -10.27 -31.56 -25.14
N LYS B 202 -9.47 -30.84 -24.36
CA LYS B 202 -8.10 -31.24 -24.08
C LYS B 202 -7.90 -31.61 -22.61
N ALA B 203 -7.64 -32.88 -22.26
CA ALA B 203 -7.41 -33.23 -20.87
C ALA B 203 -5.99 -32.83 -20.48
N MET B 204 -5.83 -31.77 -19.69
CA MET B 204 -4.49 -31.32 -19.29
C MET B 204 -4.02 -31.92 -17.97
N SER B 205 -2.80 -32.48 -17.92
CA SER B 205 -2.31 -33.07 -16.67
C SER B 205 -1.08 -32.36 -16.10
N ALA B 206 -1.11 -32.13 -14.78
CA ALA B 206 0.05 -31.53 -14.11
C ALA B 206 1.09 -32.62 -13.82
N PRO B 207 2.34 -32.19 -13.63
CA PRO B 207 3.48 -33.07 -13.44
C PRO B 207 3.52 -33.78 -12.11
N ASP B 208 2.57 -33.49 -11.22
CA ASP B 208 2.50 -34.17 -9.93
C ASP B 208 1.64 -35.43 -10.00
N GLY B 209 0.89 -35.65 -11.08
CA GLY B 209 0.03 -36.82 -11.15
C GLY B 209 -1.27 -36.62 -10.40
N MET B 210 -1.57 -35.38 -9.99
CA MET B 210 -2.75 -35.14 -9.16
C MET B 210 -3.71 -34.12 -9.76
N ILE B 211 -3.19 -32.99 -10.17
CA ILE B 211 -4.01 -31.93 -10.75
C ILE B 211 -4.29 -32.23 -12.21
N ARG B 212 -5.55 -32.37 -12.57
CA ARG B 212 -6.00 -32.57 -13.94
C ARG B 212 -7.09 -31.56 -14.26
N ILE B 213 -7.01 -30.86 -15.38
CA ILE B 213 -7.99 -29.91 -15.87
C ILE B 213 -8.41 -30.09 -17.33
N PRO B 214 -9.55 -30.70 -17.61
CA PRO B 214 -10.10 -30.83 -18.95
C PRO B 214 -10.54 -29.45 -19.42
N LEU B 215 -10.19 -29.05 -20.63
CA LEU B 215 -10.60 -27.75 -21.17
C LEU B 215 -11.58 -27.99 -22.32
N ASN B 216 -12.80 -27.49 -22.16
CA ASN B 216 -13.89 -27.70 -23.07
C ASN B 216 -14.27 -26.51 -23.95
N GLU B 217 -14.48 -26.77 -25.23
CA GLU B 217 -14.98 -25.71 -26.13
C GLU B 217 -16.02 -26.29 -27.08
N GLU B 218 -16.99 -25.46 -27.43
CA GLU B 218 -18.14 -25.78 -28.28
C GLU B 218 -17.69 -26.18 -29.68
N SER B 219 -18.46 -26.99 -30.40
CA SER B 219 -18.09 -27.36 -31.76
C SER B 219 -18.38 -26.25 -32.76
N SER B 220 -18.03 -26.47 -34.02
CA SER B 220 -18.31 -25.56 -35.12
C SER B 220 -19.81 -25.30 -35.26
N LYS B 221 -20.64 -26.29 -35.03
CA LYS B 221 -22.08 -26.30 -35.12
C LYS B 221 -22.79 -25.30 -34.22
N GLY B 222 -22.25 -25.14 -33.02
CA GLY B 222 -22.83 -24.25 -32.03
C GLY B 222 -24.13 -24.82 -31.48
N ALA B 223 -24.78 -24.03 -30.63
CA ALA B 223 -26.03 -24.35 -29.98
C ALA B 223 -25.96 -25.41 -28.88
N GLY B 224 -24.82 -25.97 -28.54
CA GLY B 224 -24.74 -26.99 -27.53
C GLY B 224 -24.64 -26.51 -26.10
N GLN B 225 -24.20 -27.41 -25.24
CA GLN B 225 -24.06 -27.24 -23.81
C GLN B 225 -22.88 -26.40 -23.35
N ILE B 226 -21.75 -26.32 -24.01
CA ILE B 226 -20.68 -25.42 -23.58
C ILE B 226 -21.05 -23.97 -23.84
N GLU B 227 -21.63 -23.71 -25.01
CA GLU B 227 -22.13 -22.37 -25.34
C GLU B 227 -23.21 -21.95 -24.34
N GLU B 228 -24.11 -22.85 -23.98
CA GLU B 228 -25.14 -22.51 -22.99
C GLU B 228 -24.51 -22.21 -21.64
N PHE B 229 -23.52 -22.96 -21.14
CA PHE B 229 -22.81 -22.62 -19.94
C PHE B 229 -22.20 -21.23 -20.02
N LEU B 230 -21.52 -20.90 -21.11
CA LEU B 230 -20.82 -19.60 -21.19
C LEU B 230 -21.80 -18.45 -21.17
N MET B 231 -23.00 -18.61 -21.71
CA MET B 231 -24.00 -17.53 -21.57
C MET B 231 -24.57 -17.48 -20.16
N GLN B 232 -24.95 -18.61 -19.59
CA GLN B 232 -25.49 -18.66 -18.23
C GLN B 232 -24.49 -18.29 -17.13
N PHE B 233 -23.19 -18.50 -17.32
CA PHE B 233 -22.18 -18.19 -16.33
C PHE B 233 -21.66 -16.76 -16.51
N ASN B 234 -21.90 -16.25 -17.70
CA ASN B 234 -21.44 -14.88 -18.02
C ASN B 234 -19.92 -14.85 -18.12
N GLY B 235 -19.33 -15.83 -18.82
CA GLY B 235 -17.88 -15.87 -18.98
C GLY B 235 -17.27 -17.26 -18.88
N GLU B 236 -15.94 -17.34 -18.98
CA GLU B 236 -15.26 -18.62 -18.82
C GLU B 236 -15.21 -19.00 -17.35
N GLY B 237 -15.23 -20.30 -17.03
CA GLY B 237 -15.18 -20.63 -15.60
C GLY B 237 -15.13 -22.13 -15.43
N ILE B 238 -15.11 -22.55 -14.18
CA ILE B 238 -15.07 -23.97 -13.84
C ILE B 238 -16.49 -24.52 -13.96
N GLN B 239 -16.69 -25.48 -14.85
CA GLN B 239 -18.02 -26.00 -15.17
C GLN B 239 -18.42 -27.15 -14.25
N HIS B 240 -17.47 -28.05 -13.95
CA HIS B 240 -17.78 -29.04 -12.91
C HIS B 240 -16.54 -29.40 -12.12
N VAL B 241 -16.73 -29.73 -10.86
CA VAL B 241 -15.65 -30.13 -9.95
C VAL B 241 -15.92 -31.59 -9.59
N ALA B 242 -14.87 -32.42 -9.67
CA ALA B 242 -15.07 -33.83 -9.34
C ALA B 242 -14.34 -34.24 -8.07
N PHE B 243 -15.04 -35.03 -7.27
CA PHE B 243 -14.51 -35.52 -6.01
C PHE B 243 -14.29 -37.03 -6.09
N LEU B 244 -13.11 -37.49 -5.70
CA LEU B 244 -12.78 -38.90 -5.70
C LEU B 244 -13.33 -39.58 -4.45
N THR B 245 -13.84 -40.79 -4.65
CA THR B 245 -14.33 -41.63 -3.57
C THR B 245 -13.76 -43.03 -3.78
N ASP B 246 -13.57 -43.80 -2.71
CA ASP B 246 -13.05 -45.15 -2.85
C ASP B 246 -14.19 -46.14 -3.11
N ASP B 247 -15.44 -45.70 -3.03
CA ASP B 247 -16.56 -46.60 -3.31
C ASP B 247 -17.81 -45.85 -3.74
N LEU B 248 -18.00 -45.73 -5.04
CA LEU B 248 -19.11 -44.96 -5.59
C LEU B 248 -20.52 -45.46 -5.29
N VAL B 249 -20.77 -46.79 -5.19
CA VAL B 249 -22.18 -47.12 -4.89
C VAL B 249 -22.49 -46.78 -3.43
N LYS B 250 -21.54 -46.98 -2.51
CA LYS B 250 -21.73 -46.56 -1.14
C LYS B 250 -21.94 -45.04 -1.04
N THR B 251 -21.09 -44.21 -1.63
CA THR B 251 -21.21 -42.78 -1.63
C THR B 251 -22.54 -42.35 -2.23
N TRP B 252 -22.96 -43.00 -3.33
CA TRP B 252 -24.24 -42.75 -3.95
C TRP B 252 -25.42 -42.94 -2.99
N ASP B 253 -25.40 -44.03 -2.23
CA ASP B 253 -26.43 -44.24 -1.22
C ASP B 253 -26.34 -43.15 -0.15
N ALA B 254 -25.14 -42.75 0.26
CA ALA B 254 -25.03 -41.75 1.33
C ALA B 254 -25.52 -40.40 0.85
N LEU B 255 -25.12 -40.00 -0.36
CA LEU B 255 -25.53 -38.75 -0.97
C LEU B 255 -27.04 -38.64 -1.16
N LYS B 256 -27.67 -39.70 -1.64
CA LYS B 256 -29.09 -39.82 -1.80
C LYS B 256 -29.90 -39.56 -0.53
N LYS B 257 -29.46 -40.15 0.59
CA LYS B 257 -30.08 -39.97 1.89
C LYS B 257 -30.00 -38.54 2.42
N ILE B 258 -29.10 -37.70 1.93
CA ILE B 258 -29.02 -36.32 2.40
C ILE B 258 -29.53 -35.33 1.35
N GLY B 259 -30.21 -35.79 0.30
CA GLY B 259 -30.87 -34.99 -0.68
C GLY B 259 -30.30 -34.79 -2.06
N MET B 260 -29.18 -35.41 -2.41
CA MET B 260 -28.56 -35.21 -3.71
C MET B 260 -29.52 -35.52 -4.87
N ARG B 261 -29.47 -34.68 -5.89
CA ARG B 261 -30.23 -34.87 -7.11
C ARG B 261 -29.22 -35.15 -8.23
N PHE B 262 -29.38 -36.34 -8.78
CA PHE B 262 -28.46 -36.84 -9.80
C PHE B 262 -29.00 -36.60 -11.20
N MET B 263 -28.19 -36.71 -12.25
CA MET B 263 -28.79 -36.55 -13.58
C MET B 263 -29.65 -37.77 -13.92
N THR B 264 -30.49 -37.59 -14.93
CA THR B 264 -31.29 -38.65 -15.52
C THR B 264 -30.41 -39.80 -16.02
N ALA B 265 -30.80 -41.03 -15.72
CA ALA B 265 -30.04 -42.22 -16.10
C ALA B 265 -30.04 -42.56 -17.57
N PRO B 266 -29.04 -43.32 -18.01
CA PRO B 266 -28.97 -43.75 -19.41
C PRO B 266 -30.10 -44.75 -19.58
N PRO B 267 -30.56 -44.91 -20.81
CA PRO B 267 -31.59 -45.91 -21.10
C PRO B 267 -31.04 -47.31 -20.93
N ASP B 268 -31.90 -48.28 -20.66
CA ASP B 268 -31.54 -49.69 -20.51
C ASP B 268 -30.64 -50.32 -21.57
N THR B 269 -30.72 -49.87 -22.80
CA THR B 269 -29.81 -50.22 -23.87
C THR B 269 -28.36 -50.13 -23.44
N TYR B 270 -27.99 -49.02 -22.81
CA TYR B 270 -26.61 -48.72 -22.42
C TYR B 270 -26.04 -49.86 -21.59
N TYR B 271 -26.83 -50.29 -20.61
CA TYR B 271 -26.38 -51.32 -19.69
C TYR B 271 -26.34 -52.72 -20.27
N GLU B 272 -27.08 -52.93 -21.35
CA GLU B 272 -27.07 -54.17 -22.10
C GLU B 272 -25.81 -54.33 -22.95
N MET B 273 -25.23 -53.22 -23.39
CA MET B 273 -24.05 -53.22 -24.23
C MET B 273 -22.74 -53.14 -23.48
N LEU B 274 -22.78 -53.19 -22.15
CA LEU B 274 -21.54 -53.04 -21.37
C LEU B 274 -20.59 -54.20 -21.55
N GLU B 275 -21.14 -55.44 -21.52
CA GLU B 275 -20.28 -56.61 -21.68
C GLU B 275 -19.61 -56.64 -23.05
N GLY B 276 -20.37 -56.29 -24.09
CA GLY B 276 -19.79 -56.22 -25.42
C GLY B 276 -18.52 -55.35 -25.41
N ARG B 277 -18.72 -54.11 -24.99
CA ARG B 277 -17.69 -53.10 -24.93
C ARG B 277 -16.53 -53.28 -23.98
N LEU B 278 -16.78 -53.91 -22.84
CA LEU B 278 -15.73 -54.11 -21.83
C LEU B 278 -15.82 -55.54 -21.34
N PRO B 279 -15.41 -56.48 -22.18
CA PRO B 279 -15.44 -57.89 -21.80
C PRO B 279 -14.73 -58.07 -20.46
N ASP B 280 -15.36 -58.86 -19.59
CA ASP B 280 -14.81 -59.21 -18.29
C ASP B 280 -14.66 -58.02 -17.34
N HIS B 281 -15.46 -56.96 -17.46
CA HIS B 281 -15.28 -55.80 -16.58
C HIS B 281 -15.38 -56.18 -15.11
N GLY B 282 -16.34 -57.01 -14.72
CA GLY B 282 -16.40 -57.58 -13.39
C GLY B 282 -17.27 -56.82 -12.40
N GLU B 283 -17.79 -55.68 -12.84
CA GLU B 283 -18.63 -54.83 -12.03
C GLU B 283 -20.07 -55.31 -12.01
N PRO B 284 -20.72 -55.15 -10.86
CA PRO B 284 -22.11 -55.53 -10.67
C PRO B 284 -23.06 -54.64 -11.43
N VAL B 285 -23.44 -55.06 -12.64
CA VAL B 285 -24.24 -54.26 -13.54
C VAL B 285 -25.56 -53.83 -12.95
N ASP B 286 -26.14 -54.72 -12.16
CA ASP B 286 -27.38 -54.53 -11.47
C ASP B 286 -27.33 -53.36 -10.49
N GLN B 287 -26.22 -53.16 -9.80
CA GLN B 287 -26.07 -52.02 -8.90
C GLN B 287 -25.84 -50.73 -9.68
N LEU B 288 -25.04 -50.76 -10.73
CA LEU B 288 -24.78 -49.58 -11.53
C LEU B 288 -26.06 -49.07 -12.17
N GLN B 289 -26.78 -49.98 -12.81
CA GLN B 289 -27.98 -49.71 -13.57
C GLN B 289 -29.13 -49.12 -12.77
N ALA B 290 -29.27 -49.58 -11.54
CA ALA B 290 -30.27 -49.05 -10.63
C ALA B 290 -29.94 -47.65 -10.08
N ARG B 291 -28.69 -47.20 -10.12
CA ARG B 291 -28.30 -45.88 -9.67
C ARG B 291 -27.98 -44.94 -10.85
N GLY B 292 -27.87 -45.46 -12.07
CA GLY B 292 -27.48 -44.63 -13.20
C GLY B 292 -25.98 -44.35 -13.28
N ILE B 293 -25.12 -45.20 -12.68
CA ILE B 293 -23.68 -44.99 -12.77
C ILE B 293 -23.14 -45.30 -14.16
N LEU B 294 -22.17 -44.54 -14.65
CA LEU B 294 -21.55 -44.84 -15.95
C LEU B 294 -20.28 -45.68 -15.77
N LEU B 295 -20.00 -46.57 -16.70
CA LEU B 295 -18.77 -47.38 -16.56
C LEU B 295 -17.92 -47.29 -17.82
N ASP B 296 -16.61 -47.19 -17.72
CA ASP B 296 -15.78 -47.07 -18.92
C ASP B 296 -14.35 -47.45 -18.61
N GLY B 297 -13.45 -47.36 -19.58
CA GLY B 297 -12.06 -47.74 -19.39
C GLY B 297 -11.62 -48.73 -20.48
N SER B 298 -10.80 -49.71 -20.14
CA SER B 298 -10.33 -50.67 -21.13
C SER B 298 -10.31 -52.07 -20.53
N SER B 299 -10.21 -53.00 -21.51
CA SER B 299 -10.00 -54.41 -21.22
C SER B 299 -9.05 -54.94 -22.31
N VAL B 300 -7.75 -54.79 -22.02
CA VAL B 300 -6.69 -55.21 -22.91
C VAL B 300 -5.97 -56.41 -22.33
N GLU B 301 -6.20 -57.54 -23.01
CA GLU B 301 -5.65 -58.85 -22.66
C GLU B 301 -5.44 -59.01 -21.16
N GLY B 302 -6.53 -59.17 -20.41
CA GLY B 302 -6.51 -59.37 -18.98
C GLY B 302 -6.45 -58.12 -18.13
N ASP B 303 -5.75 -57.10 -18.58
CA ASP B 303 -5.52 -55.86 -17.86
C ASP B 303 -6.69 -54.90 -17.89
N LYS B 304 -7.45 -54.82 -16.63
CA LYS B 304 -8.64 -53.98 -16.76
C LYS B 304 -8.45 -52.70 -15.95
N ARG B 305 -8.57 -51.57 -16.62
CA ARG B 305 -8.40 -50.25 -16.01
C ARG B 305 -9.77 -49.57 -16.16
N LEU B 306 -10.51 -49.53 -15.05
CA LEU B 306 -11.85 -48.95 -15.08
C LEU B 306 -12.05 -47.57 -14.44
N LEU B 307 -13.17 -46.98 -14.86
CA LEU B 307 -13.58 -45.65 -14.42
C LEU B 307 -15.07 -45.60 -14.13
N LEU B 308 -15.53 -45.26 -12.92
CA LEU B 308 -16.95 -45.14 -12.63
C LEU B 308 -17.30 -43.69 -12.30
N GLN B 309 -18.28 -43.14 -13.00
CA GLN B 309 -18.60 -41.73 -12.85
C GLN B 309 -20.09 -41.46 -12.72
N ILE B 310 -20.46 -40.48 -11.90
CA ILE B 310 -21.85 -40.05 -11.82
C ILE B 310 -21.87 -38.54 -11.58
N PHE B 311 -22.90 -37.90 -12.13
CA PHE B 311 -22.98 -36.46 -12.16
C PHE B 311 -24.25 -35.94 -11.51
N SER B 312 -24.14 -34.88 -10.71
CA SER B 312 -25.33 -34.29 -10.12
C SER B 312 -26.06 -33.49 -11.21
N GLU B 313 -27.23 -32.96 -10.85
CA GLU B 313 -27.88 -31.96 -11.67
C GLU B 313 -27.14 -30.63 -11.47
N THR B 314 -27.40 -29.64 -12.29
CA THR B 314 -26.72 -28.34 -12.05
C THR B 314 -27.20 -27.83 -10.71
N LEU B 315 -26.34 -27.39 -9.82
CA LEU B 315 -26.74 -26.93 -8.51
C LEU B 315 -26.40 -25.48 -8.21
N MET B 316 -25.50 -24.88 -8.95
CA MET B 316 -24.94 -23.57 -8.73
C MET B 316 -24.98 -22.94 -10.12
N GLY B 317 -26.13 -22.31 -10.39
CA GLY B 317 -26.33 -21.78 -11.77
C GLY B 317 -26.08 -22.98 -12.69
N PRO B 318 -25.19 -22.85 -13.66
CA PRO B 318 -24.90 -23.92 -14.58
C PRO B 318 -23.79 -24.86 -14.13
N VAL B 319 -23.24 -24.69 -12.93
CA VAL B 319 -22.13 -25.52 -12.46
C VAL B 319 -22.67 -26.82 -11.89
N PHE B 320 -22.07 -27.96 -12.20
CA PHE B 320 -22.49 -29.24 -11.67
C PHE B 320 -21.30 -29.98 -11.06
N PHE B 321 -21.60 -31.03 -10.28
CA PHE B 321 -20.53 -31.73 -9.55
C PHE B 321 -20.47 -33.18 -9.96
N GLU B 322 -19.31 -33.82 -9.79
CA GLU B 322 -19.10 -35.21 -10.18
C GLU B 322 -18.48 -36.01 -9.05
N PHE B 323 -18.95 -37.24 -8.91
CA PHE B 323 -18.47 -38.20 -7.90
C PHE B 323 -17.85 -39.35 -8.69
N ILE B 324 -16.56 -39.56 -8.58
CA ILE B 324 -15.81 -40.51 -9.39
C ILE B 324 -15.02 -41.53 -8.59
N GLN B 325 -14.96 -42.76 -9.07
CA GLN B 325 -14.15 -43.82 -8.51
C GLN B 325 -13.20 -44.38 -9.57
N ARG B 326 -11.92 -44.43 -9.28
CA ARG B 326 -10.92 -44.87 -10.25
C ARG B 326 -10.52 -46.29 -9.93
N LYS B 327 -10.59 -47.22 -10.88
CA LYS B 327 -10.12 -48.57 -10.61
C LYS B 327 -9.00 -48.92 -11.61
N GLY B 328 -7.86 -48.24 -11.50
CA GLY B 328 -6.74 -48.55 -12.37
C GLY B 328 -6.60 -47.63 -13.56
N ASP B 329 -7.61 -46.81 -13.81
CA ASP B 329 -7.55 -45.84 -14.91
C ASP B 329 -7.30 -44.45 -14.35
N ASP B 330 -6.17 -43.85 -14.65
CA ASP B 330 -5.83 -42.52 -14.15
C ASP B 330 -6.22 -41.37 -15.07
N GLY B 331 -6.88 -41.64 -16.19
CA GLY B 331 -7.28 -40.59 -17.12
C GLY B 331 -8.79 -40.49 -17.23
N PHE B 332 -9.29 -40.20 -18.44
CA PHE B 332 -10.72 -40.04 -18.68
C PHE B 332 -11.25 -41.06 -19.68
N GLY B 333 -12.56 -41.24 -19.80
CA GLY B 333 -13.15 -42.20 -20.72
C GLY B 333 -14.05 -41.56 -21.76
N GLU B 334 -13.93 -41.92 -23.03
CA GLU B 334 -14.73 -41.33 -24.10
C GLU B 334 -16.18 -41.76 -24.04
N GLY B 335 -16.52 -42.98 -23.67
CA GLY B 335 -17.90 -43.42 -23.53
C GLY B 335 -18.65 -42.67 -22.45
N ASN B 336 -18.03 -42.53 -21.27
CA ASN B 336 -18.61 -41.74 -20.19
C ASN B 336 -18.78 -40.29 -20.59
N PHE B 337 -17.81 -39.70 -21.29
CA PHE B 337 -17.93 -38.32 -21.76
C PHE B 337 -19.14 -38.18 -22.67
N LYS B 338 -19.31 -39.13 -23.59
CA LYS B 338 -20.43 -39.14 -24.53
C LYS B 338 -21.77 -39.28 -23.81
N ALA B 339 -21.87 -40.18 -22.84
CA ALA B 339 -23.13 -40.36 -22.10
C ALA B 339 -23.49 -39.10 -21.30
N LEU B 340 -22.49 -38.50 -20.64
CA LEU B 340 -22.70 -37.24 -19.94
C LEU B 340 -23.19 -36.20 -20.95
N PHE B 341 -22.50 -36.07 -22.08
CA PHE B 341 -22.91 -35.16 -23.15
C PHE B 341 -24.33 -35.40 -23.66
N GLU B 342 -24.73 -36.65 -23.93
CA GLU B 342 -26.07 -36.92 -24.45
C GLU B 342 -27.16 -36.62 -23.44
N SER B 343 -26.87 -36.87 -22.16
CA SER B 343 -27.80 -36.56 -21.09
C SER B 343 -28.05 -35.07 -20.97
N ILE B 344 -27.02 -34.23 -21.03
CA ILE B 344 -27.18 -32.78 -20.96
C ILE B 344 -27.86 -32.26 -22.22
N GLU B 345 -27.60 -32.91 -23.36
CA GLU B 345 -28.25 -32.55 -24.62
C GLU B 345 -29.76 -32.76 -24.55
N ARG B 346 -30.19 -33.94 -24.09
CA ARG B 346 -31.61 -34.23 -23.90
C ARG B 346 -32.26 -33.23 -22.94
N ASP B 347 -31.54 -32.79 -21.91
CA ASP B 347 -32.06 -31.77 -21.00
C ASP B 347 -32.31 -30.44 -21.72
N GLN B 348 -31.43 -30.10 -22.67
CA GLN B 348 -31.61 -28.91 -23.49
C GLN B 348 -32.91 -29.05 -24.29
N VAL B 349 -33.09 -30.19 -24.98
CA VAL B 349 -34.29 -30.49 -25.75
C VAL B 349 -35.57 -30.42 -24.91
N ARG B 350 -35.48 -30.95 -23.68
CA ARG B 350 -36.58 -30.91 -22.72
C ARG B 350 -36.93 -29.48 -22.29
N ARG B 351 -35.95 -28.61 -22.12
CA ARG B 351 -36.21 -27.25 -21.67
C ARG B 351 -36.60 -26.34 -22.83
N GLY B 352 -36.60 -26.82 -24.06
CA GLY B 352 -36.94 -26.03 -25.22
C GLY B 352 -35.83 -25.17 -25.81
N VAL B 353 -34.58 -25.28 -25.35
CA VAL B 353 -33.51 -24.43 -25.86
C VAL B 353 -32.81 -24.99 -27.07
N LEU B 354 -33.04 -26.26 -27.38
CA LEU B 354 -32.36 -26.86 -28.53
C LEU B 354 -33.36 -27.39 -29.55
N ALA B 355 -33.11 -26.98 -30.80
CA ALA B 355 -33.90 -27.28 -31.97
C ALA B 355 -35.38 -27.34 -31.58
N THR B 356 -35.97 -28.42 -31.65
N TYR C 4 27.83 30.00 -3.33
CA TYR C 4 27.74 28.63 -2.76
C TYR C 4 26.92 27.67 -3.62
N GLU C 5 27.43 26.47 -3.82
CA GLU C 5 26.74 25.49 -4.65
C GLU C 5 25.42 25.10 -4.05
N ASN C 6 24.38 24.87 -4.85
CA ASN C 6 23.06 24.45 -4.39
C ASN C 6 22.55 23.21 -5.10
N PRO C 7 23.02 22.02 -4.71
CA PRO C 7 22.71 20.76 -5.36
C PRO C 7 21.27 20.31 -5.36
N MET C 8 20.49 20.79 -4.42
CA MET C 8 19.07 20.48 -4.33
C MET C 8 18.19 21.51 -5.03
N GLY C 9 18.84 22.59 -5.46
CA GLY C 9 18.19 23.62 -6.26
C GLY C 9 17.12 24.34 -5.46
N LEU C 10 17.53 24.60 -4.23
CA LEU C 10 16.70 25.21 -3.19
C LEU C 10 16.30 26.63 -3.52
N MET C 11 15.02 26.98 -3.49
CA MET C 11 14.55 28.31 -3.84
C MET C 11 13.62 28.87 -2.75
N GLY C 12 14.05 28.78 -1.49
CA GLY C 12 13.34 29.28 -0.33
C GLY C 12 12.25 28.46 0.34
N PHE C 13 11.54 29.06 1.32
CA PHE C 13 10.51 28.35 2.05
C PHE C 13 9.16 28.29 1.32
N GLU C 14 8.43 27.18 1.34
CA GLU C 14 7.18 27.12 0.59
C GLU C 14 6.03 27.28 1.58
N PHE C 15 5.97 26.46 2.63
CA PHE C 15 4.89 26.60 3.60
C PHE C 15 5.31 26.02 4.96
N ILE C 16 4.57 26.38 5.99
CA ILE C 16 4.79 25.82 7.33
C ILE C 16 3.47 25.17 7.77
N GLU C 17 3.49 24.01 8.41
CA GLU C 17 2.22 23.35 8.76
C GLU C 17 2.07 23.25 10.27
N PHE C 18 0.81 23.36 10.73
CA PHE C 18 0.55 23.42 12.16
C PHE C 18 -0.50 22.43 12.64
N ALA C 19 -0.38 21.94 13.87
CA ALA C 19 -1.45 21.04 14.34
C ALA C 19 -1.58 21.17 15.86
N SER C 20 -2.80 20.86 16.30
CA SER C 20 -3.06 20.97 17.75
C SER C 20 -4.01 19.88 18.20
N PRO C 21 -3.88 19.41 19.43
CA PRO C 21 -4.79 18.39 19.95
C PRO C 21 -6.11 19.00 20.39
N THR C 22 -6.17 20.30 20.64
CA THR C 22 -7.34 21.00 21.11
C THR C 22 -7.90 21.89 20.00
N PRO C 23 -9.12 21.61 19.58
CA PRO C 23 -9.77 22.34 18.51
C PRO C 23 -9.98 23.79 18.87
N GLY C 24 -9.87 24.70 17.91
CA GLY C 24 -9.98 26.12 18.19
C GLY C 24 -8.78 26.74 18.86
N THR C 25 -7.56 26.20 18.86
CA THR C 25 -6.46 26.88 19.52
C THR C 25 -5.48 27.56 18.57
N LEU C 26 -5.49 27.17 17.30
CA LEU C 26 -4.58 27.76 16.32
C LEU C 26 -5.22 28.90 15.54
N GLU C 27 -6.52 28.80 15.28
CA GLU C 27 -7.27 29.83 14.56
C GLU C 27 -7.09 31.23 15.11
N PRO C 28 -7.38 31.46 16.40
CA PRO C 28 -7.10 32.71 17.05
C PRO C 28 -5.65 33.16 16.90
N ILE C 29 -4.71 32.22 17.07
CA ILE C 29 -3.32 32.66 16.97
C ILE C 29 -3.06 33.30 15.64
N PHE C 30 -3.48 32.63 14.57
CA PHE C 30 -3.20 33.10 13.22
C PHE C 30 -3.87 34.43 12.90
N GLU C 31 -5.06 34.59 13.47
CA GLU C 31 -5.80 35.85 13.30
C GLU C 31 -5.16 37.01 14.02
N ILE C 32 -4.58 36.80 15.19
CA ILE C 32 -3.85 37.82 15.94
C ILE C 32 -2.58 38.25 15.25
N MET C 33 -2.00 37.39 14.41
CA MET C 33 -0.75 37.63 13.72
C MET C 33 -0.93 38.19 12.32
N GLY C 34 -2.18 38.45 11.98
CA GLY C 34 -2.53 39.05 10.71
C GLY C 34 -2.85 38.13 9.55
N PHE C 35 -3.03 36.85 9.80
CA PHE C 35 -3.31 35.87 8.76
C PHE C 35 -4.81 35.69 8.49
N THR C 36 -5.12 35.30 7.25
CA THR C 36 -6.52 35.14 6.86
C THR C 36 -6.80 33.79 6.21
N LYS C 37 -7.90 33.16 6.60
CA LYS C 37 -8.27 31.85 6.05
C LYS C 37 -8.77 32.01 4.62
N VAL C 38 -8.20 31.30 3.67
CA VAL C 38 -8.48 31.59 2.25
C VAL C 38 -9.01 30.44 1.44
N ALA C 39 -8.73 29.20 1.86
CA ALA C 39 -9.20 28.02 1.15
C ALA C 39 -9.26 26.80 2.07
N THR C 40 -10.06 25.84 1.65
CA THR C 40 -10.23 24.58 2.36
C THR C 40 -9.83 23.36 1.51
N HIS C 41 -9.04 22.46 2.06
CA HIS C 41 -8.55 21.34 1.22
C HIS C 41 -9.73 20.66 0.53
N ARG C 42 -9.56 20.02 -0.62
CA ARG C 42 -10.73 19.40 -1.24
C ARG C 42 -11.18 18.09 -0.63
N SER C 43 -10.38 17.30 0.10
CA SER C 43 -10.97 16.12 0.71
C SER C 43 -10.62 16.03 2.19
N LYS C 44 -9.60 16.72 2.66
CA LYS C 44 -9.17 16.56 4.06
C LYS C 44 -9.75 17.69 4.88
N ASN C 45 -9.56 17.66 6.20
CA ASN C 45 -9.97 18.74 7.08
C ASN C 45 -8.76 19.64 7.34
N VAL C 46 -8.25 20.27 6.26
CA VAL C 46 -7.03 21.09 6.39
C VAL C 46 -7.27 22.42 5.69
N HIS C 47 -6.83 23.52 6.28
CA HIS C 47 -7.17 24.86 5.83
C HIS C 47 -5.92 25.67 5.52
N LEU C 48 -6.06 26.59 4.58
CA LEU C 48 -4.92 27.42 4.20
C LEU C 48 -5.10 28.84 4.73
N TYR C 49 -4.09 29.35 5.41
CA TYR C 49 -4.06 30.69 5.98
C TYR C 49 -2.94 31.43 5.24
N ARG C 50 -3.15 32.70 4.97
CA ARG C 50 -2.15 33.43 4.18
C ARG C 50 -1.99 34.89 4.55
N GLN C 51 -0.80 35.42 4.30
CA GLN C 51 -0.43 36.79 4.52
C GLN C 51 0.79 37.08 3.64
N GLY C 52 0.67 38.01 2.69
CA GLY C 52 1.84 38.28 1.83
C GLY C 52 2.08 36.99 1.04
N GLU C 53 3.30 36.50 0.96
CA GLU C 53 3.62 35.26 0.29
C GLU C 53 3.73 34.10 1.27
N ILE C 54 3.44 34.32 2.54
CA ILE C 54 3.48 33.29 3.56
C ILE C 54 2.25 32.39 3.50
N ASN C 55 2.48 31.07 3.41
CA ASN C 55 1.40 30.10 3.42
C ASN C 55 1.48 29.23 4.67
N LEU C 56 0.44 29.32 5.49
CA LEU C 56 0.41 28.58 6.77
C LEU C 56 -0.67 27.52 6.68
N ILE C 57 -0.32 26.24 6.87
CA ILE C 57 -1.36 25.23 6.72
C ILE C 57 -1.82 24.68 8.06
N LEU C 58 -3.15 24.74 8.24
CA LEU C 58 -3.76 24.27 9.46
C LEU C 58 -4.25 22.84 9.22
N ASN C 59 -3.64 21.85 9.87
CA ASN C 59 -4.01 20.46 9.61
C ASN C 59 -4.75 19.82 10.78
N ASN C 60 -6.06 19.69 10.63
CA ASN C 60 -6.86 19.05 11.67
C ASN C 60 -7.38 17.72 11.13
N GLU C 61 -6.57 17.05 10.33
CA GLU C 61 -6.95 15.74 9.77
C GLU C 61 -6.86 14.68 10.83
N PRO C 62 -7.94 13.97 11.06
CA PRO C 62 -7.97 12.91 12.07
C PRO C 62 -7.25 11.66 11.63
N ASN C 63 -6.72 10.95 12.63
CA ASN C 63 -5.95 9.74 12.42
C ASN C 63 -4.88 9.85 11.34
N SER C 64 -3.91 10.72 11.58
CA SER C 64 -2.87 11.00 10.60
C SER C 64 -1.55 11.37 11.26
N ILE C 65 -0.55 11.64 10.43
CA ILE C 65 0.77 12.05 10.96
C ILE C 65 0.61 13.24 11.90
N ALA C 66 -0.09 14.24 11.40
CA ALA C 66 -0.33 15.49 12.10
C ALA C 66 -1.09 15.32 13.42
N SER C 67 -2.12 14.48 13.45
CA SER C 67 -2.81 14.22 14.73
C SER C 67 -1.96 13.42 15.71
N TYR C 68 -1.10 12.50 15.30
CA TYR C 68 -0.19 11.91 16.26
C TYR C 68 0.86 12.91 16.75
N PHE C 69 1.32 13.79 15.84
CA PHE C 69 2.40 14.69 16.24
C PHE C 69 1.90 15.68 17.28
N ALA C 70 0.69 16.19 17.10
CA ALA C 70 0.08 17.13 18.02
C ALA C 70 -0.35 16.55 19.36
N ALA C 71 -0.62 15.24 19.42
CA ALA C 71 -0.92 14.57 20.68
C ALA C 71 0.35 14.48 21.53
N GLU C 72 1.52 14.47 20.91
CA GLU C 72 2.78 14.47 21.60
C GLU C 72 3.19 15.87 22.05
N HIS C 73 3.26 16.79 21.09
CA HIS C 73 3.84 18.10 21.32
C HIS C 73 2.93 19.25 21.69
N GLY C 74 1.62 19.11 21.61
CA GLY C 74 0.67 20.21 21.81
C GLY C 74 0.61 21.05 20.54
N PRO C 75 0.05 22.26 20.64
CA PRO C 75 -0.02 23.17 19.52
C PRO C 75 1.42 23.39 19.05
N SER C 76 1.69 23.24 17.75
CA SER C 76 3.05 23.27 17.25
C SER C 76 3.17 23.33 15.74
N VAL C 77 4.39 23.49 15.24
CA VAL C 77 4.74 23.36 13.85
C VAL C 77 5.03 21.88 13.55
N CYS C 78 4.10 21.27 12.81
CA CYS C 78 4.21 19.86 12.45
C CYS C 78 4.70 19.50 11.05
N GLY C 79 5.07 20.42 10.20
CA GLY C 79 5.61 20.19 8.88
C GLY C 79 6.29 21.47 8.38
N MET C 80 7.14 21.32 7.39
CA MET C 80 7.91 22.43 6.83
C MET C 80 8.17 22.02 5.38
N ALA C 81 7.86 22.88 4.42
CA ALA C 81 8.12 22.59 3.02
C ALA C 81 9.13 23.55 2.41
N PHE C 82 10.16 23.05 1.73
CA PHE C 82 11.07 23.93 1.00
C PHE C 82 10.66 23.92 -0.48
N ARG C 83 10.90 25.00 -1.21
CA ARG C 83 10.72 25.01 -2.66
C ARG C 83 11.98 24.47 -3.35
N VAL C 84 11.83 23.61 -4.33
CA VAL C 84 12.97 23.13 -5.11
C VAL C 84 12.67 23.28 -6.61
N LYS C 85 13.70 23.25 -7.44
CA LYS C 85 13.53 23.28 -8.89
C LYS C 85 12.89 21.99 -9.38
N ASP C 86 13.46 20.85 -9.01
CA ASP C 86 12.92 19.58 -9.49
C ASP C 86 12.68 18.68 -8.30
N SER C 87 11.42 18.40 -7.94
CA SER C 87 11.16 17.48 -6.86
C SER C 87 11.65 16.06 -7.13
N GLN C 88 11.53 15.51 -8.34
CA GLN C 88 12.00 14.14 -8.55
C GLN C 88 13.48 14.10 -8.21
N LYS C 89 14.25 14.96 -8.85
CA LYS C 89 15.70 14.96 -8.65
C LYS C 89 16.07 15.20 -7.20
N ALA C 90 15.46 16.16 -6.53
CA ALA C 90 15.81 16.46 -5.15
C ALA C 90 15.38 15.39 -4.15
N TYR C 91 14.23 14.78 -4.36
CA TYR C 91 13.80 13.65 -3.57
C TYR C 91 14.68 12.42 -3.81
N ASN C 92 15.01 12.08 -5.06
CA ASN C 92 15.92 10.94 -5.28
C ASN C 92 17.26 11.22 -4.60
N ARG C 93 17.83 12.41 -4.69
CA ARG C 93 19.15 12.72 -4.17
C ARG C 93 19.20 12.56 -2.65
N ALA C 94 18.12 13.02 -2.01
CA ALA C 94 18.01 12.89 -0.57
C ALA C 94 17.91 11.43 -0.15
N LEU C 95 17.18 10.57 -0.85
CA LEU C 95 17.19 9.15 -0.49
C LEU C 95 18.57 8.58 -0.72
N GLU C 96 19.28 8.92 -1.79
CA GLU C 96 20.63 8.40 -2.02
C GLU C 96 21.55 8.78 -0.87
N LEU C 97 21.38 9.97 -0.32
CA LEU C 97 22.22 10.44 0.76
C LEU C 97 21.79 10.02 2.15
N GLY C 98 20.78 9.18 2.30
CA GLY C 98 20.43 8.65 3.60
C GLY C 98 19.17 9.21 4.22
N ALA C 99 18.48 10.17 3.62
CA ALA C 99 17.22 10.61 4.23
C ALA C 99 16.17 9.49 4.22
N GLN C 100 15.24 9.65 5.16
CA GLN C 100 14.12 8.74 5.34
C GLN C 100 12.83 9.27 4.75
N PRO C 101 12.19 8.51 3.87
CA PRO C 101 10.98 8.94 3.19
C PRO C 101 9.78 8.94 4.11
N ILE C 102 8.85 9.83 3.84
CA ILE C 102 7.57 9.89 4.53
C ILE C 102 6.38 9.85 3.58
N HIS C 103 5.49 8.87 3.67
CA HIS C 103 4.39 8.78 2.71
C HIS C 103 3.12 9.46 3.20
N ILE C 104 2.59 10.38 2.40
CA ILE C 104 1.39 11.11 2.77
C ILE C 104 0.26 10.76 1.79
N ASP C 105 -0.87 10.32 2.32
CA ASP C 105 -1.99 9.87 1.52
C ASP C 105 -2.72 11.04 0.88
N THR C 106 -3.27 10.80 -0.31
CA THR C 106 -3.97 11.84 -1.03
C THR C 106 -5.23 11.28 -1.70
N GLY C 107 -6.22 12.13 -1.97
CA GLY C 107 -7.43 11.70 -2.65
C GLY C 107 -7.34 11.84 -4.16
N PRO C 108 -8.43 11.49 -4.86
CA PRO C 108 -8.55 11.60 -6.30
C PRO C 108 -8.24 12.96 -6.88
N MET C 109 -7.31 13.01 -7.83
CA MET C 109 -6.86 14.22 -8.47
C MET C 109 -6.07 15.14 -7.55
N GLU C 110 -5.43 14.67 -6.49
CA GLU C 110 -4.59 15.57 -5.69
C GLU C 110 -3.13 15.32 -6.04
N LEU C 111 -2.20 16.19 -5.69
CA LEU C 111 -0.79 15.97 -5.98
C LEU C 111 -0.12 14.98 -5.06
N ASN C 112 0.91 14.28 -5.56
CA ASN C 112 1.65 13.35 -4.70
C ASN C 112 2.89 14.02 -4.12
N LEU C 113 2.75 14.89 -3.13
CA LEU C 113 3.86 15.63 -2.54
C LEU C 113 4.88 14.79 -1.79
N PRO C 114 6.14 14.83 -2.19
CA PRO C 114 7.20 14.06 -1.55
C PRO C 114 7.62 14.73 -0.25
N ALA C 115 8.19 13.93 0.63
CA ALA C 115 8.65 14.39 1.92
C ALA C 115 9.66 13.48 2.61
N ILE C 116 10.56 14.08 3.40
CA ILE C 116 11.49 13.27 4.17
C ILE C 116 11.30 13.65 5.64
N LYS C 117 11.80 12.82 6.55
CA LYS C 117 11.71 13.13 7.97
C LYS C 117 12.66 14.25 8.39
N GLY C 118 12.18 15.17 9.21
CA GLY C 118 12.99 16.25 9.72
C GLY C 118 12.93 16.39 11.24
N ILE C 119 13.19 17.60 11.72
CA ILE C 119 13.27 17.90 13.14
C ILE C 119 12.09 17.32 13.92
N GLY C 120 12.42 16.43 14.87
CA GLY C 120 11.43 15.75 15.67
C GLY C 120 10.45 14.87 14.96
N GLY C 121 10.73 14.42 13.72
CA GLY C 121 9.77 13.59 13.00
C GLY C 121 8.89 14.39 12.05
N ALA C 122 8.80 15.71 12.20
CA ALA C 122 8.04 16.56 11.30
C ALA C 122 8.56 16.46 9.87
N PRO C 123 7.66 16.19 8.95
CA PRO C 123 7.99 16.05 7.54
C PRO C 123 8.67 17.29 6.97
N LEU C 124 9.58 17.06 6.05
CA LEU C 124 10.20 18.14 5.27
C LEU C 124 9.78 17.92 3.82
N TYR C 125 8.91 18.72 3.26
CA TYR C 125 8.43 18.57 1.89
C TYR C 125 9.32 19.26 0.86
N LEU C 126 9.44 18.68 -0.31
CA LEU C 126 10.24 19.18 -1.43
C LEU C 126 9.29 19.47 -2.61
N ILE C 127 8.88 20.73 -2.74
CA ILE C 127 7.84 21.16 -3.66
C ILE C 127 8.35 21.93 -4.87
N ASP C 128 8.04 21.53 -6.09
CA ASP C 128 8.60 22.15 -7.29
C ASP C 128 7.52 22.82 -8.13
N ARG C 129 6.33 22.91 -7.56
CA ARG C 129 5.19 23.56 -8.19
C ARG C 129 4.77 24.75 -7.33
N PHE C 130 5.15 25.93 -7.80
CA PHE C 130 4.89 27.17 -7.08
C PHE C 130 4.73 28.30 -8.08
N GLY C 131 4.34 29.43 -7.56
CA GLY C 131 4.20 30.62 -8.37
C GLY C 131 3.10 30.46 -9.41
N GLU C 132 3.34 30.83 -10.65
CA GLU C 132 2.13 30.87 -11.44
C GLU C 132 1.76 29.61 -12.13
N GLY C 133 0.96 29.81 -13.14
CA GLY C 133 0.24 28.68 -13.62
C GLY C 133 -0.47 28.24 -12.33
N SER C 134 -0.48 26.96 -12.05
CA SER C 134 -1.19 26.44 -10.86
C SER C 134 -0.25 25.95 -9.74
N SER C 135 -0.28 26.66 -8.62
CA SER C 135 0.43 26.23 -7.42
C SER C 135 -0.24 24.98 -6.85
N ILE C 136 0.32 24.41 -5.77
CA ILE C 136 -0.31 23.24 -5.17
C ILE C 136 -1.70 23.57 -4.63
N TYR C 137 -1.91 24.80 -4.15
CA TYR C 137 -3.17 25.25 -3.57
C TYR C 137 -4.28 25.27 -4.62
N ASP C 138 -3.96 25.64 -5.86
CA ASP C 138 -4.93 25.61 -6.95
C ASP C 138 -5.42 24.19 -7.20
N ILE C 139 -4.55 23.20 -7.10
CA ILE C 139 -4.93 21.81 -7.35
C ILE C 139 -5.50 21.14 -6.11
N ASP C 140 -4.84 21.23 -4.95
CA ASP C 140 -5.34 20.46 -3.80
C ASP C 140 -6.45 21.15 -3.02
N PHE C 141 -6.59 22.46 -3.12
CA PHE C 141 -7.53 23.17 -2.24
C PHE C 141 -8.70 23.75 -3.02
N VAL C 142 -9.72 24.25 -2.32
CA VAL C 142 -10.83 24.96 -2.97
C VAL C 142 -11.00 26.34 -2.35
N TYR C 143 -10.70 27.42 -3.06
CA TYR C 143 -10.74 28.75 -2.46
C TYR C 143 -12.11 29.12 -1.94
N LEU C 144 -12.19 29.82 -0.83
CA LEU C 144 -13.50 30.19 -0.29
C LEU C 144 -14.19 31.19 -1.25
N GLU C 145 -15.50 31.03 -1.35
CA GLU C 145 -16.35 31.85 -2.20
C GLU C 145 -16.25 33.34 -1.88
N GLY C 146 -15.76 34.14 -2.82
CA GLY C 146 -15.57 35.55 -2.63
C GLY C 146 -14.38 36.08 -1.87
N VAL C 147 -13.67 35.34 -1.04
CA VAL C 147 -12.55 35.89 -0.27
C VAL C 147 -11.42 36.40 -1.14
N GLU C 148 -10.70 37.41 -0.66
CA GLU C 148 -9.48 37.87 -1.35
C GLU C 148 -8.46 36.75 -1.19
N ARG C 149 -7.89 36.30 -2.29
CA ARG C 149 -6.97 35.17 -2.31
C ARG C 149 -5.54 35.53 -1.99
N ASN C 150 -5.14 36.80 -2.02
CA ASN C 150 -3.82 37.25 -1.59
C ASN C 150 -3.89 38.42 -0.61
N PRO C 151 -4.38 38.20 0.62
CA PRO C 151 -4.44 39.24 1.63
C PRO C 151 -3.09 39.76 2.10
N VAL C 152 -3.03 41.04 2.42
CA VAL C 152 -1.84 41.74 2.90
C VAL C 152 -1.69 41.63 4.40
N GLY C 153 -2.78 41.54 5.15
CA GLY C 153 -2.71 41.44 6.60
C GLY C 153 -1.96 42.62 7.23
N ALA C 154 -0.96 42.30 8.07
CA ALA C 154 -0.26 43.35 8.81
C ALA C 154 1.11 43.60 8.21
N GLY C 155 1.24 43.22 6.91
CA GLY C 155 2.48 43.41 6.19
C GLY C 155 3.53 42.35 6.28
N LEU C 156 3.29 41.19 6.90
CA LEU C 156 4.38 40.17 6.91
C LEU C 156 4.49 39.64 5.48
N LYS C 157 5.69 39.59 4.91
CA LYS C 157 5.88 39.21 3.52
C LYS C 157 6.20 37.75 3.27
N VAL C 158 7.34 37.27 3.81
CA VAL C 158 7.85 35.93 3.62
C VAL C 158 8.38 35.39 4.96
N ILE C 159 8.59 34.08 5.02
CA ILE C 159 9.24 33.48 6.18
C ILE C 159 10.73 33.78 6.17
N ASP C 160 11.25 34.49 7.17
CA ASP C 160 12.65 34.89 7.14
C ASP C 160 13.62 33.81 7.61
N HIS C 161 13.26 33.17 8.71
CA HIS C 161 14.06 32.11 9.30
C HIS C 161 13.26 31.43 10.42
N LEU C 162 13.76 30.27 10.83
CA LEU C 162 13.04 29.57 11.91
C LEU C 162 14.12 28.84 12.71
N THR C 163 13.90 28.54 13.99
CA THR C 163 14.96 27.92 14.77
C THR C 163 14.68 26.45 15.09
N HIS C 164 15.74 25.74 15.49
CA HIS C 164 15.57 24.40 16.04
C HIS C 164 16.22 24.40 17.43
N ASN C 165 15.46 24.08 18.48
CA ASN C 165 16.02 23.89 19.82
C ASN C 165 16.35 22.39 19.94
N VAL C 166 17.59 22.06 20.27
CA VAL C 166 18.08 20.70 20.24
C VAL C 166 18.74 20.30 21.55
N TYR C 167 18.70 19.00 21.88
CA TYR C 167 19.36 18.44 23.04
C TYR C 167 20.88 18.63 22.99
N ARG C 168 21.50 18.64 24.17
CA ARG C 168 22.94 18.80 24.29
C ARG C 168 23.68 17.77 23.45
N GLY C 169 24.59 18.20 22.61
CA GLY C 169 25.31 17.29 21.72
C GLY C 169 24.68 17.16 20.34
N ARG C 170 23.49 17.66 20.06
CA ARG C 170 22.81 17.54 18.80
C ARG C 170 22.83 18.75 17.90
N MET C 171 23.54 19.79 18.27
CA MET C 171 23.78 20.93 17.38
C MET C 171 24.60 20.45 16.17
N VAL C 172 25.62 19.65 16.45
CA VAL C 172 26.44 19.00 15.43
C VAL C 172 25.62 18.05 14.55
N TYR C 173 24.76 17.23 15.15
CA TYR C 173 23.87 16.37 14.39
C TYR C 173 22.98 17.13 13.42
N TRP C 174 22.34 18.23 13.85
CA TRP C 174 21.45 18.96 12.94
C TRP C 174 22.22 19.82 11.94
N ALA C 175 23.46 20.19 12.26
CA ALA C 175 24.31 20.91 11.33
C ALA C 175 24.72 19.99 10.17
N ASN C 176 25.01 18.73 10.51
CA ASN C 176 25.40 17.75 9.53
C ASN C 176 24.25 17.37 8.59
N PHE C 177 23.05 17.30 9.18
CA PHE C 177 21.85 16.98 8.42
C PHE C 177 21.65 17.97 7.29
N TYR C 178 21.71 19.25 7.63
CA TYR C 178 21.56 20.30 6.62
C TYR C 178 22.79 20.55 5.78
N GLU C 179 23.99 20.26 6.26
CA GLU C 179 25.20 20.33 5.44
C GLU C 179 25.26 19.26 4.37
N LYS C 180 25.15 18.00 4.77
CA LYS C 180 25.17 16.87 3.85
C LYS C 180 24.02 16.81 2.86
N LEU C 181 22.77 17.05 3.24
CA LEU C 181 21.65 16.91 2.32
C LEU C 181 21.42 18.12 1.44
N PHE C 182 21.66 19.30 2.02
CA PHE C 182 21.31 20.52 1.28
C PHE C 182 22.46 21.49 1.10
N ASN C 183 23.62 21.18 1.63
CA ASN C 183 24.80 22.03 1.55
C ASN C 183 24.68 23.34 2.31
N PHE C 184 23.97 23.35 3.44
CA PHE C 184 23.87 24.54 4.27
C PHE C 184 25.28 24.78 4.84
N ARG C 185 25.57 25.98 5.36
CA ARG C 185 26.89 26.20 5.94
C ARG C 185 26.77 27.00 7.23
N GLU C 186 27.72 26.82 8.14
CA GLU C 186 27.68 27.52 9.42
C GLU C 186 28.10 28.97 9.24
N ALA C 187 27.13 29.89 9.15
CA ALA C 187 27.50 31.26 8.82
C ALA C 187 28.07 31.95 10.05
N ARG C 188 27.68 31.48 11.24
CA ARG C 188 28.15 32.12 12.46
C ARG C 188 27.92 31.23 13.67
N TYR C 189 28.73 31.48 14.71
CA TYR C 189 28.62 30.81 15.98
C TYR C 189 28.43 31.74 17.16
N PHE C 190 27.43 31.55 18.02
CA PHE C 190 27.19 32.43 19.15
C PHE C 190 27.32 31.64 20.46
N ASP C 191 27.76 32.34 21.49
CA ASP C 191 27.87 31.90 22.86
C ASP C 191 27.22 32.97 23.76
N ILE C 192 25.96 32.78 24.12
CA ILE C 192 25.22 33.84 24.79
C ILE C 192 25.13 33.58 26.28
N LYS C 193 25.42 34.60 27.09
CA LYS C 193 25.32 34.46 28.54
C LYS C 193 24.33 35.42 29.17
N GLY C 194 23.44 34.90 30.02
CA GLY C 194 22.51 35.80 30.72
C GLY C 194 23.12 36.13 32.08
N GLU C 195 22.27 36.37 33.08
CA GLU C 195 22.73 36.65 34.43
C GLU C 195 23.04 35.34 35.11
N TYR C 196 22.21 34.31 34.99
CA TYR C 196 22.40 33.05 35.68
C TYR C 196 22.67 31.88 34.75
N THR C 197 22.24 31.94 33.50
CA THR C 197 22.29 30.81 32.57
C THR C 197 22.94 31.26 31.25
N GLY C 198 22.92 30.39 30.24
CA GLY C 198 23.44 30.70 28.93
C GLY C 198 23.14 29.66 27.85
N LEU C 199 23.54 29.98 26.60
CA LEU C 199 23.29 29.06 25.50
C LEU C 199 24.40 29.16 24.48
N THR C 200 24.34 28.23 23.53
CA THR C 200 25.24 28.24 22.38
C THR C 200 24.42 28.04 21.11
N SER C 201 24.85 28.62 19.99
CA SER C 201 24.09 28.50 18.76
C SER C 201 24.91 28.57 17.48
N LYS C 202 24.44 27.86 16.45
CA LYS C 202 25.05 27.94 15.14
C LYS C 202 23.99 28.38 14.12
N ALA C 203 24.29 29.51 13.48
CA ALA C 203 23.37 30.04 12.47
C ALA C 203 23.69 29.33 11.17
N MET C 204 22.82 28.41 10.75
CA MET C 204 23.05 27.72 9.49
C MET C 204 22.38 28.43 8.31
N SER C 205 23.10 28.65 7.21
CA SER C 205 22.47 29.21 6.02
C SER C 205 22.45 28.26 4.82
N ALA C 206 21.34 28.30 4.11
CA ALA C 206 21.19 27.47 2.92
C ALA C 206 21.90 28.20 1.78
N PRO C 207 22.30 27.49 0.73
CA PRO C 207 22.95 28.11 -0.40
C PRO C 207 22.07 29.04 -1.22
N ASP C 208 20.74 29.10 -1.07
CA ASP C 208 19.87 29.98 -1.82
C ASP C 208 19.83 31.38 -1.24
N GLY C 209 20.49 31.59 -0.10
CA GLY C 209 20.50 32.84 0.64
C GLY C 209 19.14 33.26 1.17
N MET C 210 18.20 32.35 1.35
CA MET C 210 16.87 32.63 1.84
C MET C 210 16.58 31.81 3.11
N ILE C 211 16.73 30.49 3.03
CA ILE C 211 16.47 29.64 4.19
C ILE C 211 17.61 29.83 5.19
N ARG C 212 17.26 30.11 6.45
CA ARG C 212 18.22 30.24 7.52
C ARG C 212 17.71 29.55 8.78
N ILE C 213 18.55 28.73 9.42
CA ILE C 213 18.08 27.99 10.58
C ILE C 213 19.11 28.01 11.70
N PRO C 214 18.91 28.86 12.69
CA PRO C 214 19.74 28.86 13.89
C PRO C 214 19.41 27.64 14.74
N LEU C 215 20.46 26.93 15.16
CA LEU C 215 20.35 25.74 15.97
C LEU C 215 20.79 26.00 17.40
N ASN C 216 19.90 25.89 18.37
CA ASN C 216 20.20 26.28 19.75
C ASN C 216 20.30 25.10 20.70
N GLU C 217 21.28 25.14 21.60
CA GLU C 217 21.41 24.14 22.66
C GLU C 217 21.88 24.78 23.96
N GLU C 218 21.36 24.25 25.06
CA GLU C 218 21.65 24.73 26.41
C GLU C 218 23.13 24.81 26.72
N SER C 219 23.55 25.62 27.70
CA SER C 219 24.95 25.62 28.11
C SER C 219 25.22 24.50 29.12
N SER C 220 26.49 24.36 29.48
CA SER C 220 26.99 23.43 30.47
C SER C 220 26.30 23.55 31.84
N LYS C 221 25.99 24.77 32.24
CA LYS C 221 25.29 25.11 33.46
C LYS C 221 23.93 24.43 33.60
N GLY C 222 23.14 24.49 32.52
CA GLY C 222 21.79 23.95 32.55
C GLY C 222 20.84 24.96 33.20
N ALA C 223 19.59 24.56 33.37
CA ALA C 223 18.57 25.39 33.98
C ALA C 223 18.04 26.55 33.15
N GLY C 224 18.52 26.76 31.94
CA GLY C 224 18.10 27.81 31.04
C GLY C 224 16.88 27.54 30.16
N GLN C 225 16.64 28.49 29.25
CA GLN C 225 15.46 28.53 28.40
C GLN C 225 15.38 27.45 27.35
N ILE C 226 16.53 26.94 26.89
CA ILE C 226 16.55 25.87 25.88
C ILE C 226 16.08 24.54 26.46
N GLU C 227 16.56 24.25 27.66
CA GLU C 227 16.13 23.09 28.44
C GLU C 227 14.68 23.20 28.83
N GLU C 228 14.20 24.37 29.25
CA GLU C 228 12.79 24.51 29.55
C GLU C 228 12.01 24.26 28.25
N PHE C 229 12.43 24.80 27.10
CA PHE C 229 11.65 24.52 25.89
C PHE C 229 11.48 23.02 25.65
N LEU C 230 12.63 22.33 25.67
CA LEU C 230 12.64 20.89 25.43
C LEU C 230 11.67 20.15 26.34
N MET C 231 11.65 20.42 27.63
CA MET C 231 10.64 19.78 28.48
C MET C 231 9.23 20.18 28.05
N GLN C 232 8.93 21.46 27.87
CA GLN C 232 7.58 21.92 27.58
C GLN C 232 7.03 21.50 26.24
N PHE C 233 7.87 21.30 25.24
CA PHE C 233 7.48 20.86 23.91
C PHE C 233 7.53 19.34 23.76
N ASN C 234 8.14 18.67 24.74
CA ASN C 234 8.21 17.22 24.72
C ASN C 234 9.07 16.74 23.56
N GLY C 235 10.25 17.33 23.38
CA GLY C 235 11.17 16.91 22.34
C GLY C 235 11.81 18.08 21.60
N GLU C 236 12.63 17.76 20.59
CA GLU C 236 13.19 18.81 19.74
C GLU C 236 12.09 19.36 18.82
N GLY C 237 12.21 20.63 18.45
CA GLY C 237 11.21 21.25 17.60
C GLY C 237 11.56 22.69 17.26
N ILE C 238 10.65 23.28 16.47
CA ILE C 238 10.86 24.67 16.02
C ILE C 238 10.41 25.58 17.15
N GLN C 239 11.37 26.32 17.70
CA GLN C 239 11.13 27.17 18.86
C GLN C 239 10.54 28.52 18.49
N HIS C 240 10.99 29.14 17.40
CA HIS C 240 10.34 30.36 16.93
C HIS C 240 10.43 30.51 15.42
N VAL C 241 9.35 31.05 14.85
CA VAL C 241 9.32 31.33 13.43
C VAL C 241 9.35 32.85 13.20
N ALA C 242 10.13 33.32 12.26
CA ALA C 242 10.34 34.74 12.01
C ALA C 242 9.77 35.18 10.66
N PHE C 243 8.97 36.23 10.66
CA PHE C 243 8.38 36.76 9.44
C PHE C 243 8.99 38.12 9.08
N LEU C 244 9.37 38.26 7.81
CA LEU C 244 10.01 39.49 7.34
C LEU C 244 8.93 40.54 7.03
N THR C 245 9.28 41.79 7.31
CA THR C 245 8.38 42.89 7.01
C THR C 245 9.26 44.03 6.47
N ASP C 246 8.65 44.89 5.64
CA ASP C 246 9.47 45.98 5.11
C ASP C 246 9.47 47.16 6.07
N ASP C 247 8.58 47.14 7.07
CA ASP C 247 8.50 48.24 8.02
C ASP C 247 7.96 47.78 9.37
N LEU C 248 8.90 47.59 10.30
CA LEU C 248 8.54 47.02 11.59
C LEU C 248 7.65 47.90 12.43
N VAL C 249 7.90 49.22 12.49
CA VAL C 249 7.05 50.04 13.39
C VAL C 249 5.62 49.97 12.89
N LYS C 250 5.41 50.10 11.60
CA LYS C 250 4.07 50.00 10.99
C LYS C 250 3.38 48.67 11.20
N THR C 251 4.13 47.59 10.98
CA THR C 251 3.65 46.24 11.31
C THR C 251 3.36 46.14 12.80
N TRP C 252 4.23 46.67 13.66
CA TRP C 252 3.98 46.66 15.11
C TRP C 252 2.59 47.27 15.32
N ASP C 253 2.39 48.50 14.82
CA ASP C 253 1.08 49.13 15.06
C ASP C 253 -0.08 48.26 14.61
N ALA C 254 -0.01 47.68 13.42
CA ALA C 254 -1.06 46.81 12.91
C ALA C 254 -1.28 45.53 13.70
N LEU C 255 -0.21 44.90 14.20
CA LEU C 255 -0.41 43.71 15.04
C LEU C 255 -1.02 44.09 16.38
N LYS C 256 -0.58 45.22 16.98
CA LYS C 256 -1.14 45.62 18.27
C LYS C 256 -2.64 45.79 18.15
N LYS C 257 -3.12 46.45 17.09
CA LYS C 257 -4.54 46.69 16.91
C LYS C 257 -5.40 45.44 16.99
N ILE C 258 -4.89 44.35 16.43
CA ILE C 258 -5.63 43.09 16.38
C ILE C 258 -5.28 42.11 17.48
N GLY C 259 -4.60 42.45 18.57
CA GLY C 259 -4.48 41.47 19.63
C GLY C 259 -3.13 40.85 19.91
N MET C 260 -2.08 41.22 19.19
CA MET C 260 -0.74 40.70 19.47
C MET C 260 -0.24 41.17 20.83
N ARG C 261 0.51 40.24 21.38
CA ARG C 261 1.03 40.34 22.75
C ARG C 261 2.54 40.22 22.62
N PHE C 262 3.35 41.26 22.76
CA PHE C 262 4.80 41.18 22.61
C PHE C 262 5.50 40.91 23.95
N MET C 263 6.80 40.67 23.91
CA MET C 263 7.60 40.47 25.11
C MET C 263 7.85 41.80 25.84
N THR C 264 8.18 41.68 27.13
CA THR C 264 8.51 42.83 27.95
C THR C 264 9.72 43.54 27.34
N ALA C 265 9.65 44.86 27.22
CA ALA C 265 10.75 45.61 26.61
C ALA C 265 11.98 45.69 27.51
N PRO C 266 13.12 46.00 26.90
CA PRO C 266 14.35 46.21 27.64
C PRO C 266 14.21 47.47 28.48
N PRO C 267 15.05 47.63 29.49
CA PRO C 267 15.06 48.82 30.33
C PRO C 267 15.55 50.02 29.54
N ASP C 268 15.38 51.22 30.07
CA ASP C 268 15.78 52.46 29.42
C ASP C 268 17.27 52.56 29.14
N THR C 269 18.08 52.00 30.02
CA THR C 269 19.52 51.92 29.86
C THR C 269 19.89 51.49 28.45
N TYR C 270 19.34 50.37 27.97
CA TYR C 270 19.57 49.81 26.65
C TYR C 270 19.49 50.87 25.56
N TYR C 271 18.39 51.63 25.48
CA TYR C 271 18.22 52.68 24.49
C TYR C 271 19.18 53.84 24.65
N GLU C 272 19.68 54.09 25.86
CA GLU C 272 20.67 55.14 26.09
C GLU C 272 22.03 54.78 25.52
N MET C 273 22.37 53.50 25.51
CA MET C 273 23.66 53.03 25.01
C MET C 273 23.68 52.74 23.52
N LEU C 274 22.59 52.87 22.80
CA LEU C 274 22.55 52.56 21.38
C LEU C 274 23.57 53.37 20.60
N GLU C 275 23.59 54.70 20.76
CA GLU C 275 24.51 55.54 20.00
C GLU C 275 25.99 55.25 20.26
N GLY C 276 26.34 54.89 21.49
CA GLY C 276 27.71 54.48 21.79
C GLY C 276 28.07 53.23 20.98
N ARG C 277 27.19 52.24 20.95
CA ARG C 277 27.41 50.98 20.27
C ARG C 277 27.30 51.00 18.75
N LEU C 278 26.40 51.83 18.22
CA LEU C 278 26.17 51.90 16.78
C LEU C 278 26.16 53.38 16.39
N PRO C 279 27.33 54.01 16.42
CA PRO C 279 27.47 55.38 15.97
C PRO C 279 26.81 55.58 14.61
N ASP C 280 26.04 56.66 14.49
CA ASP C 280 25.36 57.00 13.25
C ASP C 280 24.35 55.98 12.78
N HIS C 281 23.67 55.21 13.64
CA HIS C 281 22.69 54.25 13.10
C HIS C 281 21.65 54.97 12.26
N GLY C 282 21.10 56.08 12.74
CA GLY C 282 20.13 56.85 11.97
C GLY C 282 18.68 56.56 12.33
N GLU C 283 18.40 55.50 13.07
CA GLU C 283 17.04 55.12 13.40
C GLU C 283 16.45 56.05 14.44
N PRO C 284 15.12 56.12 14.47
CA PRO C 284 14.39 56.89 15.44
C PRO C 284 14.32 56.14 16.74
N VAL C 285 15.29 56.39 17.63
CA VAL C 285 15.29 55.80 18.96
C VAL C 285 13.96 55.96 19.69
N ASP C 286 13.34 57.13 19.61
CA ASP C 286 12.05 57.35 20.27
C ASP C 286 11.01 56.32 19.84
N GLN C 287 10.93 56.00 18.54
CA GLN C 287 9.94 55.03 18.08
C GLN C 287 10.26 53.57 18.40
N LEU C 288 11.55 53.24 18.48
CA LEU C 288 11.96 51.91 18.89
C LEU C 288 11.69 51.68 20.37
N GLN C 289 12.18 52.60 21.20
CA GLN C 289 12.03 52.50 22.65
C GLN C 289 10.58 52.50 23.08
N ALA C 290 9.66 53.13 22.36
CA ALA C 290 8.25 53.12 22.75
C ALA C 290 7.59 51.78 22.49
N ARG C 291 8.13 51.05 21.53
CA ARG C 291 7.61 49.77 21.11
C ARG C 291 8.38 48.57 21.65
N GLY C 292 9.58 48.85 22.13
CA GLY C 292 10.44 47.82 22.71
C GLY C 292 11.21 47.09 21.60
N ILE C 293 11.41 47.78 20.48
CA ILE C 293 12.11 47.13 19.38
C ILE C 293 13.61 47.06 19.65
N LEU C 294 14.26 45.95 19.28
CA LEU C 294 15.70 45.81 19.43
C LEU C 294 16.48 46.21 18.17
N LEU C 295 17.62 46.87 18.31
CA LEU C 295 18.39 47.35 17.18
C LEU C 295 19.82 46.82 17.25
N ASP C 296 20.38 46.36 16.15
CA ASP C 296 21.75 45.81 16.21
C ASP C 296 22.31 45.85 14.80
N GLY C 297 23.56 45.37 14.68
CA GLY C 297 24.18 45.28 13.36
C GLY C 297 25.57 45.88 13.46
N SER C 298 26.02 46.58 12.43
CA SER C 298 27.34 47.19 12.44
C SER C 298 27.28 48.60 11.86
N SER C 299 28.35 49.31 12.25
CA SER C 299 28.68 50.64 11.73
C SER C 299 30.19 50.65 11.48
N VAL C 300 30.56 50.22 10.27
CA VAL C 300 31.95 50.15 9.87
C VAL C 300 32.22 51.19 8.78
N GLU C 301 32.96 52.21 9.19
CA GLU C 301 33.37 53.33 8.36
C GLU C 301 32.33 53.67 7.30
N GLY C 302 31.23 54.28 7.74
CA GLY C 302 30.15 54.71 6.88
C GLY C 302 29.13 53.66 6.53
N ASP C 303 29.54 52.40 6.39
CA ASP C 303 28.70 51.30 5.98
C ASP C 303 27.82 50.77 7.09
N LYS C 304 26.54 51.11 7.11
CA LYS C 304 25.72 50.67 7.96
C LYS C 304 24.82 49.49 7.63
N ARG C 305 24.97 48.36 8.31
CA ARG C 305 24.10 47.19 8.07
C ARG C 305 23.33 46.98 9.36
N LEU C 306 22.03 47.18 9.34
CA LEU C 306 21.21 47.07 10.56
C LEU C 306 20.25 45.89 10.57
N LEU C 307 19.71 45.62 11.76
CA LEU C 307 18.75 44.54 11.99
C LEU C 307 17.75 44.93 13.07
N LEU C 308 16.46 45.08 12.78
CA LEU C 308 15.49 45.39 13.83
C LEU C 308 14.71 44.10 14.12
N GLN C 309 14.48 43.74 15.38
CA GLN C 309 13.76 42.53 15.72
C GLN C 309 12.79 42.74 16.87
N ILE C 310 11.65 42.06 16.84
CA ILE C 310 10.77 42.08 17.99
C ILE C 310 10.08 40.72 18.09
N PHE C 311 9.88 40.28 19.34
CA PHE C 311 9.33 38.97 19.63
C PHE C 311 8.00 38.97 20.35
N SER C 312 7.15 38.02 19.98
CA SER C 312 5.84 37.83 20.63
C SER C 312 6.00 37.00 21.90
N GLU C 313 4.98 36.99 22.77
CA GLU C 313 5.13 36.15 23.97
C GLU C 313 4.93 34.72 23.44
N THR C 314 5.18 33.70 24.24
CA THR C 314 4.88 32.36 23.75
C THR C 314 3.38 32.33 23.47
N LEU C 315 2.98 31.81 22.33
CA LEU C 315 1.61 31.70 21.88
C LEU C 315 1.12 30.27 21.58
N MET C 316 2.02 29.34 21.28
CA MET C 316 1.61 27.94 21.08
C MET C 316 2.53 27.03 21.93
N GLY C 317 1.99 26.57 23.06
CA GLY C 317 2.92 25.98 24.04
C GLY C 317 4.08 26.99 24.16
N PRO C 318 5.29 26.49 24.06
CA PRO C 318 6.50 27.26 24.25
C PRO C 318 7.01 27.99 23.03
N VAL C 319 6.32 27.80 21.91
CA VAL C 319 6.74 28.36 20.64
C VAL C 319 6.31 29.83 20.54
N PHE C 320 7.25 30.68 20.15
CA PHE C 320 6.97 32.10 20.00
C PHE C 320 7.26 32.53 18.56
N PHE C 321 6.91 33.76 18.18
CA PHE C 321 7.07 34.26 16.83
C PHE C 321 7.90 35.54 16.87
N GLU C 322 8.42 35.97 15.73
CA GLU C 322 9.32 37.08 15.58
C GLU C 322 8.99 37.83 14.29
N PHE C 323 9.01 39.18 14.43
CA PHE C 323 8.72 40.06 13.30
C PHE C 323 9.99 40.84 13.04
N ILE C 324 10.63 40.66 11.89
CA ILE C 324 11.96 41.22 11.66
C ILE C 324 12.03 42.07 10.40
N GLN C 325 12.87 43.10 10.42
CA GLN C 325 13.09 43.98 9.29
C GLN C 325 14.61 44.12 9.14
N ARG C 326 15.09 43.79 7.95
CA ARG C 326 16.53 43.86 7.71
C ARG C 326 16.82 45.17 6.99
N LYS C 327 17.89 45.85 7.37
CA LYS C 327 18.32 47.04 6.67
C LYS C 327 19.81 46.90 6.30
N GLY C 328 20.14 46.09 5.31
CA GLY C 328 21.54 45.89 4.94
C GLY C 328 22.21 44.74 5.66
N ASP C 329 21.61 44.13 6.70
CA ASP C 329 22.27 43.01 7.37
C ASP C 329 21.53 41.69 7.10
N ASP C 330 22.21 40.75 6.44
CA ASP C 330 21.60 39.47 6.06
C ASP C 330 21.79 38.35 7.08
N GLY C 331 22.52 38.65 8.14
CA GLY C 331 22.80 37.74 9.22
C GLY C 331 21.97 37.98 10.48
N PHE C 332 22.63 37.64 11.59
CA PHE C 332 22.02 37.74 12.91
C PHE C 332 22.90 38.61 13.79
N GLY C 333 22.38 39.11 14.90
CA GLY C 333 23.16 40.00 15.73
C GLY C 333 23.22 39.51 17.17
N GLU C 334 24.45 39.58 17.71
CA GLU C 334 24.73 39.18 19.06
C GLU C 334 24.09 40.00 20.18
N GLY C 335 23.92 41.31 20.01
CA GLY C 335 23.25 42.08 21.04
C GLY C 335 21.76 41.72 21.12
N ASN C 336 21.11 41.64 19.96
CA ASN C 336 19.68 41.28 19.95
C ASN C 336 19.53 39.93 20.62
N PHE C 337 20.36 38.97 20.19
CA PHE C 337 20.34 37.63 20.76
C PHE C 337 20.42 37.65 22.28
N LYS C 338 21.37 38.40 22.81
CA LYS C 338 21.54 38.63 24.24
C LYS C 338 20.35 39.32 24.88
N ALA C 339 19.78 40.32 24.23
CA ALA C 339 18.59 40.97 24.79
C ALA C 339 17.45 39.98 24.89
N LEU C 340 17.23 39.27 23.77
CA LEU C 340 16.15 38.27 23.71
C LEU C 340 16.34 37.26 24.85
N PHE C 341 17.59 36.78 24.94
CA PHE C 341 17.96 35.85 25.98
C PHE C 341 17.77 36.35 27.41
N GLU C 342 18.14 37.60 27.73
CA GLU C 342 17.91 38.16 29.05
C GLU C 342 16.42 38.34 29.35
N SER C 343 15.63 38.63 28.32
CA SER C 343 14.20 38.84 28.46
C SER C 343 13.50 37.57 28.93
N ILE C 344 13.83 36.49 28.21
CA ILE C 344 13.28 35.16 28.51
C ILE C 344 13.79 34.61 29.83
N GLU C 345 15.03 34.94 30.19
CA GLU C 345 15.57 34.57 31.49
C GLU C 345 14.88 35.33 32.63
N ARG C 346 14.54 36.59 32.49
CA ARG C 346 13.80 37.29 33.54
C ARG C 346 12.44 36.64 33.72
N ASP C 347 11.78 36.23 32.64
CA ASP C 347 10.49 35.59 32.73
C ASP C 347 10.52 34.26 33.48
N GLN C 348 11.64 33.56 33.39
CA GLN C 348 11.88 32.34 34.13
C GLN C 348 12.07 32.58 35.64
N VAL C 349 12.70 33.70 35.98
CA VAL C 349 12.76 34.09 37.38
C VAL C 349 11.36 34.48 37.86
N ARG C 350 10.60 35.21 37.05
CA ARG C 350 9.28 35.73 37.39
C ARG C 350 8.36 34.57 37.74
N ARG C 351 8.43 33.57 36.86
CA ARG C 351 7.64 32.36 36.98
C ARG C 351 8.09 31.38 38.04
N GLY C 352 9.23 31.61 38.68
CA GLY C 352 9.70 30.82 39.78
C GLY C 352 10.45 29.58 39.35
N VAL C 353 10.72 29.44 38.04
CA VAL C 353 11.43 28.25 37.61
C VAL C 353 12.94 28.42 37.67
N LEU C 354 13.49 29.63 37.81
CA LEU C 354 14.96 29.71 37.87
C LEU C 354 15.49 30.47 39.07
N ALA C 355 16.38 29.78 39.77
CA ALA C 355 17.02 30.09 41.02
C ALA C 355 16.03 30.50 42.11
N THR C 356 15.91 31.70 42.38
N TYR D 4 -32.04 14.43 -20.93
CA TYR D 4 -31.79 13.17 -20.16
C TYR D 4 -30.95 13.46 -18.93
N GLU D 5 -31.33 12.89 -17.79
CA GLU D 5 -30.61 13.15 -16.54
C GLU D 5 -29.17 12.68 -16.70
N ASN D 6 -28.23 13.32 -16.03
CA ASN D 6 -26.80 13.00 -16.07
C ASN D 6 -26.19 13.01 -14.69
N PRO D 7 -26.46 11.99 -13.89
CA PRO D 7 -26.00 11.88 -12.51
C PRO D 7 -24.51 11.91 -12.28
N MET D 8 -23.73 11.46 -13.27
CA MET D 8 -22.28 11.45 -13.14
C MET D 8 -21.64 12.73 -13.66
N GLY D 9 -22.47 13.59 -14.23
CA GLY D 9 -21.99 14.90 -14.69
C GLY D 9 -21.00 14.77 -15.84
N LEU D 10 -21.33 13.81 -16.69
CA LEU D 10 -20.50 13.42 -17.83
C LEU D 10 -20.33 14.57 -18.83
N MET D 11 -19.10 14.91 -19.23
CA MET D 11 -18.95 16.02 -20.19
C MET D 11 -18.04 15.62 -21.35
N GLY D 12 -18.21 14.43 -21.91
CA GLY D 12 -17.48 13.95 -23.07
C GLY D 12 -16.28 13.02 -22.84
N PHE D 13 -15.58 12.60 -23.89
CA PHE D 13 -14.40 11.77 -23.77
C PHE D 13 -13.18 12.59 -23.33
N GLU D 14 -12.29 12.04 -22.51
CA GLU D 14 -11.10 12.85 -22.16
C GLU D 14 -9.88 12.36 -22.92
N PHE D 15 -9.57 11.06 -22.88
CA PHE D 15 -8.44 10.52 -23.62
C PHE D 15 -8.67 9.03 -23.86
N ILE D 16 -7.93 8.45 -24.79
CA ILE D 16 -7.93 7.01 -25.03
C ILE D 16 -6.51 6.54 -24.77
N GLU D 17 -6.28 5.35 -24.23
CA GLU D 17 -4.92 4.87 -23.93
C GLU D 17 -4.61 3.58 -24.69
N PHE D 18 -3.37 3.44 -25.15
CA PHE D 18 -2.94 2.35 -26.00
C PHE D 18 -1.67 1.67 -25.49
N ALA D 19 -1.56 0.35 -25.70
CA ALA D 19 -0.30 -0.34 -25.39
C ALA D 19 -0.11 -1.49 -26.37
N SER D 20 1.13 -1.93 -26.45
CA SER D 20 1.53 -3.01 -27.34
C SER D 20 2.67 -3.81 -26.70
N PRO D 21 2.76 -5.09 -27.03
CA PRO D 21 3.85 -5.91 -26.53
C PRO D 21 5.13 -5.70 -27.34
N THR D 22 5.01 -5.25 -28.59
CA THR D 22 6.11 -5.04 -29.50
C THR D 22 6.35 -3.54 -29.61
N PRO D 23 7.58 -3.13 -29.32
CA PRO D 23 7.97 -1.74 -29.39
C PRO D 23 7.93 -1.24 -30.82
N GLY D 24 7.66 0.06 -31.02
CA GLY D 24 7.57 0.64 -32.34
C GLY D 24 6.41 0.14 -33.18
N THR D 25 5.30 -0.38 -32.65
CA THR D 25 4.17 -0.74 -33.49
C THR D 25 3.09 0.33 -33.45
N LEU D 26 2.95 1.10 -32.39
CA LEU D 26 1.93 2.15 -32.32
C LEU D 26 2.30 3.52 -32.82
N GLU D 27 3.60 3.86 -32.72
CA GLU D 27 4.09 5.15 -33.19
C GLU D 27 3.78 5.45 -34.66
N PRO D 28 4.06 4.53 -35.57
CA PRO D 28 3.71 4.68 -36.96
C PRO D 28 2.20 4.78 -37.19
N ILE D 29 1.41 4.02 -36.43
CA ILE D 29 -0.04 4.06 -36.63
C ILE D 29 -0.59 5.44 -36.34
N PHE D 30 -0.09 6.05 -35.26
CA PHE D 30 -0.54 7.38 -34.88
C PHE D 30 -0.13 8.42 -35.91
N GLU D 31 1.07 8.24 -36.45
CA GLU D 31 1.63 9.13 -37.46
C GLU D 31 0.94 9.09 -38.81
N ILE D 32 0.38 7.96 -39.18
CA ILE D 32 -0.40 7.76 -40.40
C ILE D 32 -1.79 8.34 -40.26
N MET D 33 -2.27 8.48 -39.02
CA MET D 33 -3.58 8.99 -38.72
C MET D 33 -3.59 10.48 -38.39
N GLY D 34 -2.43 11.10 -38.49
CA GLY D 34 -2.26 12.53 -38.40
C GLY D 34 -1.94 13.06 -37.02
N PHE D 35 -1.58 12.17 -36.11
CA PHE D 35 -1.28 12.56 -34.75
C PHE D 35 0.19 12.91 -34.59
N THR D 36 0.48 13.76 -33.60
CA THR D 36 1.82 14.22 -33.33
C THR D 36 2.22 14.07 -31.87
N LYS D 37 3.44 13.64 -31.60
CA LYS D 37 3.92 13.43 -30.25
C LYS D 37 4.27 14.76 -29.59
N VAL D 38 3.67 15.10 -28.47
CA VAL D 38 3.82 16.48 -27.96
C VAL D 38 4.46 16.60 -26.61
N ALA D 39 4.48 15.54 -25.82
CA ALA D 39 5.02 15.57 -24.47
C ALA D 39 5.34 14.15 -24.01
N THR D 40 6.19 14.03 -23.00
CA THR D 40 6.59 12.78 -22.38
C THR D 40 6.36 12.80 -20.87
N HIS D 41 5.77 11.73 -20.32
CA HIS D 41 5.36 11.75 -18.91
C HIS D 41 6.51 12.16 -18.03
N ARG D 42 6.33 12.75 -16.84
CA ARG D 42 7.52 13.12 -16.08
C ARG D 42 8.23 11.98 -15.36
N SER D 43 7.60 10.81 -15.15
CA SER D 43 8.39 9.77 -14.49
C SER D 43 8.21 8.42 -15.14
N LYS D 44 7.13 8.20 -15.88
CA LYS D 44 6.92 6.89 -16.50
C LYS D 44 7.43 6.91 -17.93
N ASN D 45 7.33 5.76 -18.58
CA ASN D 45 7.63 5.71 -20.02
C ASN D 45 6.28 5.79 -20.75
N VAL D 46 5.62 6.94 -20.69
CA VAL D 46 4.36 7.15 -21.37
C VAL D 46 4.43 8.45 -22.15
N HIS D 47 3.87 8.52 -23.36
CA HIS D 47 3.94 9.64 -24.26
C HIS D 47 2.57 10.13 -24.72
N LEU D 48 2.49 11.45 -24.93
CA LEU D 48 1.25 12.08 -25.36
C LEU D 48 1.22 12.36 -26.85
N TYR D 49 0.18 11.96 -27.55
CA TYR D 49 -0.02 12.20 -28.96
C TYR D 49 -1.30 13.03 -29.10
N ARG D 50 -1.25 14.01 -30.02
CA ARG D 50 -2.42 14.88 -30.13
C ARG D 50 -2.73 15.32 -31.55
N GLN D 51 -4.01 15.60 -31.77
CA GLN D 51 -4.59 16.09 -32.99
C GLN D 51 -5.92 16.77 -32.64
N GLY D 52 -6.02 18.08 -32.88
CA GLY D 52 -7.31 18.76 -32.53
C GLY D 52 -7.49 18.66 -31.02
N GLU D 53 -8.62 18.25 -30.50
CA GLU D 53 -8.79 18.11 -29.06
C GLU D 53 -8.57 16.66 -28.65
N ILE D 54 -8.15 15.82 -29.60
CA ILE D 54 -7.94 14.41 -29.33
C ILE D 54 -6.66 14.11 -28.60
N ASN D 55 -6.70 13.49 -27.42
CA ASN D 55 -5.46 13.12 -26.73
C ASN D 55 -5.41 11.58 -26.67
N LEU D 56 -4.32 11.08 -27.21
CA LEU D 56 -4.11 9.63 -27.29
C LEU D 56 -2.84 9.32 -26.50
N ILE D 57 -2.95 8.52 -25.47
CA ILE D 57 -1.78 8.23 -24.66
C ILE D 57 -1.15 6.89 -25.05
N LEU D 58 0.17 6.97 -25.24
CA LEU D 58 0.94 5.77 -25.55
C LEU D 58 1.62 5.26 -24.28
N ASN D 59 1.15 4.12 -23.79
CA ASN D 59 1.72 3.64 -22.54
C ASN D 59 2.69 2.49 -22.71
N ASN D 60 3.96 2.78 -22.55
CA ASN D 60 5.01 1.76 -22.67
C ASN D 60 5.68 1.53 -21.31
N GLU D 61 4.91 1.66 -20.25
CA GLU D 61 5.48 1.45 -18.92
C GLU D 61 5.49 -0.03 -18.56
N PRO D 62 6.67 -0.47 -18.18
CA PRO D 62 6.93 -1.84 -17.83
C PRO D 62 6.35 -2.22 -16.48
N ASN D 63 5.99 -3.48 -16.37
CA ASN D 63 5.38 -4.08 -15.21
C ASN D 63 4.26 -3.27 -14.57
N SER D 64 3.23 -3.12 -15.40
CA SER D 64 2.03 -2.40 -15.06
C SER D 64 0.78 -3.07 -15.64
N ILE D 65 -0.34 -2.45 -15.35
CA ILE D 65 -1.62 -2.85 -15.90
C ILE D 65 -1.56 -2.90 -17.43
N ALA D 66 -1.04 -1.86 -18.04
CA ALA D 66 -0.91 -1.70 -19.47
C ALA D 66 -0.03 -2.78 -20.12
N SER D 67 1.08 -3.12 -19.46
CA SER D 67 1.97 -4.12 -20.03
C SER D 67 1.44 -5.54 -19.87
N TYR D 68 0.58 -5.83 -18.90
CA TYR D 68 -0.09 -7.12 -18.84
C TYR D 68 -1.27 -7.17 -19.81
N PHE D 69 -1.94 -6.03 -19.99
CA PHE D 69 -3.09 -6.00 -20.89
C PHE D 69 -2.62 -6.22 -22.31
N ALA D 70 -1.51 -5.60 -22.69
CA ALA D 70 -0.94 -5.76 -24.01
C ALA D 70 -0.36 -7.13 -24.34
N ALA D 71 0.08 -7.85 -23.31
CA ALA D 71 0.63 -9.19 -23.50
C ALA D 71 -0.51 -10.14 -23.83
N GLU D 72 -1.70 -9.86 -23.30
CA GLU D 72 -2.88 -10.63 -23.63
C GLU D 72 -3.58 -10.24 -24.92
N HIS D 73 -3.75 -8.98 -25.23
CA HIS D 73 -4.51 -8.60 -26.42
C HIS D 73 -3.72 -8.13 -27.63
N GLY D 74 -2.41 -7.91 -27.53
CA GLY D 74 -1.64 -7.36 -28.65
C GLY D 74 -1.83 -5.85 -28.70
N PRO D 75 -1.43 -5.18 -29.78
CA PRO D 75 -1.65 -3.75 -29.92
C PRO D 75 -3.13 -3.43 -29.73
N SER D 76 -3.43 -2.55 -28.78
CA SER D 76 -4.85 -2.31 -28.48
C SER D 76 -5.18 -1.06 -27.69
N VAL D 77 -6.49 -0.83 -27.51
CA VAL D 77 -6.91 0.25 -26.62
C VAL D 77 -6.94 -0.32 -25.20
N CYS D 78 -6.05 0.12 -24.33
CA CYS D 78 -6.01 -0.41 -22.97
C CYS D 78 -6.64 0.47 -21.90
N GLY D 79 -7.06 1.69 -22.22
CA GLY D 79 -7.63 2.61 -21.24
C GLY D 79 -8.56 3.61 -21.91
N MET D 80 -9.52 4.12 -21.16
CA MET D 80 -10.51 5.07 -21.69
C MET D 80 -10.87 6.01 -20.55
N ALA D 81 -10.90 7.29 -20.78
CA ALA D 81 -11.17 8.28 -19.74
C ALA D 81 -12.33 9.18 -20.12
N PHE D 82 -13.34 9.27 -19.28
CA PHE D 82 -14.44 10.21 -19.52
C PHE D 82 -14.19 11.49 -18.74
N ARG D 83 -14.72 12.60 -19.20
CA ARG D 83 -14.68 13.85 -18.46
C ARG D 83 -15.86 13.93 -17.50
N VAL D 84 -15.66 14.37 -16.27
CA VAL D 84 -16.80 14.52 -15.36
C VAL D 84 -16.68 15.88 -14.70
N LYS D 85 -17.73 16.38 -14.07
CA LYS D 85 -17.66 17.63 -13.31
C LYS D 85 -16.87 17.45 -12.03
N ASP D 86 -17.14 16.40 -11.26
CA ASP D 86 -16.47 16.22 -9.98
C ASP D 86 -16.03 14.77 -9.91
N SER D 87 -14.71 14.54 -9.91
CA SER D 87 -14.25 13.15 -9.79
C SER D 87 -14.54 12.56 -8.42
N GLN D 88 -14.44 13.29 -7.30
CA GLN D 88 -14.75 12.65 -6.02
C GLN D 88 -16.19 12.12 -6.06
N LYS D 89 -17.13 13.01 -6.37
CA LYS D 89 -18.54 12.61 -6.38
C LYS D 89 -18.82 11.46 -7.34
N ALA D 90 -18.31 11.56 -8.56
CA ALA D 90 -18.54 10.51 -9.54
C ALA D 90 -17.89 9.18 -9.18
N TYR D 91 -16.65 9.21 -8.71
CA TYR D 91 -15.98 8.00 -8.24
C TYR D 91 -16.72 7.36 -7.07
N ASN D 92 -17.14 8.14 -6.05
CA ASN D 92 -17.89 7.60 -4.92
C ASN D 92 -19.20 6.96 -5.37
N ARG D 93 -19.95 7.61 -6.23
CA ARG D 93 -21.23 7.15 -6.78
C ARG D 93 -21.11 5.82 -7.51
N ALA D 94 -20.00 5.69 -8.26
CA ALA D 94 -19.75 4.45 -8.99
C ALA D 94 -19.33 3.31 -8.05
N LEU D 95 -18.67 3.59 -6.94
CA LEU D 95 -18.36 2.49 -6.02
C LEU D 95 -19.66 2.13 -5.29
N GLU D 96 -20.54 3.08 -4.98
CA GLU D 96 -21.77 2.75 -4.27
C GLU D 96 -22.66 1.85 -5.11
N LEU D 97 -22.60 2.05 -6.43
CA LEU D 97 -23.41 1.30 -7.37
C LEU D 97 -22.76 0.01 -7.86
N GLY D 98 -21.65 -0.42 -7.29
CA GLY D 98 -21.12 -1.71 -7.64
C GLY D 98 -19.87 -1.69 -8.49
N ALA D 99 -19.39 -0.55 -8.97
CA ALA D 99 -18.18 -0.63 -9.80
C ALA D 99 -16.97 -1.01 -8.95
N GLN D 100 -16.02 -1.60 -9.66
CA GLN D 100 -14.77 -2.06 -9.09
C GLN D 100 -13.65 -1.05 -9.30
N PRO D 101 -13.01 -0.62 -8.22
CA PRO D 101 -11.92 0.33 -8.27
C PRO D 101 -10.64 -0.26 -8.85
N ILE D 102 -9.86 0.57 -9.52
CA ILE D 102 -8.55 0.23 -10.04
C ILE D 102 -7.51 1.24 -9.57
N HIS D 103 -6.48 0.84 -8.85
CA HIS D 103 -5.47 1.77 -8.39
C HIS D 103 -4.30 1.93 -9.34
N ILE D 104 -3.96 3.18 -9.64
CA ILE D 104 -2.84 3.43 -10.55
C ILE D 104 -1.73 4.18 -9.83
N ASP D 105 -0.51 3.67 -9.86
CA ASP D 105 0.61 4.24 -9.14
C ASP D 105 1.09 5.54 -9.76
N THR D 106 1.54 6.51 -8.95
CA THR D 106 1.99 7.79 -9.45
C THR D 106 3.26 8.25 -8.73
N GLY D 107 4.04 9.13 -9.33
CA GLY D 107 5.29 9.62 -8.76
C GLY D 107 5.07 10.96 -8.06
N PRO D 108 6.13 11.52 -7.48
CA PRO D 108 6.09 12.76 -6.76
C PRO D 108 5.53 13.92 -7.54
N MET D 109 4.49 14.57 -7.02
CA MET D 109 3.83 15.70 -7.63
C MET D 109 3.02 15.33 -8.86
N GLU D 110 2.51 14.11 -8.95
CA GLU D 110 1.60 13.70 -10.02
C GLU D 110 0.17 13.58 -9.52
N LEU D 111 -0.80 13.65 -10.41
CA LEU D 111 -2.20 13.56 -9.97
C LEU D 111 -2.61 12.16 -9.57
N ASN D 112 -3.49 12.04 -8.59
CA ASN D 112 -4.08 10.74 -8.24
C ASN D 112 -5.36 10.50 -9.05
N LEU D 113 -5.25 10.08 -10.30
CA LEU D 113 -6.38 9.76 -11.17
C LEU D 113 -7.20 8.54 -10.79
N PRO D 114 -8.49 8.70 -10.52
CA PRO D 114 -9.38 7.59 -10.15
C PRO D 114 -9.87 6.86 -11.39
N ALA D 115 -10.06 5.56 -11.28
CA ALA D 115 -10.55 4.73 -12.37
C ALA D 115 -11.30 3.50 -11.88
N ILE D 116 -12.19 2.97 -12.74
CA ILE D 116 -12.93 1.76 -12.39
C ILE D 116 -12.68 0.74 -13.50
N LYS D 117 -13.05 -0.52 -13.32
CA LYS D 117 -12.85 -1.53 -14.36
C LYS D 117 -13.90 -1.46 -15.46
N GLY D 118 -13.48 -1.44 -16.71
CA GLY D 118 -14.40 -1.41 -17.85
C GLY D 118 -14.21 -2.62 -18.76
N ILE D 119 -14.63 -2.50 -20.00
CA ILE D 119 -14.55 -3.52 -21.03
C ILE D 119 -13.22 -4.24 -21.10
N GLY D 120 -13.25 -5.54 -20.85
CA GLY D 120 -12.14 -6.46 -20.78
C GLY D 120 -11.13 -6.22 -19.68
N GLY D 121 -11.45 -5.43 -18.64
CA GLY D 121 -10.46 -5.08 -17.65
C GLY D 121 -9.85 -3.70 -17.88
N ALA D 122 -9.88 -3.16 -19.10
CA ALA D 122 -9.33 -1.83 -19.33
C ALA D 122 -9.98 -0.78 -18.41
N PRO D 123 -9.14 -0.04 -17.71
CA PRO D 123 -9.58 1.03 -16.84
C PRO D 123 -10.47 2.05 -17.52
N LEU D 124 -11.39 2.61 -16.73
CA LEU D 124 -12.26 3.71 -17.14
C LEU D 124 -11.98 4.82 -16.14
N TYR D 125 -11.34 5.88 -16.61
CA TYR D 125 -10.94 6.99 -15.77
C TYR D 125 -12.01 8.08 -15.70
N LEU D 126 -12.09 8.74 -14.57
CA LEU D 126 -13.07 9.80 -14.31
C LEU D 126 -12.26 11.04 -13.95
N ILE D 127 -12.04 11.89 -14.95
CA ILE D 127 -11.21 13.09 -14.84
C ILE D 127 -11.96 14.42 -14.83
N ASP D 128 -11.77 15.24 -13.80
CA ASP D 128 -12.52 16.48 -13.65
C ASP D 128 -11.62 17.70 -13.84
N ARG D 129 -10.39 17.48 -14.26
CA ARG D 129 -9.42 18.52 -14.53
C ARG D 129 -9.09 18.52 -16.02
N PHE D 130 -9.68 19.48 -16.73
CA PHE D 130 -9.52 19.59 -18.17
C PHE D 130 -9.59 21.07 -18.53
N GLY D 131 -9.46 21.35 -19.80
CA GLY D 131 -9.57 22.72 -20.26
C GLY D 131 -8.45 23.57 -19.69
N GLU D 132 -8.69 24.81 -19.34
CA GLU D 132 -7.48 25.52 -19.05
C GLU D 132 -7.02 25.53 -17.64
N GLY D 133 -6.64 26.67 -17.18
CA GLY D 133 -5.87 26.57 -16.01
C GLY D 133 -4.97 25.39 -16.44
N SER D 134 -4.71 24.46 -15.55
CA SER D 134 -3.85 23.32 -15.90
C SER D 134 -4.62 22.01 -16.06
N SER D 135 -4.48 21.43 -17.25
CA SER D 135 -5.05 20.12 -17.54
C SER D 135 -4.20 19.06 -16.85
N ILE D 136 -4.56 17.78 -16.94
CA ILE D 136 -3.70 16.74 -16.35
C ILE D 136 -2.34 16.68 -17.05
N TYR D 137 -2.26 17.01 -18.33
CA TYR D 137 -1.03 16.98 -19.10
C TYR D 137 -0.05 18.06 -18.68
N ASP D 138 -0.56 19.20 -18.20
CA ASP D 138 0.28 20.25 -17.66
C ASP D 138 0.95 19.78 -16.37
N ILE D 139 0.28 18.94 -15.58
CA ILE D 139 0.84 18.52 -14.31
C ILE D 139 1.66 17.25 -14.45
N ASP D 140 1.11 16.25 -15.17
CA ASP D 140 1.78 14.95 -15.21
C ASP D 140 2.82 14.78 -16.29
N PHE D 141 2.84 15.68 -17.26
CA PHE D 141 3.73 15.45 -18.41
C PHE D 141 4.69 16.62 -18.57
N VAL D 142 5.71 16.49 -19.41
CA VAL D 142 6.64 17.58 -19.69
C VAL D 142 6.70 17.86 -21.21
N TYR D 143 6.07 18.90 -21.71
CA TYR D 143 6.03 19.20 -23.13
C TYR D 143 7.37 19.19 -23.82
N LEU D 144 7.46 18.64 -25.04
CA LEU D 144 8.75 18.61 -25.73
C LEU D 144 9.18 20.04 -26.10
N GLU D 145 10.47 20.28 -25.93
CA GLU D 145 11.12 21.55 -26.24
C GLU D 145 10.86 22.09 -27.64
N GLY D 146 10.05 23.13 -27.75
CA GLY D 146 9.77 23.75 -29.03
C GLY D 146 8.59 23.25 -29.85
N VAL D 147 8.06 22.06 -29.61
CA VAL D 147 6.96 21.52 -30.40
C VAL D 147 5.70 22.36 -30.28
N GLU D 148 4.87 22.36 -31.31
CA GLU D 148 3.53 22.93 -31.24
C GLU D 148 2.74 22.04 -30.28
N ARG D 149 2.17 22.64 -29.25
CA ARG D 149 1.40 21.91 -28.26
C ARG D 149 0.01 21.58 -28.72
N ASN D 150 -0.54 22.30 -29.69
CA ASN D 150 -1.88 21.98 -30.20
C ASN D 150 -1.86 21.83 -31.72
N PRO D 151 -1.39 20.69 -32.22
CA PRO D 151 -1.35 20.41 -33.65
C PRO D 151 -2.70 20.10 -34.29
N VAL D 152 -2.81 20.48 -35.55
CA VAL D 152 -4.01 20.33 -36.36
C VAL D 152 -4.05 19.01 -37.13
N GLY D 153 -2.85 18.48 -37.41
CA GLY D 153 -2.80 17.22 -38.16
C GLY D 153 -3.70 17.26 -39.40
N ALA D 154 -4.45 16.20 -39.66
CA ALA D 154 -5.35 16.03 -40.78
C ALA D 154 -6.77 16.47 -40.52
N GLY D 155 -7.01 17.30 -39.51
CA GLY D 155 -8.32 17.80 -39.16
C GLY D 155 -9.16 17.04 -38.17
N LEU D 156 -8.70 15.94 -37.59
CA LEU D 156 -9.58 15.17 -36.67
C LEU D 156 -9.83 16.01 -35.42
N LYS D 157 -11.08 16.25 -35.05
CA LYS D 157 -11.37 17.20 -33.98
C LYS D 157 -11.49 16.59 -32.58
N VAL D 158 -12.43 15.67 -32.40
CA VAL D 158 -12.71 15.01 -31.15
C VAL D 158 -12.98 13.51 -31.39
N ILE D 159 -13.04 12.72 -30.33
CA ILE D 159 -13.48 11.33 -30.47
C ILE D 159 -15.00 11.31 -30.60
N ASP D 160 -15.57 10.73 -31.64
CA ASP D 160 -17.02 10.74 -31.88
C ASP D 160 -17.70 9.65 -31.06
N HIS D 161 -17.24 8.44 -31.35
CA HIS D 161 -17.72 7.26 -30.65
C HIS D 161 -16.67 6.16 -30.70
N LEU D 162 -16.97 5.03 -30.09
CA LEU D 162 -16.08 3.86 -30.11
C LEU D 162 -16.96 2.65 -29.82
N THR D 163 -16.66 1.47 -30.34
CA THR D 163 -17.52 0.31 -30.14
C THR D 163 -17.00 -0.68 -29.11
N HIS D 164 -17.85 -1.61 -28.74
CA HIS D 164 -17.43 -2.73 -27.90
C HIS D 164 -17.93 -3.99 -28.63
N ASN D 165 -17.02 -4.90 -28.97
CA ASN D 165 -17.47 -6.18 -29.55
C ASN D 165 -17.59 -7.11 -28.34
N VAL D 166 -18.77 -7.72 -28.17
CA VAL D 166 -19.01 -8.54 -27.00
C VAL D 166 -19.45 -9.97 -27.36
N TYR D 167 -19.15 -10.93 -26.46
CA TYR D 167 -19.63 -12.29 -26.61
C TYR D 167 -21.16 -12.40 -26.62
N ARG D 168 -21.68 -13.45 -27.23
CA ARG D 168 -23.10 -13.76 -27.31
C ARG D 168 -23.82 -13.79 -25.95
N GLY D 169 -24.79 -12.88 -25.84
CA GLY D 169 -25.54 -12.68 -24.61
C GLY D 169 -24.97 -11.53 -23.79
N ARG D 170 -23.83 -10.93 -24.16
CA ARG D 170 -23.29 -9.86 -23.32
C ARG D 170 -23.65 -8.44 -23.69
N MET D 171 -24.47 -8.27 -24.72
CA MET D 171 -24.96 -6.98 -25.17
C MET D 171 -25.84 -6.38 -24.07
N VAL D 172 -26.65 -7.24 -23.48
CA VAL D 172 -27.46 -6.90 -22.31
C VAL D 172 -26.59 -6.52 -21.12
N TYR D 173 -25.55 -7.28 -20.82
CA TYR D 173 -24.60 -7.00 -19.77
C TYR D 173 -23.98 -5.62 -19.85
N TRP D 174 -23.39 -5.29 -21.00
CA TRP D 174 -22.72 -4.01 -21.22
C TRP D 174 -23.70 -2.85 -21.34
N ALA D 175 -24.93 -3.15 -21.80
CA ALA D 175 -26.01 -2.18 -21.80
C ALA D 175 -26.42 -1.74 -20.38
N ASN D 176 -26.61 -2.73 -19.53
CA ASN D 176 -26.87 -2.48 -18.12
C ASN D 176 -25.71 -1.77 -17.42
N PHE D 177 -24.46 -2.11 -17.73
CA PHE D 177 -23.32 -1.44 -17.09
C PHE D 177 -23.43 0.07 -17.29
N TYR D 178 -23.65 0.47 -18.54
CA TYR D 178 -23.69 1.89 -18.86
C TYR D 178 -25.00 2.55 -18.48
N GLU D 179 -26.09 1.81 -18.44
CA GLU D 179 -27.38 2.30 -17.97
C GLU D 179 -27.40 2.60 -16.47
N LYS D 180 -26.94 1.59 -15.71
CA LYS D 180 -26.90 1.72 -14.27
C LYS D 180 -25.92 2.75 -13.77
N LEU D 181 -24.65 2.70 -14.16
CA LEU D 181 -23.65 3.61 -13.63
C LEU D 181 -23.72 5.04 -14.14
N PHE D 182 -24.00 5.19 -15.44
CA PHE D 182 -23.93 6.48 -16.09
C PHE D 182 -25.22 6.95 -16.74
N ASN D 183 -26.24 6.12 -16.73
CA ASN D 183 -27.55 6.46 -17.26
C ASN D 183 -27.57 6.60 -18.77
N PHE D 184 -26.76 5.79 -19.47
CA PHE D 184 -26.80 5.79 -20.93
C PHE D 184 -28.17 5.23 -21.31
N ARG D 185 -28.60 5.39 -22.56
CA ARG D 185 -29.87 4.78 -22.98
C ARG D 185 -29.74 4.13 -24.34
N GLU D 186 -30.49 3.06 -24.62
CA GLU D 186 -30.40 2.43 -25.94
C GLU D 186 -31.08 3.27 -27.03
N ALA D 187 -30.36 4.15 -27.71
CA ALA D 187 -30.99 5.03 -28.69
C ALA D 187 -31.47 4.26 -29.91
N ARG D 188 -30.85 3.13 -30.26
CA ARG D 188 -31.31 2.40 -31.44
C ARG D 188 -30.83 0.96 -31.45
N TYR D 189 -31.50 0.10 -32.20
CA TYR D 189 -31.19 -1.30 -32.31
C TYR D 189 -31.10 -1.76 -33.76
N PHE D 190 -30.00 -2.38 -34.15
CA PHE D 190 -29.80 -2.83 -35.53
C PHE D 190 -29.70 -4.35 -35.60
N ASP D 191 -30.12 -4.86 -36.75
CA ASP D 191 -30.01 -6.28 -37.07
C ASP D 191 -29.48 -6.36 -38.50
N ILE D 192 -28.16 -6.51 -38.66
CA ILE D 192 -27.50 -6.41 -39.95
C ILE D 192 -27.17 -7.76 -40.57
N LYS D 193 -27.58 -7.97 -41.82
CA LYS D 193 -27.30 -9.22 -42.51
C LYS D 193 -26.44 -9.03 -43.76
N GLY D 194 -25.36 -9.80 -43.85
CA GLY D 194 -24.56 -9.76 -45.08
C GLY D 194 -25.06 -10.87 -46.02
N GLU D 195 -24.15 -11.39 -46.84
CA GLU D 195 -24.51 -12.44 -47.78
C GLU D 195 -24.55 -13.81 -47.14
N TYR D 196 -23.61 -14.10 -46.22
CA TYR D 196 -23.57 -15.38 -45.54
C TYR D 196 -23.72 -15.24 -44.04
N THR D 197 -23.42 -14.08 -43.47
CA THR D 197 -23.39 -13.93 -42.01
C THR D 197 -24.21 -12.74 -41.55
N GLY D 198 -24.24 -12.44 -40.25
CA GLY D 198 -24.96 -11.28 -39.73
C GLY D 198 -24.58 -10.89 -38.31
N LEU D 199 -25.13 -9.76 -37.83
CA LEU D 199 -24.79 -9.29 -36.50
C LEU D 199 -25.99 -8.55 -35.92
N THR D 200 -25.91 -8.21 -34.65
CA THR D 200 -26.93 -7.45 -33.94
C THR D 200 -26.23 -6.37 -33.11
N SER D 201 -26.85 -5.22 -32.87
CA SER D 201 -26.17 -4.13 -32.20
C SER D 201 -27.09 -3.18 -31.46
N LYS D 202 -26.65 -2.63 -30.33
CA LYS D 202 -27.40 -1.61 -29.63
C LYS D 202 -26.53 -0.35 -29.53
N ALA D 203 -27.08 0.72 -30.08
CA ALA D 203 -26.36 1.99 -30.05
C ALA D 203 -26.65 2.63 -28.71
N MET D 204 -25.76 2.58 -27.72
CA MET D 204 -26.01 3.24 -26.45
C MET D 204 -25.55 4.70 -26.47
N SER D 205 -26.36 5.61 -25.93
CA SER D 205 -25.98 7.01 -25.83
C SER D 205 -25.87 7.51 -24.39
N ALA D 206 -24.82 8.24 -24.09
CA ALA D 206 -24.67 8.90 -22.79
C ALA D 206 -25.59 10.10 -22.72
N PRO D 207 -25.99 10.52 -21.53
CA PRO D 207 -26.82 11.70 -21.34
C PRO D 207 -26.17 13.02 -21.72
N ASP D 208 -24.88 13.15 -21.99
CA ASP D 208 -24.21 14.37 -22.39
C ASP D 208 -24.37 14.64 -23.88
N GLY D 209 -24.86 13.64 -24.61
CA GLY D 209 -25.00 13.69 -26.05
C GLY D 209 -23.66 13.76 -26.79
N MET D 210 -22.60 13.26 -26.17
CA MET D 210 -21.26 13.24 -26.72
C MET D 210 -20.74 11.80 -26.75
N ILE D 211 -20.78 11.11 -25.62
CA ILE D 211 -20.30 9.75 -25.57
C ILE D 211 -21.32 8.83 -26.23
N ARG D 212 -20.92 8.01 -27.22
CA ARG D 212 -21.80 7.03 -27.82
C ARG D 212 -21.02 5.72 -28.02
N ILE D 213 -21.62 4.60 -27.64
CA ILE D 213 -20.97 3.31 -27.68
C ILE D 213 -21.88 2.21 -28.24
N PRO D 214 -21.76 1.92 -29.53
CA PRO D 214 -22.46 0.82 -30.17
C PRO D 214 -21.89 -0.50 -29.66
N LEU D 215 -22.75 -1.42 -29.25
CA LEU D 215 -22.38 -2.71 -28.69
C LEU D 215 -22.72 -3.81 -29.70
N ASN D 216 -21.73 -4.58 -30.15
CA ASN D 216 -21.88 -5.53 -31.21
C ASN D 216 -21.74 -6.98 -30.78
N GLU D 217 -22.65 -7.82 -31.27
CA GLU D 217 -22.57 -9.25 -31.00
C GLU D 217 -22.99 -10.05 -32.22
N GLU D 218 -22.28 -11.13 -32.50
CA GLU D 218 -22.48 -12.07 -33.58
C GLU D 218 -23.93 -12.55 -33.69
N SER D 219 -24.38 -12.94 -34.88
CA SER D 219 -25.72 -13.51 -35.01
C SER D 219 -25.72 -14.99 -34.62
N SER D 220 -26.91 -15.57 -34.59
CA SER D 220 -27.17 -16.98 -34.36
C SER D 220 -26.38 -17.92 -35.26
N LYS D 221 -26.25 -17.56 -36.53
CA LYS D 221 -25.50 -18.27 -37.53
C LYS D 221 -24.04 -18.55 -37.19
N GLY D 222 -23.34 -17.55 -36.67
CA GLY D 222 -21.92 -17.71 -36.33
C GLY D 222 -21.08 -17.51 -37.58
N ALA D 223 -19.76 -17.63 -37.40
CA ALA D 223 -18.81 -17.49 -38.48
C ALA D 223 -18.58 -16.08 -39.01
N GLY D 224 -19.14 -15.01 -38.45
CA GLY D 224 -18.97 -13.69 -38.99
C GLY D 224 -17.76 -12.91 -38.49
N GLN D 225 -17.85 -11.59 -38.68
CA GLN D 225 -16.78 -10.68 -38.33
C GLN D 225 -16.69 -10.30 -36.86
N ILE D 226 -17.73 -10.54 -36.06
CA ILE D 226 -17.62 -10.20 -34.63
C ILE D 226 -16.89 -11.31 -33.89
N GLU D 227 -17.29 -12.54 -34.19
CA GLU D 227 -16.61 -13.74 -33.71
C GLU D 227 -15.16 -13.70 -34.15
N GLU D 228 -14.86 -13.32 -35.41
CA GLU D 228 -13.45 -13.24 -35.80
C GLU D 228 -12.71 -12.24 -34.91
N PHE D 229 -13.28 -11.05 -34.68
CA PHE D 229 -12.67 -10.08 -33.78
C PHE D 229 -12.37 -10.65 -32.40
N LEU D 230 -13.35 -11.28 -31.76
CA LEU D 230 -13.17 -11.88 -30.46
C LEU D 230 -12.03 -12.89 -30.40
N MET D 231 -11.88 -13.75 -31.41
CA MET D 231 -10.74 -14.66 -31.38
C MET D 231 -9.43 -13.91 -31.54
N GLN D 232 -9.31 -13.04 -32.53
CA GLN D 232 -8.05 -12.35 -32.82
C GLN D 232 -7.63 -11.37 -31.74
N PHE D 233 -8.58 -10.82 -30.99
CA PHE D 233 -8.28 -9.88 -29.91
C PHE D 233 -8.09 -10.62 -28.59
N ASN D 234 -8.53 -11.89 -28.56
CA ASN D 234 -8.36 -12.67 -27.33
C ASN D 234 -9.32 -12.19 -26.24
N GLY D 235 -10.56 -11.85 -26.58
CA GLY D 235 -11.54 -11.36 -25.62
C GLY D 235 -12.39 -10.19 -26.10
N GLU D 236 -13.23 -9.61 -25.23
CA GLU D 236 -13.97 -8.42 -25.56
C GLU D 236 -13.09 -7.16 -25.54
N GLY D 237 -13.44 -6.17 -26.35
CA GLY D 237 -12.61 -4.96 -26.45
C GLY D 237 -13.21 -3.95 -27.43
N ILE D 238 -12.46 -2.88 -27.58
CA ILE D 238 -12.89 -1.79 -28.46
C ILE D 238 -12.50 -2.14 -29.88
N GLN D 239 -13.47 -2.40 -30.74
CA GLN D 239 -13.21 -2.84 -32.12
C GLN D 239 -12.85 -1.71 -33.08
N HIS D 240 -13.48 -0.54 -32.93
CA HIS D 240 -13.06 0.59 -33.74
C HIS D 240 -13.28 1.90 -32.98
N VAL D 241 -12.44 2.88 -33.20
CA VAL D 241 -12.60 4.21 -32.59
C VAL D 241 -12.90 5.20 -33.71
N ALA D 242 -13.87 6.10 -33.50
CA ALA D 242 -14.26 7.03 -34.56
C ALA D 242 -13.88 8.48 -34.26
N PHE D 243 -13.27 9.19 -35.20
CA PHE D 243 -12.86 10.56 -34.97
C PHE D 243 -13.69 11.50 -35.85
N LEU D 244 -14.23 12.56 -35.23
CA LEU D 244 -15.05 13.50 -35.98
C LEU D 244 -14.17 14.48 -36.75
N THR D 245 -14.64 14.85 -37.93
CA THR D 245 -13.99 15.90 -38.70
C THR D 245 -15.07 16.81 -39.28
N ASP D 246 -14.75 18.05 -39.59
CA ASP D 246 -15.75 18.93 -40.17
C ASP D 246 -15.79 18.79 -41.69
N ASP D 247 -14.80 18.12 -42.25
CA ASP D 247 -14.77 17.95 -43.70
C ASP D 247 -14.07 16.64 -44.06
N LEU D 248 -14.86 15.61 -44.30
CA LEU D 248 -14.31 14.30 -44.62
C LEU D 248 -13.57 14.25 -45.94
N VAL D 249 -14.01 14.91 -47.02
CA VAL D 249 -13.23 14.75 -48.26
C VAL D 249 -11.86 15.38 -48.08
N LYS D 250 -11.77 16.50 -47.38
CA LYS D 250 -10.48 17.15 -47.15
C LYS D 250 -9.59 16.44 -46.14
N THR D 251 -10.21 15.78 -45.16
CA THR D 251 -9.49 14.92 -44.23
C THR D 251 -9.00 13.67 -44.95
N TRP D 252 -9.81 13.11 -45.84
CA TRP D 252 -9.38 11.94 -46.62
C TRP D 252 -8.11 12.35 -47.38
N ASP D 253 -8.17 13.49 -48.08
CA ASP D 253 -7.00 13.85 -48.88
C ASP D 253 -5.73 13.96 -48.04
N ALA D 254 -5.83 14.52 -46.84
CA ALA D 254 -4.63 14.69 -46.03
C ALA D 254 -4.20 13.38 -45.37
N LEU D 255 -5.15 12.47 -45.10
CA LEU D 255 -4.80 11.17 -44.56
C LEU D 255 -4.10 10.33 -45.63
N LYS D 256 -4.59 10.39 -46.85
CA LYS D 256 -3.98 9.68 -47.97
C LYS D 256 -2.51 10.03 -48.13
N LYS D 257 -2.21 11.33 -48.11
CA LYS D 257 -0.87 11.84 -48.30
C LYS D 257 0.14 11.19 -47.37
N ILE D 258 -0.22 11.13 -46.08
CA ILE D 258 0.66 10.57 -45.08
C ILE D 258 0.53 9.08 -44.79
N GLY D 259 -0.11 8.24 -45.58
CA GLY D 259 0.05 6.82 -45.38
C GLY D 259 -1.13 6.01 -44.91
N MET D 260 -2.31 6.60 -44.77
CA MET D 260 -3.52 5.85 -44.42
C MET D 260 -3.99 4.89 -45.50
N ARG D 261 -4.45 3.77 -44.97
CA ARG D 261 -4.91 2.60 -45.72
C ARG D 261 -6.40 2.47 -45.45
N PHE D 262 -7.28 2.76 -46.40
CA PHE D 262 -8.72 2.67 -46.22
C PHE D 262 -9.24 1.33 -46.71
N MET D 263 -10.44 0.94 -46.33
CA MET D 263 -11.05 -0.26 -46.87
C MET D 263 -11.43 -0.12 -48.35
N THR D 264 -11.61 -1.27 -48.98
CA THR D 264 -12.08 -1.39 -50.35
C THR D 264 -13.44 -0.72 -50.46
N ALA D 265 -13.61 0.18 -51.41
CA ALA D 265 -14.90 0.83 -51.62
C ALA D 265 -16.00 -0.10 -52.17
N PRO D 266 -17.23 0.36 -52.00
CA PRO D 266 -18.42 -0.30 -52.51
C PRO D 266 -18.42 -0.31 -54.03
N PRO D 267 -19.17 -1.21 -54.63
CA PRO D 267 -19.28 -1.30 -56.09
C PRO D 267 -20.04 -0.11 -56.65
N ASP D 268 -19.89 0.20 -57.93
CA ASP D 268 -20.57 1.30 -58.59
C ASP D 268 -22.07 1.34 -58.36
N THR D 269 -22.71 0.19 -58.30
CA THR D 269 -24.11 -0.01 -58.03
C THR D 269 -24.62 0.77 -56.84
N TYR D 270 -23.86 0.76 -55.75
CA TYR D 270 -24.18 1.48 -54.53
C TYR D 270 -24.31 2.97 -54.77
N TYR D 271 -23.43 3.62 -55.54
CA TYR D 271 -23.52 5.06 -55.76
C TYR D 271 -24.66 5.38 -56.72
N GLU D 272 -25.02 4.42 -57.57
CA GLU D 272 -26.08 4.62 -58.54
C GLU D 272 -27.45 4.75 -57.88
N MET D 273 -27.59 4.05 -56.76
CA MET D 273 -28.81 3.99 -55.98
C MET D 273 -28.96 5.08 -54.93
N LEU D 274 -27.92 5.87 -54.66
CA LEU D 274 -28.02 6.91 -53.64
C LEU D 274 -29.24 7.81 -53.86
N GLU D 275 -29.49 8.37 -55.04
CA GLU D 275 -30.58 9.32 -55.25
C GLU D 275 -31.96 8.73 -55.04
N GLY D 276 -32.11 7.47 -55.44
CA GLY D 276 -33.35 6.72 -55.17
C GLY D 276 -33.63 6.73 -53.66
N ARG D 277 -32.69 6.30 -52.83
CA ARG D 277 -32.81 6.21 -51.39
C ARG D 277 -32.78 7.51 -50.62
N LEU D 278 -32.03 8.53 -51.07
CA LEU D 278 -31.96 9.79 -50.32
C LEU D 278 -32.20 10.95 -51.27
N PRO D 279 -33.44 11.08 -51.75
CA PRO D 279 -33.82 12.15 -52.65
C PRO D 279 -33.31 13.49 -52.13
N ASP D 280 -32.71 14.28 -53.00
CA ASP D 280 -32.24 15.59 -52.65
C ASP D 280 -31.14 15.62 -51.60
N HIS D 281 -30.29 14.61 -51.48
CA HIS D 281 -29.22 14.69 -50.48
C HIS D 281 -28.36 15.92 -50.71
N GLY D 282 -27.95 16.21 -51.96
CA GLY D 282 -27.16 17.38 -52.24
C GLY D 282 -25.66 17.21 -52.25
N GLU D 283 -25.17 16.04 -51.85
CA GLU D 283 -23.75 15.74 -51.80
C GLU D 283 -23.18 15.40 -53.17
N PRO D 284 -21.95 15.86 -53.40
CA PRO D 284 -21.24 15.56 -54.63
C PRO D 284 -20.90 14.08 -54.71
N VAL D 285 -21.75 13.28 -55.33
CA VAL D 285 -21.56 11.85 -55.54
C VAL D 285 -20.25 11.53 -56.23
N ASP D 286 -19.76 12.38 -57.13
CA ASP D 286 -18.50 12.18 -57.81
C ASP D 286 -17.36 12.10 -56.81
N GLN D 287 -17.38 13.00 -55.83
CA GLN D 287 -16.31 13.06 -54.84
C GLN D 287 -16.34 11.94 -53.82
N LEU D 288 -17.52 11.49 -53.46
CA LEU D 288 -17.71 10.40 -52.53
C LEU D 288 -17.36 9.06 -53.17
N GLN D 289 -17.89 8.78 -54.35
CA GLN D 289 -17.59 7.56 -55.09
C GLN D 289 -16.11 7.43 -55.42
N ALA D 290 -15.35 8.47 -55.72
CA ALA D 290 -13.93 8.33 -56.02
C ALA D 290 -13.09 7.98 -54.79
N ARG D 291 -13.66 8.29 -53.62
CA ARG D 291 -12.98 8.12 -52.35
C ARG D 291 -13.50 6.94 -51.53
N GLY D 292 -14.59 6.37 -52.02
CA GLY D 292 -15.20 5.26 -51.30
C GLY D 292 -15.89 5.71 -50.02
N ILE D 293 -16.41 6.94 -49.97
CA ILE D 293 -17.12 7.40 -48.77
C ILE D 293 -18.57 6.94 -48.76
N LEU D 294 -19.10 6.58 -47.59
CA LEU D 294 -20.45 6.06 -47.42
C LEU D 294 -21.43 7.15 -46.98
N LEU D 295 -22.64 7.18 -47.56
CA LEU D 295 -23.56 8.28 -47.30
C LEU D 295 -24.88 7.73 -46.81
N ASP D 296 -25.39 8.29 -45.72
CA ASP D 296 -26.66 7.77 -45.21
C ASP D 296 -27.38 8.85 -44.42
N GLY D 297 -28.55 8.49 -43.90
CA GLY D 297 -29.32 9.41 -43.07
C GLY D 297 -30.78 9.40 -43.51
N SER D 298 -31.39 10.58 -43.55
CA SER D 298 -32.78 10.65 -44.00
C SER D 298 -33.03 11.88 -44.86
N SER D 299 -34.12 11.80 -45.57
CA SER D 299 -34.68 12.89 -46.35
C SER D 299 -36.20 12.87 -46.12
N VAL D 300 -36.62 13.52 -45.04
CA VAL D 300 -38.04 13.62 -44.68
C VAL D 300 -38.55 15.04 -44.93
N GLU D 301 -39.41 15.11 -45.91
CA GLU D 301 -40.03 16.35 -46.40
C GLU D 301 -39.15 17.58 -46.10
N GLY D 302 -38.11 17.70 -46.93
CA GLY D 302 -37.18 18.85 -46.93
C GLY D 302 -36.03 18.72 -45.92
N ASP D 303 -36.32 18.15 -44.78
CA ASP D 303 -35.36 18.03 -43.66
C ASP D 303 -34.33 16.91 -43.89
N LYS D 304 -33.18 17.19 -44.27
CA LYS D 304 -32.09 16.27 -44.55
C LYS D 304 -31.07 16.25 -43.39
N ARG D 305 -30.97 15.06 -42.82
CA ARG D 305 -30.01 14.78 -41.76
C ARG D 305 -29.07 13.73 -42.32
N LEU D 306 -27.82 14.10 -42.60
CA LEU D 306 -26.90 13.14 -43.22
C LEU D 306 -25.74 12.68 -42.33
N LEU D 307 -25.17 11.55 -42.77
CA LEU D 307 -24.02 10.91 -42.13
C LEU D 307 -22.96 10.52 -43.15
N LEU D 308 -21.72 10.99 -43.08
CA LEU D 308 -20.67 10.56 -44.00
C LEU D 308 -19.66 9.74 -43.22
N GLN D 309 -19.42 8.47 -43.57
CA GLN D 309 -18.44 7.66 -42.87
C GLN D 309 -17.43 6.94 -43.76
N ILE D 310 -16.19 6.80 -43.29
CA ILE D 310 -15.21 5.98 -43.98
C ILE D 310 -14.33 5.25 -42.97
N PHE D 311 -13.96 4.00 -43.27
CA PHE D 311 -13.18 3.16 -42.39
C PHE D 311 -11.80 2.81 -42.92
N SER D 312 -10.86 2.75 -41.97
CA SER D 312 -9.50 2.30 -42.21
C SER D 312 -9.42 0.78 -42.25
N GLU D 313 -8.44 0.17 -42.89
CA GLU D 313 -8.23 -1.27 -42.82
C GLU D 313 -7.88 -1.59 -41.37
N THR D 314 -7.80 -2.85 -40.99
CA THR D 314 -7.36 -3.15 -39.60
C THR D 314 -5.92 -2.72 -39.43
N LEU D 315 -5.57 -1.99 -38.39
CA LEU D 315 -4.24 -1.39 -38.23
C LEU D 315 -3.54 -1.79 -36.93
N MET D 316 -4.29 -2.25 -35.93
CA MET D 316 -3.71 -2.70 -34.67
C MET D 316 -4.41 -4.03 -34.34
N GLY D 317 -3.78 -5.14 -34.72
CA GLY D 317 -4.50 -6.40 -34.58
C GLY D 317 -5.78 -6.18 -35.39
N PRO D 318 -6.91 -6.58 -34.82
CA PRO D 318 -8.20 -6.53 -35.47
C PRO D 318 -8.94 -5.23 -35.19
N VAL D 319 -8.26 -4.27 -34.61
CA VAL D 319 -8.87 -2.96 -34.39
C VAL D 319 -8.66 -2.01 -35.58
N PHE D 320 -9.72 -1.31 -35.97
CA PHE D 320 -9.73 -0.39 -37.09
C PHE D 320 -10.27 0.96 -36.61
N PHE D 321 -10.13 1.97 -37.46
CA PHE D 321 -10.47 3.34 -37.14
C PHE D 321 -11.49 3.91 -38.13
N GLU D 322 -12.21 4.94 -37.71
CA GLU D 322 -13.28 5.53 -38.50
C GLU D 322 -13.13 7.05 -38.51
N PHE D 323 -13.38 7.65 -39.68
CA PHE D 323 -13.33 9.11 -39.84
C PHE D 323 -14.74 9.49 -40.27
N ILE D 324 -15.41 10.30 -39.48
CA ILE D 324 -16.83 10.59 -39.66
C ILE D 324 -17.16 12.07 -39.68
N GLN D 325 -18.13 12.42 -40.52
CA GLN D 325 -18.64 13.78 -40.60
C GLN D 325 -20.16 13.74 -40.46
N ARG D 326 -20.66 14.49 -39.47
CA ARG D 326 -22.12 14.50 -39.28
C ARG D 326 -22.71 15.76 -39.90
N LYS D 327 -23.80 15.57 -40.65
CA LYS D 327 -24.47 16.73 -41.24
C LYS D 327 -25.94 16.74 -40.80
N GLY D 328 -26.14 17.02 -39.51
CA GLY D 328 -27.51 17.08 -38.99
C GLY D 328 -27.98 15.73 -38.47
N ASP D 329 -27.22 14.66 -38.63
CA ASP D 329 -27.62 13.37 -38.05
C ASP D 329 -26.69 13.07 -36.86
N ASP D 330 -27.28 12.91 -35.68
CA ASP D 330 -26.54 12.68 -34.45
C ASP D 330 -26.52 11.20 -34.05
N GLY D 331 -27.09 10.38 -34.91
CA GLY D 331 -27.19 8.95 -34.68
C GLY D 331 -26.31 8.17 -35.65
N PHE D 332 -26.78 6.95 -35.89
CA PHE D 332 -26.08 6.01 -36.76
C PHE D 332 -26.98 5.64 -37.94
N GLY D 333 -26.45 5.11 -39.04
CA GLY D 333 -27.25 4.78 -40.22
C GLY D 333 -27.15 3.31 -40.57
N GLU D 334 -28.30 2.75 -40.95
CA GLU D 334 -28.40 1.31 -41.23
C GLU D 334 -27.83 0.87 -42.57
N GLY D 335 -27.82 1.76 -43.54
CA GLY D 335 -27.22 1.47 -44.84
C GLY D 335 -25.70 1.47 -44.66
N ASN D 336 -25.14 2.49 -43.99
CA ASN D 336 -23.69 2.53 -43.79
C ASN D 336 -23.22 1.29 -43.05
N PHE D 337 -23.96 0.88 -42.03
CA PHE D 337 -23.62 -0.25 -41.18
C PHE D 337 -23.56 -1.51 -42.05
N LYS D 338 -24.56 -1.66 -42.90
CA LYS D 338 -24.65 -2.75 -43.84
C LYS D 338 -23.52 -2.79 -44.86
N ALA D 339 -23.18 -1.65 -45.44
CA ALA D 339 -22.06 -1.56 -46.38
C ALA D 339 -20.75 -1.89 -45.67
N LEU D 340 -20.52 -1.37 -44.48
CA LEU D 340 -19.33 -1.68 -43.70
C LEU D 340 -19.22 -3.19 -43.44
N PHE D 341 -20.37 -3.76 -43.07
CA PHE D 341 -20.50 -5.17 -42.80
C PHE D 341 -20.22 -6.01 -44.05
N GLU D 342 -20.72 -5.58 -45.20
CA GLU D 342 -20.53 -6.34 -46.44
C GLU D 342 -19.07 -6.34 -46.88
N SER D 343 -18.42 -5.20 -46.74
CA SER D 343 -17.02 -5.00 -47.01
C SER D 343 -16.13 -5.91 -46.18
N ILE D 344 -16.37 -5.97 -44.86
CA ILE D 344 -15.59 -6.85 -43.97
C ILE D 344 -15.88 -8.31 -44.26
N GLU D 345 -17.12 -8.63 -44.59
CA GLU D 345 -17.49 -9.99 -44.99
C GLU D 345 -16.75 -10.42 -46.26
N ARG D 346 -16.67 -9.59 -47.29
CA ARG D 346 -15.94 -9.92 -48.50
C ARG D 346 -14.46 -10.17 -48.22
N ASP D 347 -13.86 -9.38 -47.32
CA ASP D 347 -12.47 -9.58 -46.92
C ASP D 347 -12.29 -10.93 -46.24
N GLN D 348 -13.29 -11.39 -45.49
CA GLN D 348 -13.27 -12.71 -44.89
C GLN D 348 -13.20 -13.80 -45.97
N VAL D 349 -14.06 -13.65 -46.99
CA VAL D 349 -14.10 -14.57 -48.11
C VAL D 349 -12.78 -14.55 -48.88
N ARG D 350 -12.21 -13.37 -49.06
CA ARG D 350 -10.93 -13.20 -49.71
C ARG D 350 -9.82 -13.94 -48.97
N ARG D 351 -9.83 -13.85 -47.64
CA ARG D 351 -8.80 -14.42 -46.79
C ARG D 351 -8.94 -15.91 -46.61
N GLY D 352 -10.11 -16.45 -46.96
CA GLY D 352 -10.37 -17.87 -46.90
C GLY D 352 -10.98 -18.34 -45.60
N VAL D 353 -11.28 -17.40 -44.70
CA VAL D 353 -11.86 -17.79 -43.42
C VAL D 353 -13.37 -17.97 -43.46
N LEU D 354 -14.05 -17.56 -44.54
CA LEU D 354 -15.49 -17.74 -44.62
C LEU D 354 -16.01 -18.54 -45.81
N ALA D 355 -16.73 -19.60 -45.47
CA ALA D 355 -17.33 -20.58 -46.36
C ALA D 355 -16.34 -21.01 -47.46
N THR D 356 -16.55 -20.63 -48.62
FE FE2 E . 18.88 -3.76 35.68
HG EMC F . 14.09 -2.99 14.58
C1 EMC F . 12.19 -2.87 13.90
C2 EMC F . 12.15 -3.37 12.53
C ACT G . 18.73 -1.90 37.69
O ACT G . 18.02 -1.57 36.72
OXT ACT G . 19.14 -3.09 37.72
CH3 ACT G . 19.07 -0.88 38.74
FE FE2 H . -15.40 -34.72 -14.88
HG EMC I . -12.52 -15.81 -4.50
C1 EMC I . -10.75 -14.89 -4.17
C2 EMC I . -10.85 -14.05 -2.99
C ACT J . -15.09 -35.46 -17.62
O ACT J . -14.80 -34.26 -17.47
OXT ACT J . -15.55 -36.05 -16.60
CH3 ACT J . -14.92 -36.20 -18.91
FE FE2 K . 15.12 34.72 15.31
HG EMC L . 1.90 17.93 9.73
C1 EMC L . 2.21 16.22 8.67
C2 EMC L . 1.09 16.01 7.76
C ACT M . 17.69 34.75 16.48
O ACT M . 17.40 33.55 16.31
OXT ACT M . 16.90 35.61 16.00
CH3 ACT M . 18.96 35.15 17.22
FE FE2 N . -18.50 3.63 -36.03
HG EMC O . -3.68 1.20 -20.03
C1 EMC O . -3.51 1.49 -18.01
C2 EMC O . -2.33 2.26 -17.70
C ACT P . -20.83 2.19 -36.73
O ACT P . -20.55 1.70 -35.62
OXT ACT P . -20.16 3.12 -37.23
CH3 ACT P . -22.02 1.62 -37.48
#